data_6ECH
#
_entry.id   6ECH
#
_cell.length_a   86.550
_cell.length_b   108.900
_cell.length_c   296.840
_cell.angle_alpha   90.000
_cell.angle_beta   90.000
_cell.angle_gamma   90.000
#
_symmetry.space_group_name_H-M   'P 21 21 21'
#
loop_
_entity.id
_entity.type
_entity.pdbx_description
1 polymer 'Pyruvate kinase PKLR'
2 non-polymer 1,6-di-O-phosphono-beta-D-fructofuranose
3 non-polymer 'MAGNESIUM ION'
4 non-polymer "ADENOSINE-5'-TRIPHOSPHATE"
5 non-polymer 'OXALATE ION'
6 non-polymer 1,2-ETHANEDIOL
7 non-polymer DI(HYDROXYETHYL)ETHER
8 non-polymer 'TETRAETHYLENE GLYCOL'
9 non-polymer 'TRIETHYLENE GLYCOL'
10 non-polymer 'CHLORIDE ION'
11 water water
#
_entity_poly.entity_id   1
_entity_poly.type   'polypeptide(L)'
_entity_poly.pdbx_seq_one_letter_code
;HMEGPAGYLRRA(SEP)VAQLTQELGTAFFQQQQLPAAMADTFLEHLCLLDIDSQPVAARSTSIIATIGPASRSVDRLKE
MIKAGMNIARLNFSHGSHEYHAESIANIREATESFATSPLSYRPVAIALDTKGPEIRTGVLQGGPESEVEIVKGSQVLVT
VDPKFQTRGDAKTVWVDYHNITRVVAVGGRIYIDDGLISLVVQKIGPEGLVTEVEHGGILGSRKGVNLPNTEVDLPGLSE
QDLLDLRFGVQHNVDIIFASFVRKASDVLAVRDALGPEGQNIKIISKIENHEGVKKFDEILEVSDGIMVARGDLGIEIPA
EKVFLAQKMMIGRCNLAGKPVVCATQMLESMITKARPTRAETSDVANAVLDGADCIMLSGETAKGSFPVEAVMMQHAIAR
EAEAAVYHRQLFEELRRAAPLSRDPTEVTAIGAVEASFKCCAAAIIVLTKTGRSAQLLSQYRPRAAVIAVTRSAQAARQV
HLSRGVFPLLYREPPEAIWADDVDRRVQFGIESGKLRGFLRVGDLVIVVTGWRPGSGYTNIMRVLSVSHHHHHH
;
_entity_poly.pdbx_strand_id   A,B,C,D
#
loop_
_chem_comp.id
_chem_comp.type
_chem_comp.name
_chem_comp.formula
ATP non-polymer ADENOSINE-5'-TRIPHOSPHATE 'C10 H16 N5 O13 P3'
CL non-polymer 'CHLORIDE ION' 'Cl -1'
EDO non-polymer 1,2-ETHANEDIOL 'C2 H6 O2'
FBP D-saccharide, beta linking 1,6-di-O-phosphono-beta-D-fructofuranose 'C6 H14 O12 P2'
MG non-polymer 'MAGNESIUM ION' 'Mg 2'
OXL non-polymer 'OXALATE ION' 'C2 O4 -2'
PEG non-polymer DI(HYDROXYETHYL)ETHER 'C4 H10 O3'
PG4 non-polymer 'TETRAETHYLENE GLYCOL' 'C8 H18 O5'
PGE non-polymer 'TRIETHYLENE GLYCOL' 'C6 H14 O4'
#
# COMPACT_ATOMS: atom_id res chain seq x y z
N GLN A 19 16.70 12.05 16.09
CA GLN A 19 16.64 11.45 17.44
C GLN A 19 16.58 12.57 18.50
N GLU A 20 17.73 13.22 18.72
CA GLU A 20 17.93 14.18 19.82
C GLU A 20 18.52 15.47 19.24
N LEU A 21 17.80 16.00 18.25
CA LEU A 21 17.92 17.37 17.80
C LEU A 21 17.08 18.27 18.73
N GLY A 22 16.18 17.66 19.51
CA GLY A 22 15.25 18.32 20.43
C GLY A 22 13.84 17.76 20.28
N THR A 23 13.00 17.89 21.32
CA THR A 23 11.54 17.61 21.21
C THR A 23 10.93 18.57 20.20
N ALA A 24 11.38 19.84 20.26
CA ALA A 24 10.87 20.97 19.48
C ALA A 24 11.03 20.68 17.98
N PHE A 25 12.15 20.04 17.62
CA PHE A 25 12.46 19.76 16.22
C PHE A 25 11.28 19.04 15.56
N PHE A 26 10.77 18.00 16.21
CA PHE A 26 9.79 17.11 15.60
C PHE A 26 8.37 17.67 15.67
N GLN A 27 8.18 18.83 16.31
CA GLN A 27 6.86 19.49 16.28
C GLN A 27 6.84 20.60 15.20
N GLN A 28 7.95 20.86 14.51
CA GLN A 28 8.03 21.92 13.49
C GLN A 28 7.88 21.30 12.09
N GLN A 29 7.74 22.20 11.11
CA GLN A 29 7.66 21.90 9.68
C GLN A 29 6.73 20.72 9.44
N GLN A 30 5.57 20.70 10.12
CA GLN A 30 4.56 19.67 9.93
C GLN A 30 5.17 18.26 10.06
N LEU A 31 6.17 18.04 10.92
CA LEU A 31 6.85 16.70 10.97
C LEU A 31 5.94 15.62 11.56
N PRO A 32 5.03 15.92 12.52
CA PRO A 32 4.04 14.92 12.94
C PRO A 32 3.22 14.44 11.74
N ALA A 33 2.75 15.37 10.92
CA ALA A 33 2.02 14.99 9.71
C ALA A 33 2.93 14.22 8.76
N ALA A 34 4.20 14.60 8.66
CA ALA A 34 5.11 13.87 7.74
C ALA A 34 5.20 12.38 8.13
N MET A 35 5.12 12.06 9.43
CA MET A 35 5.34 10.69 9.96
C MET A 35 4.02 9.90 10.00
N ALA A 36 2.95 10.40 9.39
CA ALA A 36 1.69 9.68 9.34
C ALA A 36 1.85 8.46 8.44
N ASP A 37 1.06 7.42 8.74
CA ASP A 37 1.13 6.16 8.06
C ASP A 37 0.15 6.15 6.89
N THR A 38 -0.89 6.98 6.93
CA THR A 38 -1.85 7.15 5.84
C THR A 38 -1.95 8.64 5.48
N PHE A 39 -2.46 8.91 4.27
CA PHE A 39 -2.73 10.25 3.79
C PHE A 39 -3.74 10.93 4.72
N LEU A 40 -4.81 10.21 5.03
CA LEU A 40 -5.92 10.68 5.85
C LEU A 40 -5.39 11.09 7.23
N GLU A 41 -4.51 10.27 7.79
CA GLU A 41 -3.93 10.56 9.10
C GLU A 41 -3.00 11.79 8.97
N HIS A 42 -2.32 11.87 7.83
CA HIS A 42 -1.45 13.01 7.51
C HIS A 42 -2.26 14.32 7.55
N LEU A 43 -3.42 14.31 6.89
CA LEU A 43 -4.31 15.47 6.88
C LEU A 43 -4.70 15.85 8.30
N CYS A 44 -5.12 14.83 9.06
CA CYS A 44 -5.63 15.08 10.42
C CYS A 44 -4.56 15.69 11.31
N LEU A 45 -3.27 15.50 10.96
CA LEU A 45 -2.17 15.93 11.86
C LEU A 45 -1.58 17.29 11.43
N LEU A 46 -2.07 17.86 10.32
CA LEU A 46 -1.66 19.21 9.93
C LEU A 46 -2.00 20.19 11.06
N ASP A 47 -1.05 21.08 11.34
CA ASP A 47 -1.06 21.95 12.51
C ASP A 47 -0.71 23.40 12.12
N ILE A 48 -1.65 24.32 12.34
CA ILE A 48 -1.43 25.76 12.06
C ILE A 48 -0.31 26.32 12.94
N ASP A 49 -0.02 25.69 14.10
CA ASP A 49 1.03 26.13 15.04
C ASP A 49 2.40 25.48 14.76
N SER A 50 2.50 24.58 13.77
CA SER A 50 3.79 23.99 13.38
C SER A 50 4.47 24.92 12.36
N GLN A 51 5.51 25.65 12.78
CA GLN A 51 6.07 26.73 11.99
C GLN A 51 7.04 26.17 10.96
N PRO A 52 6.96 26.60 9.69
CA PRO A 52 7.84 26.07 8.64
C PRO A 52 9.28 26.50 8.96
N VAL A 53 10.25 25.70 8.51
CA VAL A 53 11.65 25.84 8.91
C VAL A 53 12.54 25.93 7.65
N ALA A 54 12.29 25.05 6.69
CA ALA A 54 13.00 25.03 5.43
C ALA A 54 12.80 26.35 4.69
N ALA A 55 13.79 26.70 3.88
CA ALA A 55 13.66 27.74 2.89
C ALA A 55 12.62 27.31 1.84
N ARG A 56 11.78 28.28 1.46
CA ARG A 56 10.78 28.19 0.44
C ARG A 56 11.44 27.75 -0.87
N SER A 57 10.87 26.72 -1.47
CA SER A 57 11.50 25.95 -2.48
C SER A 57 10.77 26.08 -3.82
N THR A 58 9.48 26.44 -3.82
CA THR A 58 8.74 26.63 -5.08
C THR A 58 9.09 28.03 -5.62
N SER A 59 9.56 28.09 -6.87
CA SER A 59 10.05 29.35 -7.44
C SER A 59 8.85 30.25 -7.84
N ILE A 60 9.03 31.56 -7.70
CA ILE A 60 7.99 32.53 -8.00
C ILE A 60 8.41 33.21 -9.31
N ILE A 61 7.50 33.19 -10.28
CA ILE A 61 7.67 33.88 -11.56
C ILE A 61 6.80 35.14 -11.50
N ALA A 62 7.39 36.32 -11.77
CA ALA A 62 6.59 37.57 -11.79
C ALA A 62 6.69 38.21 -13.17
N THR A 63 5.52 38.51 -13.76
CA THR A 63 5.43 39.16 -15.03
C THR A 63 5.75 40.66 -14.85
N ILE A 64 6.73 41.15 -15.64
CA ILE A 64 7.29 42.47 -15.52
C ILE A 64 6.60 43.38 -16.55
N GLY A 65 5.97 44.44 -16.03
CA GLY A 65 5.29 45.48 -16.81
C GLY A 65 5.27 46.84 -16.08
N PRO A 66 4.34 47.75 -16.45
CA PRO A 66 4.33 49.09 -15.88
C PRO A 66 4.48 49.16 -14.35
N ALA A 67 3.78 48.27 -13.63
CA ALA A 67 3.77 48.28 -12.21
C ALA A 67 5.06 47.69 -11.64
N SER A 68 5.95 47.12 -12.46
CA SER A 68 7.04 46.35 -11.87
C SER A 68 8.37 46.58 -12.59
N ARG A 69 8.50 47.73 -13.28
CA ARG A 69 9.61 47.94 -14.27
C ARG A 69 10.78 48.72 -13.66
N SER A 70 10.49 49.54 -12.66
CA SER A 70 11.52 50.42 -12.09
C SER A 70 12.54 49.57 -11.33
N VAL A 71 13.79 50.03 -11.32
CA VAL A 71 14.88 49.35 -10.65
C VAL A 71 14.59 49.21 -9.15
N ASP A 72 13.95 50.22 -8.57
CA ASP A 72 13.66 50.25 -7.13
C ASP A 72 12.59 49.20 -6.81
N ARG A 73 11.55 49.13 -7.64
CA ARG A 73 10.55 48.15 -7.45
C ARG A 73 11.11 46.73 -7.67
N LEU A 74 11.98 46.54 -8.67
CA LEU A 74 12.52 45.22 -8.93
C LEU A 74 13.39 44.78 -7.75
N LYS A 75 14.12 45.72 -7.16
CA LYS A 75 14.88 45.44 -5.92
C LYS A 75 13.95 44.86 -4.81
N GLU A 76 12.77 45.46 -4.59
N GLU A 76 12.80 45.52 -4.59
CA GLU A 76 11.86 45.00 -3.50
CA GLU A 76 11.77 45.11 -3.59
C GLU A 76 11.17 43.68 -3.89
C GLU A 76 11.30 43.69 -3.93
N MET A 77 10.94 43.47 -5.20
CA MET A 77 10.39 42.21 -5.66
C MET A 77 11.39 41.06 -5.47
N ILE A 78 12.67 41.31 -5.73
CA ILE A 78 13.73 40.35 -5.47
C ILE A 78 13.78 40.01 -3.96
N LYS A 79 13.70 41.03 -3.11
CA LYS A 79 13.78 40.79 -1.66
C LYS A 79 12.55 40.00 -1.18
N ALA A 80 11.41 40.19 -1.86
CA ALA A 80 10.15 39.56 -1.50
C ALA A 80 10.08 38.08 -1.94
N GLY A 81 10.86 37.71 -2.96
CA GLY A 81 11.01 36.30 -3.33
C GLY A 81 11.05 36.01 -4.83
N MET A 82 11.00 37.04 -5.68
CA MET A 82 10.96 36.83 -7.15
C MET A 82 12.23 36.08 -7.56
N ASN A 83 12.07 34.97 -8.28
CA ASN A 83 13.19 34.14 -8.81
C ASN A 83 13.29 34.29 -10.34
N ILE A 84 12.15 34.42 -11.01
CA ILE A 84 12.08 34.42 -12.49
C ILE A 84 11.23 35.62 -12.93
N ALA A 85 11.76 36.39 -13.89
CA ALA A 85 11.03 37.54 -14.46
C ALA A 85 10.49 37.15 -15.84
N ARG A 86 9.19 37.33 -16.03
CA ARG A 86 8.52 36.97 -17.28
C ARG A 86 8.28 38.24 -18.10
N LEU A 87 8.74 38.22 -19.35
CA LEU A 87 8.54 39.32 -20.29
C LEU A 87 7.55 38.85 -21.34
N ASN A 88 6.34 39.42 -21.34
CA ASN A 88 5.30 38.97 -22.27
C ASN A 88 5.39 39.73 -23.60
N PHE A 89 5.83 39.06 -24.66
CA PHE A 89 6.00 39.69 -26.00
C PHE A 89 4.68 39.85 -26.75
N SER A 90 3.57 39.43 -26.15
CA SER A 90 2.25 39.86 -26.61
C SER A 90 2.01 41.36 -26.29
N HIS A 91 2.85 41.96 -25.43
CA HIS A 91 2.71 43.37 -25.06
C HIS A 91 4.02 44.11 -25.24
N GLY A 92 3.97 45.42 -25.12
CA GLY A 92 5.14 46.25 -25.20
C GLY A 92 5.76 46.15 -26.57
N SER A 93 7.09 46.05 -26.60
CA SER A 93 7.89 46.16 -27.80
C SER A 93 9.29 45.65 -27.47
N HIS A 94 10.11 45.43 -28.50
CA HIS A 94 11.50 45.07 -28.28
C HIS A 94 12.16 46.11 -27.38
N GLU A 95 11.95 47.38 -27.70
CA GLU A 95 12.62 48.47 -26.97
C GLU A 95 12.15 48.46 -25.49
N TYR A 96 10.86 48.26 -25.27
CA TYR A 96 10.33 48.24 -23.93
C TYR A 96 10.95 47.06 -23.14
N HIS A 97 10.91 45.86 -23.74
CA HIS A 97 11.38 44.65 -23.08
C HIS A 97 12.89 44.74 -22.90
N ALA A 98 13.60 45.42 -23.81
CA ALA A 98 15.06 45.56 -23.62
C ALA A 98 15.37 46.38 -22.36
N GLU A 99 14.57 47.42 -22.13
CA GLU A 99 14.74 48.29 -20.95
C GLU A 99 14.29 47.54 -19.69
N SER A 100 13.18 46.80 -19.76
CA SER A 100 12.83 45.87 -18.66
C SER A 100 14.04 44.99 -18.28
N ILE A 101 14.73 44.41 -19.27
CA ILE A 101 15.89 43.51 -18.99
C ILE A 101 17.02 44.29 -18.31
N ALA A 102 17.30 45.48 -18.84
CA ALA A 102 18.33 46.32 -18.30
C ALA A 102 18.06 46.56 -16.81
N ASN A 103 16.81 46.90 -16.50
CA ASN A 103 16.38 47.21 -15.12
C ASN A 103 16.51 45.97 -14.23
N ILE A 104 16.09 44.81 -14.74
CA ILE A 104 16.14 43.54 -13.97
C ILE A 104 17.60 43.25 -13.59
N ARG A 105 18.49 43.47 -14.55
CA ARG A 105 19.85 43.08 -14.36
C ARG A 105 20.55 44.09 -13.46
N GLU A 106 20.17 45.38 -13.55
CA GLU A 106 20.63 46.37 -12.59
C GLU A 106 20.20 45.98 -11.16
N ALA A 107 18.91 45.69 -10.97
CA ALA A 107 18.42 45.35 -9.63
C ALA A 107 19.14 44.09 -9.14
N THR A 108 19.31 43.10 -10.01
CA THR A 108 19.86 41.81 -9.60
C THR A 108 21.29 42.01 -9.13
N GLU A 109 22.06 42.73 -9.96
CA GLU A 109 23.48 42.90 -9.69
C GLU A 109 23.73 43.87 -8.52
N SER A 110 22.74 44.65 -8.10
CA SER A 110 22.90 45.53 -6.93
C SER A 110 23.22 44.72 -5.66
N PHE A 111 22.86 43.42 -5.65
CA PHE A 111 23.04 42.59 -4.47
C PHE A 111 24.31 41.75 -4.58
N ALA A 112 25.05 41.91 -5.67
CA ALA A 112 26.22 41.07 -5.97
C ALA A 112 27.42 41.47 -5.10
N THR A 113 27.33 42.63 -4.42
CA THR A 113 28.39 43.20 -3.57
C THR A 113 28.93 42.12 -2.62
N SER A 114 28.04 41.33 -1.99
CA SER A 114 28.43 40.19 -1.15
C SER A 114 27.51 39.00 -1.43
N PRO A 115 28.02 37.84 -1.93
CA PRO A 115 27.21 36.62 -2.03
C PRO A 115 26.40 36.19 -0.78
N LEU A 116 26.15 37.14 0.14
CA LEU A 116 25.30 37.01 1.34
C LEU A 116 23.81 37.14 0.97
N SER A 117 23.47 38.10 0.10
CA SER A 117 22.07 38.31 -0.32
C SER A 117 21.93 38.23 -1.85
N TYR A 118 22.94 37.63 -2.53
CA TYR A 118 22.98 37.52 -4.01
C TYR A 118 22.14 36.34 -4.49
N ARG A 119 21.04 36.69 -5.15
CA ARG A 119 20.13 35.76 -5.69
C ARG A 119 20.12 35.95 -7.19
N PRO A 120 20.49 34.92 -7.98
CA PRO A 120 20.27 34.96 -9.42
C PRO A 120 18.77 35.14 -9.69
N VAL A 121 18.48 35.84 -10.77
CA VAL A 121 17.15 36.02 -11.25
C VAL A 121 17.15 35.61 -12.73
N ALA A 122 16.26 34.67 -13.08
CA ALA A 122 16.16 34.21 -14.43
C ALA A 122 15.23 35.14 -15.18
N ILE A 123 15.39 35.16 -16.51
CA ILE A 123 14.57 35.94 -17.41
C ILE A 123 13.98 35.01 -18.48
N ALA A 124 12.64 35.07 -18.55
CA ALA A 124 11.85 34.31 -19.46
C ALA A 124 11.14 35.24 -20.47
N LEU A 125 11.17 34.82 -21.73
CA LEU A 125 10.47 35.45 -22.83
C LEU A 125 9.27 34.59 -23.16
N ASP A 126 8.10 35.19 -23.03
CA ASP A 126 6.88 34.55 -23.31
C ASP A 126 6.48 35.03 -24.70
N THR A 127 6.27 34.07 -25.60
CA THR A 127 6.04 34.33 -27.03
C THR A 127 4.58 34.69 -27.28
N LYS A 128 4.32 35.24 -28.45
CA LYS A 128 2.95 35.48 -28.90
C LYS A 128 2.33 34.16 -29.34
N GLY A 129 2.99 33.52 -30.30
CA GLY A 129 2.57 32.25 -30.80
C GLY A 129 1.30 32.38 -31.63
N PRO A 130 0.63 31.23 -31.92
CA PRO A 130 -0.58 31.19 -32.74
C PRO A 130 -1.80 31.71 -31.97
N GLU A 131 -1.79 33.01 -31.71
CA GLU A 131 -2.85 33.61 -30.90
C GLU A 131 -3.54 34.67 -31.74
N ILE A 132 -4.76 35.02 -31.32
CA ILE A 132 -5.50 36.16 -31.86
C ILE A 132 -5.57 37.23 -30.76
N ARG A 133 -5.32 38.49 -31.16
CA ARG A 133 -5.28 39.63 -30.24
C ARG A 133 -6.12 40.77 -30.83
N THR A 134 -6.68 41.60 -29.94
CA THR A 134 -7.30 42.83 -30.33
C THR A 134 -6.22 43.89 -30.56
N GLY A 135 -6.65 45.08 -31.00
CA GLY A 135 -5.73 46.19 -31.25
C GLY A 135 -5.56 47.11 -30.06
N VAL A 136 -4.81 48.19 -30.33
CA VAL A 136 -4.52 49.25 -29.39
C VAL A 136 -5.69 50.24 -29.42
N LEU A 137 -6.17 50.61 -28.23
CA LEU A 137 -7.28 51.52 -28.13
C LEU A 137 -6.85 52.93 -28.58
N GLN A 138 -7.85 53.71 -29.03
CA GLN A 138 -7.73 55.14 -29.40
C GLN A 138 -6.86 55.91 -28.40
N GLY A 139 -7.11 55.74 -27.08
CA GLY A 139 -6.37 56.44 -26.04
C GLY A 139 -4.98 55.86 -25.77
N GLY A 140 -4.56 54.82 -26.48
CA GLY A 140 -3.16 54.35 -26.42
C GLY A 140 -3.06 53.06 -25.61
N PRO A 141 -1.85 52.44 -25.57
CA PRO A 141 -1.69 51.10 -25.01
C PRO A 141 -1.93 50.95 -23.50
N GLU A 142 -1.90 52.04 -22.73
CA GLU A 142 -2.11 51.96 -21.27
C GLU A 142 -3.53 52.50 -20.92
N SER A 143 -4.37 52.69 -21.94
CA SER A 143 -5.74 53.20 -21.73
C SER A 143 -6.73 52.04 -21.57
N GLU A 144 -7.97 52.33 -21.16
CA GLU A 144 -9.03 51.31 -21.17
C GLU A 144 -10.39 51.94 -21.49
N VAL A 145 -11.33 51.12 -21.96
CA VAL A 145 -12.71 51.50 -22.20
C VAL A 145 -13.62 50.44 -21.58
N GLU A 146 -14.90 50.81 -21.41
CA GLU A 146 -15.86 49.92 -20.84
C GLU A 146 -16.77 49.38 -21.95
N ILE A 147 -16.70 48.07 -22.17
CA ILE A 147 -17.64 47.33 -22.99
C ILE A 147 -18.87 47.04 -22.13
N VAL A 148 -20.04 47.52 -22.59
CA VAL A 148 -21.26 47.61 -21.78
C VAL A 148 -22.18 46.43 -22.18
N LYS A 149 -22.82 45.80 -21.17
CA LYS A 149 -23.77 44.72 -21.44
C LYS A 149 -24.94 45.27 -22.25
N GLY A 150 -25.27 44.58 -23.36
CA GLY A 150 -26.42 44.90 -24.19
C GLY A 150 -26.08 45.75 -25.41
N SER A 151 -24.92 46.41 -25.40
CA SER A 151 -24.55 47.34 -26.47
C SER A 151 -24.19 46.59 -27.76
N GLN A 152 -24.12 47.34 -28.86
CA GLN A 152 -23.67 46.86 -30.17
C GLN A 152 -22.16 47.13 -30.29
N VAL A 153 -21.43 46.10 -30.73
CA VAL A 153 -20.00 46.19 -30.90
C VAL A 153 -19.66 45.58 -32.25
N LEU A 154 -18.92 46.33 -33.07
CA LEU A 154 -18.43 45.85 -34.33
C LEU A 154 -17.02 45.29 -34.12
N VAL A 155 -16.83 44.03 -34.48
CA VAL A 155 -15.52 43.40 -34.59
C VAL A 155 -15.06 43.55 -36.05
N THR A 156 -13.95 44.26 -36.28
CA THR A 156 -13.51 44.58 -37.64
C THR A 156 -12.07 44.11 -37.86
N VAL A 157 -11.74 43.94 -39.13
CA VAL A 157 -10.44 43.48 -39.62
C VAL A 157 -9.81 44.58 -40.49
N ASP A 158 -10.58 45.65 -40.70
CA ASP A 158 -10.15 46.81 -41.43
C ASP A 158 -8.98 47.45 -40.71
N PRO A 159 -7.78 47.55 -41.32
CA PRO A 159 -6.59 47.99 -40.62
C PRO A 159 -6.60 49.45 -40.14
N LYS A 160 -7.60 50.23 -40.59
CA LYS A 160 -7.67 51.62 -40.20
C LYS A 160 -8.13 51.75 -38.74
N PHE A 161 -8.67 50.66 -38.19
CA PHE A 161 -9.13 50.62 -36.80
C PHE A 161 -8.08 49.98 -35.86
N GLN A 162 -6.92 49.60 -36.40
CA GLN A 162 -5.86 48.82 -35.71
C GLN A 162 -5.42 49.49 -34.40
N THR A 163 -5.34 50.83 -34.40
CA THR A 163 -4.88 51.62 -33.25
C THR A 163 -5.96 52.63 -32.80
N ARG A 164 -7.23 52.35 -33.16
CA ARG A 164 -8.36 53.29 -32.97
C ARG A 164 -9.57 52.56 -32.39
N GLY A 165 -9.33 51.50 -31.61
CA GLY A 165 -10.42 50.79 -30.94
C GLY A 165 -11.00 51.62 -29.81
N ASP A 166 -12.30 51.37 -29.53
CA ASP A 166 -13.07 52.01 -28.48
C ASP A 166 -14.22 51.07 -28.09
N ALA A 167 -15.16 51.58 -27.29
CA ALA A 167 -16.27 50.77 -26.68
C ALA A 167 -17.30 50.25 -27.70
N LYS A 168 -17.17 50.66 -28.97
CA LYS A 168 -18.14 50.34 -30.07
C LYS A 168 -17.47 49.51 -31.18
N THR A 169 -16.16 49.67 -31.38
CA THR A 169 -15.48 49.01 -32.49
C THR A 169 -14.15 48.39 -31.96
N VAL A 170 -13.96 47.10 -32.25
CA VAL A 170 -12.83 46.30 -31.76
C VAL A 170 -12.15 45.72 -33.00
N TRP A 171 -10.86 46.01 -33.15
CA TRP A 171 -10.09 45.45 -34.23
C TRP A 171 -9.44 44.16 -33.77
N VAL A 172 -9.27 43.20 -34.69
CA VAL A 172 -8.64 41.93 -34.41
C VAL A 172 -7.63 41.61 -35.53
N ASP A 173 -6.57 40.88 -35.16
CA ASP A 173 -5.41 40.69 -36.04
C ASP A 173 -5.50 39.39 -36.86
N TYR A 174 -6.61 38.65 -36.74
CA TYR A 174 -6.86 37.47 -37.55
C TYR A 174 -7.83 37.85 -38.67
N HIS A 175 -7.31 38.09 -39.87
CA HIS A 175 -8.09 38.71 -40.98
C HIS A 175 -9.37 37.92 -41.29
N ASN A 176 -9.31 36.61 -41.07
CA ASN A 176 -10.28 35.64 -41.53
C ASN A 176 -11.39 35.40 -40.50
N ILE A 177 -11.45 36.19 -39.42
CA ILE A 177 -12.48 35.94 -38.40
C ILE A 177 -13.85 35.87 -39.06
N THR A 178 -14.09 36.74 -40.05
CA THR A 178 -15.41 36.92 -40.68
C THR A 178 -15.91 35.58 -41.26
N ARG A 179 -15.00 34.84 -41.89
CA ARG A 179 -15.31 33.56 -42.56
C ARG A 179 -15.53 32.46 -41.51
N VAL A 180 -14.92 32.62 -40.33
CA VAL A 180 -14.68 31.50 -39.42
C VAL A 180 -15.72 31.46 -38.29
N VAL A 181 -16.37 32.58 -37.97
CA VAL A 181 -17.31 32.64 -36.82
C VAL A 181 -18.73 32.69 -37.38
N ALA A 182 -19.66 32.04 -36.64
CA ALA A 182 -21.05 31.87 -37.05
C ALA A 182 -21.93 32.93 -36.36
N VAL A 183 -23.04 33.26 -37.02
CA VAL A 183 -24.10 34.05 -36.43
C VAL A 183 -24.68 33.26 -35.25
N GLY A 184 -24.87 33.93 -34.12
CA GLY A 184 -25.22 33.25 -32.91
C GLY A 184 -24.00 32.71 -32.17
N GLY A 185 -22.83 32.66 -32.83
CA GLY A 185 -21.56 32.22 -32.20
C GLY A 185 -20.95 33.28 -31.30
N ARG A 186 -20.04 32.85 -30.41
CA ARG A 186 -19.45 33.74 -29.42
C ARG A 186 -18.03 34.13 -29.81
N ILE A 187 -17.68 35.37 -29.51
CA ILE A 187 -16.28 35.85 -29.48
C ILE A 187 -15.95 36.26 -28.04
N TYR A 188 -14.85 35.71 -27.50
CA TYR A 188 -14.42 35.98 -26.10
C TYR A 188 -13.19 36.89 -26.14
N ILE A 189 -13.11 37.85 -25.20
CA ILE A 189 -12.01 38.77 -25.12
C ILE A 189 -11.42 38.77 -23.70
N ASP A 190 -10.08 38.71 -23.66
CA ASP A 190 -9.26 38.78 -22.46
C ASP A 190 -9.62 37.57 -21.59
N ASP A 191 -9.23 36.38 -22.04
CA ASP A 191 -9.35 35.17 -21.23
C ASP A 191 -10.80 35.00 -20.76
N GLY A 192 -11.75 35.37 -21.63
CA GLY A 192 -13.18 35.21 -21.39
C GLY A 192 -13.83 36.29 -20.53
N LEU A 193 -13.14 37.40 -20.25
CA LEU A 193 -13.71 38.52 -19.45
C LEU A 193 -14.97 39.04 -20.13
N ILE A 194 -14.89 39.23 -21.45
CA ILE A 194 -15.93 39.84 -22.27
C ILE A 194 -16.42 38.79 -23.29
N SER A 195 -17.73 38.65 -23.38
CA SER A 195 -18.39 37.84 -24.37
C SER A 195 -19.23 38.70 -25.32
N LEU A 196 -18.95 38.53 -26.63
CA LEU A 196 -19.76 39.06 -27.73
C LEU A 196 -20.45 37.91 -28.46
N VAL A 197 -21.73 38.12 -28.81
CA VAL A 197 -22.50 37.21 -29.63
C VAL A 197 -22.71 37.87 -31.00
N VAL A 198 -22.30 37.16 -32.08
CA VAL A 198 -22.42 37.65 -33.46
C VAL A 198 -23.90 37.69 -33.86
N GLN A 199 -24.39 38.87 -34.22
CA GLN A 199 -25.73 39.07 -34.79
C GLN A 199 -25.70 38.94 -36.32
N LYS A 200 -24.75 39.65 -36.95
CA LYS A 200 -24.77 39.89 -38.39
C LYS A 200 -23.34 39.84 -38.94
N ILE A 201 -23.19 39.27 -40.15
CA ILE A 201 -21.94 39.28 -40.89
C ILE A 201 -22.16 40.09 -42.17
N GLY A 202 -21.11 40.81 -42.60
CA GLY A 202 -21.16 41.75 -43.72
C GLY A 202 -19.80 42.37 -44.02
N PRO A 203 -19.71 43.35 -44.95
CA PRO A 203 -18.42 43.91 -45.38
C PRO A 203 -17.66 44.68 -44.28
N GLU A 204 -18.40 45.25 -43.31
CA GLU A 204 -17.82 46.10 -42.23
C GLU A 204 -17.09 45.24 -41.18
N GLY A 205 -17.46 43.96 -41.08
CA GLY A 205 -16.96 43.00 -40.07
C GLY A 205 -18.10 42.17 -39.47
N LEU A 206 -18.02 41.92 -38.15
CA LEU A 206 -19.05 41.18 -37.41
C LEU A 206 -19.74 42.14 -36.43
N VAL A 207 -21.05 42.32 -36.61
CA VAL A 207 -21.86 43.13 -35.72
C VAL A 207 -22.28 42.23 -34.55
N THR A 208 -21.95 42.65 -33.32
CA THR A 208 -22.16 41.81 -32.15
C THR A 208 -22.99 42.56 -31.12
N GLU A 209 -23.68 41.79 -30.28
CA GLU A 209 -24.21 42.23 -29.00
C GLU A 209 -23.30 41.71 -27.87
N VAL A 210 -23.09 42.58 -26.87
CA VAL A 210 -22.33 42.26 -25.66
C VAL A 210 -23.21 41.42 -24.72
N GLU A 211 -22.83 40.16 -24.55
CA GLU A 211 -23.49 39.23 -23.65
C GLU A 211 -23.02 39.49 -22.21
N HIS A 212 -21.70 39.48 -22.00
CA HIS A 212 -21.06 39.89 -20.74
C HIS A 212 -20.04 40.98 -21.03
N GLY A 213 -20.11 42.08 -20.27
CA GLY A 213 -19.26 43.25 -20.49
C GLY A 213 -18.09 43.30 -19.52
N GLY A 214 -17.26 44.33 -19.67
CA GLY A 214 -16.17 44.59 -18.74
C GLY A 214 -15.19 45.61 -19.29
N ILE A 215 -14.10 45.80 -18.56
CA ILE A 215 -13.05 46.70 -18.93
C ILE A 215 -12.11 46.00 -19.93
N LEU A 216 -12.07 46.58 -21.15
CA LEU A 216 -11.24 46.15 -22.23
C LEU A 216 -9.99 47.03 -22.24
N GLY A 217 -8.82 46.38 -22.28
CA GLY A 217 -7.55 47.07 -22.46
C GLY A 217 -7.11 46.91 -23.90
N SER A 218 -5.86 47.29 -24.19
CA SER A 218 -5.30 47.10 -25.50
C SER A 218 -4.77 45.66 -25.64
N ARG A 219 -4.71 45.16 -26.88
CA ARG A 219 -4.02 43.90 -27.26
C ARG A 219 -4.41 42.73 -26.33
N LYS A 220 -5.70 42.44 -26.24
CA LYS A 220 -6.21 41.41 -25.39
C LYS A 220 -6.50 40.15 -26.21
N GLY A 221 -6.37 38.99 -25.55
CA GLY A 221 -6.55 37.70 -26.21
C GLY A 221 -7.98 37.49 -26.70
N VAL A 222 -8.10 36.81 -27.85
CA VAL A 222 -9.38 36.51 -28.44
C VAL A 222 -9.49 35.00 -28.55
N ASN A 223 -10.58 34.43 -28.04
CA ASN A 223 -10.78 33.00 -28.07
C ASN A 223 -12.12 32.69 -28.74
N LEU A 224 -12.11 31.69 -29.63
CA LEU A 224 -13.27 31.38 -30.49
C LEU A 224 -13.73 29.95 -30.27
N PRO A 225 -14.81 29.71 -29.47
CA PRO A 225 -15.40 28.37 -29.37
C PRO A 225 -15.84 27.87 -30.76
N ASN A 226 -15.96 26.53 -30.87
CA ASN A 226 -16.41 25.83 -32.09
C ASN A 226 -15.57 26.27 -33.30
N THR A 227 -14.26 26.30 -33.14
CA THR A 227 -13.37 26.65 -34.21
C THR A 227 -12.10 25.79 -34.13
N GLU A 228 -11.50 25.58 -35.30
CA GLU A 228 -10.21 24.95 -35.44
C GLU A 228 -9.40 25.85 -36.37
N VAL A 229 -9.07 27.06 -35.88
CA VAL A 229 -8.22 27.99 -36.59
C VAL A 229 -6.87 27.30 -36.80
N ASP A 230 -6.47 27.19 -38.06
CA ASP A 230 -5.12 26.87 -38.44
C ASP A 230 -4.38 28.21 -38.48
N LEU A 231 -3.35 28.32 -37.63
CA LEU A 231 -2.59 29.54 -37.48
C LEU A 231 -1.12 29.14 -37.44
N PRO A 232 -0.23 29.91 -38.10
CA PRO A 232 1.10 29.41 -38.42
C PRO A 232 1.70 28.55 -37.29
N GLY A 233 2.01 29.16 -36.14
CA GLY A 233 2.81 28.47 -35.12
C GLY A 233 4.01 29.29 -34.71
N LEU A 234 4.81 29.67 -35.73
CA LEU A 234 5.84 30.72 -35.63
C LEU A 234 5.61 31.73 -36.77
N SER A 235 5.11 32.91 -36.40
CA SER A 235 4.96 34.04 -37.30
C SER A 235 6.31 34.72 -37.54
N GLU A 236 6.31 35.71 -38.42
CA GLU A 236 7.55 36.45 -38.70
C GLU A 236 7.96 37.25 -37.44
N GLN A 237 6.97 37.78 -36.72
CA GLN A 237 7.16 38.51 -35.47
C GLN A 237 7.74 37.57 -34.40
N ASP A 238 7.19 36.34 -34.32
CA ASP A 238 7.66 35.31 -33.41
C ASP A 238 9.17 35.08 -33.61
N LEU A 239 9.59 35.01 -34.88
CA LEU A 239 11.00 34.79 -35.23
C LEU A 239 11.86 35.96 -34.73
N LEU A 240 11.39 37.18 -34.96
CA LEU A 240 12.12 38.38 -34.48
C LEU A 240 12.23 38.32 -32.94
N ASP A 241 11.12 37.92 -32.28
CA ASP A 241 11.05 37.81 -30.81
C ASP A 241 12.05 36.78 -30.27
N LEU A 242 12.15 35.62 -30.92
CA LEU A 242 13.12 34.57 -30.48
C LEU A 242 14.56 35.03 -30.70
N ARG A 243 14.81 35.68 -31.84
CA ARG A 243 16.15 36.26 -32.09
C ARG A 243 16.47 37.33 -31.03
N PHE A 244 15.48 38.16 -30.69
CA PHE A 244 15.66 39.16 -29.65
C PHE A 244 16.03 38.44 -28.37
N GLY A 245 15.32 37.34 -28.08
CA GLY A 245 15.60 36.52 -26.91
C GLY A 245 17.03 36.03 -26.87
N VAL A 246 17.53 35.53 -28.01
CA VAL A 246 18.89 34.97 -28.08
C VAL A 246 19.90 36.11 -27.91
N GLN A 247 19.58 37.26 -28.52
CA GLN A 247 20.51 38.37 -28.50
C GLN A 247 20.67 38.92 -27.09
N HIS A 248 19.57 38.91 -26.30
CA HIS A 248 19.59 39.48 -24.94
C HIS A 248 19.85 38.40 -23.87
N ASN A 249 20.16 37.16 -24.31
CA ASN A 249 20.64 36.06 -23.46
C ASN A 249 19.64 35.70 -22.34
N VAL A 250 18.38 35.61 -22.74
CA VAL A 250 17.32 35.09 -21.86
C VAL A 250 17.56 33.59 -21.62
N ASP A 251 16.95 33.12 -20.54
CA ASP A 251 17.26 31.85 -19.92
C ASP A 251 16.23 30.82 -20.36
N ILE A 252 15.02 31.33 -20.55
CA ILE A 252 13.84 30.53 -20.74
C ILE A 252 12.99 31.13 -21.85
N ILE A 253 12.39 30.25 -22.66
CA ILE A 253 11.24 30.60 -23.50
C ILE A 253 9.99 29.98 -22.89
N PHE A 254 8.97 30.80 -22.60
CA PHE A 254 7.62 30.30 -22.36
C PHE A 254 6.85 30.38 -23.69
N ALA A 255 6.73 29.24 -24.38
CA ALA A 255 6.10 29.13 -25.69
C ALA A 255 4.57 28.99 -25.59
N SER A 256 3.88 30.02 -26.07
CA SER A 256 2.42 30.11 -26.02
C SER A 256 1.79 29.15 -27.04
N PHE A 257 0.64 28.61 -26.63
CA PHE A 257 -0.24 27.80 -27.45
C PHE A 257 0.55 26.70 -28.18
N VAL A 258 1.33 25.94 -27.44
CA VAL A 258 1.94 24.72 -27.97
C VAL A 258 0.86 23.64 -28.15
N ARG A 259 0.65 23.25 -29.40
CA ARG A 259 -0.50 22.38 -29.78
C ARG A 259 -0.03 20.92 -29.99
N LYS A 260 1.28 20.75 -30.24
CA LYS A 260 1.88 19.53 -30.79
C LYS A 260 3.40 19.67 -30.74
N ALA A 261 4.07 18.51 -30.81
CA ALA A 261 5.51 18.36 -30.75
C ALA A 261 6.22 19.26 -31.78
N SER A 262 5.67 19.35 -32.99
CA SER A 262 6.34 20.10 -34.07
C SER A 262 6.36 21.61 -33.74
N ASP A 263 5.41 22.10 -32.94
CA ASP A 263 5.50 23.50 -32.44
C ASP A 263 6.78 23.68 -31.62
N VAL A 264 7.03 22.73 -30.70
CA VAL A 264 8.21 22.79 -29.84
C VAL A 264 9.48 22.70 -30.72
N LEU A 265 9.49 21.83 -31.73
CA LEU A 265 10.71 21.67 -32.56
C LEU A 265 10.95 22.94 -33.41
N ALA A 266 9.88 23.54 -33.92
CA ALA A 266 10.03 24.78 -34.68
C ALA A 266 10.71 25.86 -33.80
N VAL A 267 10.29 25.96 -32.54
CA VAL A 267 10.88 26.92 -31.61
C VAL A 267 12.34 26.56 -31.37
N ARG A 268 12.65 25.28 -31.12
CA ARG A 268 14.04 24.84 -30.91
C ARG A 268 14.88 25.18 -32.16
N ASP A 269 14.31 25.02 -33.36
CA ASP A 269 15.03 25.32 -34.63
C ASP A 269 15.35 26.81 -34.74
N ALA A 270 14.32 27.66 -34.60
CA ALA A 270 14.47 29.12 -34.70
C ALA A 270 15.47 29.68 -33.69
N LEU A 271 15.59 29.08 -32.51
CA LEU A 271 16.58 29.52 -31.52
C LEU A 271 17.99 29.25 -32.05
N GLY A 272 18.16 28.14 -32.79
CA GLY A 272 19.42 27.77 -33.44
C GLY A 272 20.46 27.22 -32.46
N PRO A 273 21.67 26.85 -32.92
CA PRO A 273 22.69 26.31 -32.01
C PRO A 273 23.18 27.36 -30.98
N GLU A 274 23.12 28.65 -31.33
CA GLU A 274 23.55 29.69 -30.39
C GLU A 274 22.54 29.82 -29.24
N GLY A 275 21.30 29.39 -29.48
CA GLY A 275 20.20 29.39 -28.51
C GLY A 275 19.96 28.03 -27.87
N GLN A 276 20.93 27.11 -28.03
CA GLN A 276 20.72 25.66 -27.78
C GLN A 276 20.50 25.42 -26.29
N ASN A 277 21.07 26.27 -25.42
CA ASN A 277 21.01 26.11 -23.97
C ASN A 277 19.80 26.80 -23.34
N ILE A 278 19.01 27.51 -24.14
CA ILE A 278 17.84 28.15 -23.64
C ILE A 278 16.80 27.05 -23.40
N LYS A 279 16.16 27.09 -22.22
CA LYS A 279 15.13 26.14 -21.83
C LYS A 279 13.82 26.51 -22.50
N ILE A 280 13.08 25.50 -22.93
CA ILE A 280 11.78 25.70 -23.54
C ILE A 280 10.69 25.07 -22.66
N ILE A 281 9.85 25.95 -22.10
CA ILE A 281 8.71 25.59 -21.35
C ILE A 281 7.47 25.83 -22.21
N SER A 282 6.80 24.73 -22.58
CA SER A 282 5.66 24.73 -23.46
C SER A 282 4.38 25.02 -22.66
N LYS A 283 3.66 26.03 -23.11
CA LYS A 283 2.43 26.41 -22.47
C LYS A 283 1.27 25.65 -23.11
N ILE A 284 0.48 25.02 -22.25
CA ILE A 284 -0.69 24.31 -22.65
C ILE A 284 -1.89 25.19 -22.34
N GLU A 285 -2.58 25.59 -23.42
CA GLU A 285 -3.57 26.63 -23.32
C GLU A 285 -4.88 26.24 -24.02
N ASN A 286 -4.94 25.07 -24.67
CA ASN A 286 -6.14 24.68 -25.44
C ASN A 286 -6.34 23.15 -25.44
N HIS A 287 -7.50 22.71 -25.93
CA HIS A 287 -7.86 21.29 -25.96
C HIS A 287 -6.78 20.44 -26.64
N GLU A 288 -6.17 20.94 -27.73
CA GLU A 288 -5.26 20.16 -28.53
C GLU A 288 -3.97 19.90 -27.75
N GLY A 289 -3.43 20.95 -27.12
CA GLY A 289 -2.28 20.81 -26.26
C GLY A 289 -2.50 19.77 -25.17
N VAL A 290 -3.70 19.74 -24.58
CA VAL A 290 -3.99 18.75 -23.54
C VAL A 290 -3.99 17.34 -24.15
N LYS A 291 -4.58 17.20 -25.34
CA LYS A 291 -4.61 15.95 -26.07
C LYS A 291 -3.18 15.48 -26.36
N LYS A 292 -2.33 16.38 -26.86
CA LYS A 292 -1.02 16.01 -27.37
C LYS A 292 0.07 16.23 -26.32
N PHE A 293 -0.35 16.26 -25.05
CA PHE A 293 0.50 16.59 -23.97
C PHE A 293 1.75 15.71 -23.94
N ASP A 294 1.58 14.39 -24.04
CA ASP A 294 2.71 13.42 -23.90
C ASP A 294 3.79 13.73 -24.93
N GLU A 295 3.38 13.93 -26.18
CA GLU A 295 4.35 14.15 -27.25
C GLU A 295 5.00 15.51 -27.04
N ILE A 296 4.21 16.48 -26.50
CA ILE A 296 4.75 17.81 -26.27
C ILE A 296 5.81 17.74 -25.16
N LEU A 297 5.47 17.07 -24.06
CA LEU A 297 6.35 17.04 -22.90
C LEU A 297 7.70 16.41 -23.26
N GLU A 298 7.62 15.33 -24.05
CA GLU A 298 8.76 14.54 -24.52
C GLU A 298 9.86 15.45 -25.11
N VAL A 299 9.46 16.46 -25.90
CA VAL A 299 10.43 17.29 -26.64
C VAL A 299 10.61 18.66 -25.96
N SER A 300 9.91 18.90 -24.84
CA SER A 300 10.02 20.18 -24.11
C SER A 300 10.95 20.00 -22.89
N ASP A 301 11.51 21.10 -22.39
CA ASP A 301 12.20 21.07 -21.12
C ASP A 301 11.23 21.05 -19.94
N GLY A 302 9.97 21.47 -20.15
CA GLY A 302 9.00 21.54 -19.08
C GLY A 302 7.72 22.14 -19.60
N ILE A 303 6.74 22.33 -18.70
CA ILE A 303 5.39 22.70 -19.06
C ILE A 303 4.89 23.85 -18.18
N MET A 304 4.01 24.68 -18.78
CA MET A 304 3.19 25.69 -18.03
C MET A 304 1.72 25.39 -18.27
N VAL A 305 0.98 25.18 -17.18
CA VAL A 305 -0.42 25.08 -17.20
C VAL A 305 -0.95 26.52 -17.29
N ALA A 306 -1.19 26.99 -18.52
CA ALA A 306 -1.59 28.40 -18.75
C ALA A 306 -3.11 28.50 -18.60
N ARG A 307 -3.57 28.71 -17.37
CA ARG A 307 -5.00 28.53 -17.04
C ARG A 307 -5.88 29.68 -17.59
N GLY A 308 -5.29 30.80 -18.01
CA GLY A 308 -6.07 31.97 -18.52
C GLY A 308 -6.77 31.60 -19.81
N ASP A 309 -5.96 31.38 -20.85
CA ASP A 309 -6.45 30.81 -22.11
C ASP A 309 -7.10 29.43 -21.88
N LEU A 310 -6.45 28.53 -21.15
CA LEU A 310 -6.99 27.19 -21.09
C LEU A 310 -8.44 27.22 -20.59
N GLY A 311 -8.71 28.01 -19.55
CA GLY A 311 -10.02 27.99 -18.93
C GLY A 311 -11.10 28.75 -19.72
N ILE A 312 -10.79 29.26 -20.91
CA ILE A 312 -11.83 29.78 -21.76
C ILE A 312 -11.86 28.95 -23.05
N GLU A 313 -10.78 28.22 -23.33
CA GLU A 313 -10.75 27.25 -24.43
C GLU A 313 -11.44 25.95 -24.04
N ILE A 314 -11.40 25.57 -22.75
CA ILE A 314 -12.12 24.41 -22.29
C ILE A 314 -13.04 24.89 -21.18
N PRO A 315 -14.10 24.13 -20.85
CA PRO A 315 -14.95 24.45 -19.71
C PRO A 315 -14.09 24.75 -18.46
N ALA A 316 -14.44 25.83 -17.77
CA ALA A 316 -13.78 26.34 -16.59
C ALA A 316 -13.74 25.26 -15.52
N GLU A 317 -14.85 24.52 -15.37
CA GLU A 317 -15.01 23.49 -14.33
C GLU A 317 -14.08 22.28 -14.57
N LYS A 318 -13.35 22.27 -15.69
CA LYS A 318 -12.52 21.13 -16.11
C LYS A 318 -11.02 21.43 -15.96
N VAL A 319 -10.66 22.69 -15.69
CA VAL A 319 -9.26 23.11 -15.77
C VAL A 319 -8.45 22.38 -14.71
N PHE A 320 -9.04 22.16 -13.52
CA PHE A 320 -8.35 21.54 -12.38
C PHE A 320 -7.91 20.10 -12.73
N LEU A 321 -8.67 19.39 -13.60
CA LEU A 321 -8.34 18.03 -14.05
C LEU A 321 -7.09 18.10 -14.93
N ALA A 322 -7.08 19.08 -15.83
CA ALA A 322 -5.91 19.36 -16.69
C ALA A 322 -4.67 19.71 -15.86
N GLN A 323 -4.82 20.60 -14.87
CA GLN A 323 -3.70 21.03 -14.03
C GLN A 323 -3.09 19.82 -13.28
N LYS A 324 -3.95 19.05 -12.63
CA LYS A 324 -3.54 17.96 -11.75
C LYS A 324 -2.84 16.86 -12.57
N MET A 325 -3.36 16.60 -13.77
CA MET A 325 -2.86 15.63 -14.71
C MET A 325 -1.49 16.05 -15.23
N MET A 326 -1.38 17.31 -15.68
CA MET A 326 -0.13 17.76 -16.29
C MET A 326 0.94 17.88 -15.20
N ILE A 327 0.57 18.30 -14.00
CA ILE A 327 1.57 18.41 -12.96
C ILE A 327 2.04 16.98 -12.58
N GLY A 328 1.08 16.07 -12.44
CA GLY A 328 1.37 14.64 -12.16
C GLY A 328 2.34 14.04 -13.16
N ARG A 329 2.01 14.20 -14.44
CA ARG A 329 2.82 13.65 -15.50
C ARG A 329 4.22 14.29 -15.53
N CYS A 330 4.32 15.62 -15.31
CA CYS A 330 5.64 16.26 -15.29
C CYS A 330 6.46 15.74 -14.10
N ASN A 331 5.82 15.57 -12.94
CA ASN A 331 6.48 15.08 -11.72
C ASN A 331 7.10 13.69 -11.99
N LEU A 332 6.36 12.87 -12.76
CA LEU A 332 6.73 11.50 -13.09
C LEU A 332 7.89 11.55 -14.08
N ALA A 333 7.82 12.48 -15.03
CA ALA A 333 8.87 12.66 -16.04
C ALA A 333 10.11 13.33 -15.45
N GLY A 334 10.03 13.85 -14.21
CA GLY A 334 11.08 14.66 -13.60
C GLY A 334 11.36 15.95 -14.36
N LYS A 335 10.31 16.56 -14.96
CA LYS A 335 10.53 17.82 -15.74
C LYS A 335 9.77 18.99 -15.09
N PRO A 336 10.35 20.20 -15.06
CA PRO A 336 9.71 21.36 -14.42
C PRO A 336 8.30 21.66 -14.93
N VAL A 337 7.41 21.96 -13.99
CA VAL A 337 6.06 22.35 -14.31
C VAL A 337 5.66 23.63 -13.54
N VAL A 338 4.96 24.53 -14.24
CA VAL A 338 4.56 25.87 -13.75
C VAL A 338 3.03 25.93 -13.71
N CYS A 339 2.46 26.39 -12.58
CA CYS A 339 1.05 26.70 -12.50
C CYS A 339 0.89 28.22 -12.69
N ALA A 340 -0.04 28.63 -13.55
CA ALA A 340 -0.11 30.04 -13.93
C ALA A 340 -1.56 30.54 -13.97
N THR A 341 -1.68 31.82 -13.61
CA THR A 341 -2.76 32.75 -14.02
C THR A 341 -3.92 32.73 -13.03
N GLN A 342 -4.26 33.95 -12.57
CA GLN A 342 -5.34 34.30 -11.65
C GLN A 342 -5.17 33.66 -10.26
N MET A 343 -3.92 33.32 -9.90
CA MET A 343 -3.63 32.66 -8.60
C MET A 343 -3.91 33.62 -7.44
N LEU A 344 -3.60 34.92 -7.58
CA LEU A 344 -3.90 35.93 -6.54
C LEU A 344 -4.59 37.15 -7.19
N GLU A 345 -5.52 36.89 -8.12
CA GLU A 345 -6.11 37.90 -9.00
C GLU A 345 -6.61 39.17 -8.26
N SER A 346 -7.36 39.00 -7.16
CA SER A 346 -7.94 40.08 -6.40
C SER A 346 -6.87 41.09 -5.95
N MET A 347 -5.60 40.65 -5.78
CA MET A 347 -4.52 41.52 -5.34
C MET A 347 -4.06 42.52 -6.44
N ILE A 348 -4.69 42.49 -7.62
CA ILE A 348 -4.50 43.58 -8.58
C ILE A 348 -4.99 44.90 -7.96
N THR A 349 -6.07 44.86 -7.17
CA THR A 349 -6.57 46.06 -6.51
C THR A 349 -6.61 45.94 -4.97
N LYS A 350 -6.37 44.78 -4.37
CA LYS A 350 -6.38 44.68 -2.90
C LYS A 350 -5.07 44.13 -2.35
N ALA A 351 -4.78 44.57 -1.11
CA ALA A 351 -3.51 44.34 -0.48
C ALA A 351 -3.47 42.93 0.09
N ARG A 352 -4.63 42.28 0.20
CA ARG A 352 -4.72 40.93 0.70
C ARG A 352 -5.58 40.11 -0.23
N PRO A 353 -5.26 38.79 -0.42
CA PRO A 353 -6.01 37.93 -1.35
C PRO A 353 -7.29 37.35 -0.75
N THR A 354 -8.13 36.72 -1.59
CA THR A 354 -9.31 35.96 -1.17
C THR A 354 -8.90 34.60 -0.59
N ARG A 355 -9.87 33.92 0.04
CA ARG A 355 -9.64 32.64 0.66
C ARG A 355 -9.41 31.60 -0.43
N ALA A 356 -10.08 31.78 -1.58
CA ALA A 356 -9.89 30.87 -2.70
C ALA A 356 -8.47 31.01 -3.26
N GLU A 357 -7.94 32.23 -3.25
CA GLU A 357 -6.64 32.50 -3.81
C GLU A 357 -5.53 31.89 -2.96
N THR A 358 -5.60 31.97 -1.62
CA THR A 358 -4.57 31.35 -0.80
C THR A 358 -4.61 29.83 -1.02
N SER A 359 -5.84 29.30 -1.13
CA SER A 359 -6.08 27.90 -1.29
C SER A 359 -5.52 27.43 -2.63
N ASP A 360 -5.73 28.22 -3.69
CA ASP A 360 -5.26 27.86 -5.01
C ASP A 360 -3.72 27.76 -5.00
N VAL A 361 -3.04 28.71 -4.38
CA VAL A 361 -1.59 28.66 -4.36
C VAL A 361 -1.14 27.42 -3.59
N ALA A 362 -1.68 27.19 -2.39
CA ALA A 362 -1.27 26.06 -1.53
C ALA A 362 -1.46 24.74 -2.30
N ASN A 363 -2.60 24.63 -2.97
CA ASN A 363 -2.97 23.43 -3.68
C ASN A 363 -2.09 23.21 -4.92
N ALA A 364 -1.54 24.27 -5.49
CA ALA A 364 -0.65 24.12 -6.63
C ALA A 364 0.69 23.54 -6.16
N VAL A 365 1.13 23.97 -4.98
CA VAL A 365 2.33 23.39 -4.39
C VAL A 365 2.05 21.91 -4.09
N LEU A 366 0.95 21.61 -3.39
CA LEU A 366 0.61 20.24 -2.99
C LEU A 366 0.41 19.35 -4.22
N ASP A 367 -0.15 19.89 -5.30
CA ASP A 367 -0.32 19.13 -6.55
C ASP A 367 1.06 18.69 -7.08
N GLY A 368 2.07 19.55 -6.86
CA GLY A 368 3.46 19.24 -7.13
C GLY A 368 4.13 20.22 -8.11
N ALA A 369 3.65 21.46 -8.19
CA ALA A 369 4.24 22.42 -9.09
C ALA A 369 5.64 22.81 -8.61
N ASP A 370 6.55 22.96 -9.57
CA ASP A 370 7.88 23.49 -9.35
C ASP A 370 7.87 25.02 -9.20
N CYS A 371 7.01 25.69 -9.98
CA CYS A 371 6.95 27.14 -10.01
C CYS A 371 5.50 27.58 -9.98
N ILE A 372 5.29 28.76 -9.40
CA ILE A 372 4.02 29.45 -9.44
C ILE A 372 4.27 30.86 -9.98
N MET A 373 3.23 31.47 -10.50
CA MET A 373 3.36 32.59 -11.37
C MET A 373 2.36 33.69 -10.99
N LEU A 374 2.82 34.93 -11.18
CA LEU A 374 1.99 36.16 -11.13
C LEU A 374 2.03 36.86 -12.48
N SER A 375 0.85 37.25 -12.96
CA SER A 375 0.67 37.94 -14.23
C SER A 375 0.27 39.39 -13.97
N GLY A 376 -1.02 39.72 -14.11
CA GLY A 376 -1.51 41.07 -13.88
C GLY A 376 -1.14 41.57 -12.49
N GLU A 377 -1.04 40.64 -11.53
CA GLU A 377 -0.78 40.99 -10.13
C GLU A 377 0.53 41.78 -10.01
N THR A 378 1.51 41.50 -10.87
CA THR A 378 2.79 42.19 -10.83
C THR A 378 3.02 43.07 -12.06
N ALA A 379 2.39 42.74 -13.18
CA ALA A 379 2.62 43.51 -14.42
C ALA A 379 1.92 44.88 -14.34
N LYS A 380 0.70 44.96 -13.79
CA LYS A 380 -0.07 46.20 -13.90
C LYS A 380 -0.79 46.57 -12.60
N GLY A 381 -0.72 45.76 -11.55
CA GLY A 381 -1.55 45.94 -10.36
C GLY A 381 -0.94 46.91 -9.36
N SER A 382 -1.68 47.19 -8.28
CA SER A 382 -1.27 48.17 -7.26
C SER A 382 -0.34 47.56 -6.22
N PHE A 383 -0.23 46.23 -6.15
CA PHE A 383 0.48 45.64 -5.02
C PHE A 383 1.41 44.52 -5.50
N PRO A 384 2.28 44.79 -6.49
CA PRO A 384 3.16 43.76 -7.04
C PRO A 384 4.07 43.13 -5.97
N VAL A 385 4.59 43.94 -5.05
CA VAL A 385 5.52 43.41 -4.09
C VAL A 385 4.78 42.52 -3.09
N GLU A 386 3.59 42.95 -2.66
CA GLU A 386 2.80 42.21 -1.69
C GLU A 386 2.38 40.86 -2.27
N ALA A 387 2.15 40.85 -3.59
CA ALA A 387 1.73 39.67 -4.28
C ALA A 387 2.83 38.61 -4.25
N VAL A 388 4.09 39.02 -4.47
CA VAL A 388 5.22 38.14 -4.38
C VAL A 388 5.37 37.63 -2.95
N MET A 389 5.27 38.54 -1.99
CA MET A 389 5.36 38.21 -0.56
C MET A 389 4.34 37.14 -0.18
N MET A 390 3.11 37.28 -0.68
CA MET A 390 2.02 36.38 -0.33
C MET A 390 2.27 34.98 -0.93
N GLN A 391 2.70 34.90 -2.21
CA GLN A 391 3.06 33.61 -2.83
C GLN A 391 4.17 32.96 -2.01
N HIS A 392 5.16 33.74 -1.58
CA HIS A 392 6.27 33.24 -0.78
C HIS A 392 5.74 32.54 0.49
N ALA A 393 4.86 33.23 1.23
CA ALA A 393 4.44 32.83 2.56
C ALA A 393 3.58 31.56 2.49
N ILE A 394 2.76 31.44 1.43
CA ILE A 394 1.82 30.31 1.29
C ILE A 394 2.63 29.09 0.87
N ALA A 395 3.53 29.27 -0.09
CA ALA A 395 4.30 28.19 -0.66
C ALA A 395 5.14 27.54 0.46
N ARG A 396 5.70 28.38 1.34
CA ARG A 396 6.55 27.87 2.39
C ARG A 396 5.72 26.99 3.35
N GLU A 397 4.46 27.35 3.59
CA GLU A 397 3.57 26.55 4.43
C GLU A 397 3.16 25.28 3.70
N ALA A 398 2.76 25.39 2.42
CA ALA A 398 2.36 24.23 1.65
C ALA A 398 3.51 23.19 1.53
N GLU A 399 4.73 23.66 1.31
CA GLU A 399 5.87 22.77 1.11
C GLU A 399 6.08 21.88 2.35
N ALA A 400 5.91 22.45 3.54
CA ALA A 400 6.03 21.69 4.77
C ALA A 400 4.92 20.64 4.84
N ALA A 401 3.77 20.88 4.20
CA ALA A 401 2.64 19.96 4.31
C ALA A 401 2.64 18.88 3.23
N VAL A 402 3.60 18.86 2.29
CA VAL A 402 3.71 17.73 1.29
C VAL A 402 3.84 16.39 2.04
N TYR A 403 3.13 15.35 1.62
CA TYR A 403 3.26 14.03 2.29
C TYR A 403 4.37 13.24 1.59
N HIS A 404 5.62 13.53 1.95
CA HIS A 404 6.79 13.02 1.18
C HIS A 404 6.77 11.49 1.14
N ARG A 405 6.31 10.88 2.25
CA ARG A 405 6.35 9.42 2.37
C ARG A 405 5.64 8.73 1.20
N GLN A 406 4.38 9.11 0.93
CA GLN A 406 3.65 8.50 -0.15
C GLN A 406 4.22 8.97 -1.50
N LEU A 407 4.55 10.25 -1.60
CA LEU A 407 5.13 10.83 -2.83
C LEU A 407 6.38 10.02 -3.25
N PHE A 408 7.34 9.87 -2.33
CA PHE A 408 8.59 9.18 -2.63
C PHE A 408 8.31 7.70 -2.99
N GLU A 409 7.48 7.04 -2.19
CA GLU A 409 7.15 5.63 -2.40
C GLU A 409 6.52 5.44 -3.79
N GLU A 410 5.68 6.39 -4.21
CA GLU A 410 4.95 6.26 -5.48
C GLU A 410 5.89 6.50 -6.67
N LEU A 411 6.88 7.38 -6.49
CA LEU A 411 7.87 7.63 -7.55
C LEU A 411 8.75 6.39 -7.75
N ARG A 412 9.15 5.73 -6.67
CA ARG A 412 9.88 4.47 -6.80
C ARG A 412 9.06 3.49 -7.66
N ARG A 413 7.85 3.17 -7.20
CA ARG A 413 6.95 2.19 -7.82
C ARG A 413 6.71 2.52 -9.30
N ALA A 414 6.69 3.82 -9.67
CA ALA A 414 6.12 4.26 -10.93
C ALA A 414 7.22 4.62 -11.94
N ALA A 415 8.32 5.21 -11.49
CA ALA A 415 9.42 5.64 -12.39
C ALA A 415 10.09 4.42 -13.02
N PRO A 416 10.78 4.57 -14.16
CA PRO A 416 11.55 3.46 -14.72
C PRO A 416 12.79 3.22 -13.85
N LEU A 417 13.36 2.02 -13.97
CA LEU A 417 14.71 1.73 -13.57
C LEU A 417 15.65 2.59 -14.42
N SER A 418 16.85 2.85 -13.91
CA SER A 418 17.81 3.68 -14.60
C SER A 418 19.20 3.07 -14.48
N ARG A 419 19.99 3.19 -15.54
CA ARG A 419 21.37 2.84 -15.56
C ARG A 419 22.26 4.09 -15.61
N ASP A 420 21.67 5.30 -15.60
CA ASP A 420 22.45 6.52 -15.55
C ASP A 420 23.02 6.71 -14.14
N PRO A 421 24.34 6.83 -13.95
CA PRO A 421 24.88 6.94 -12.60
C PRO A 421 24.52 8.19 -11.80
N THR A 422 24.21 9.30 -12.49
N THR A 422 24.16 9.29 -12.49
CA THR A 422 23.78 10.53 -11.80
CA THR A 422 23.81 10.49 -11.73
C THR A 422 22.40 10.28 -11.18
C THR A 422 22.40 10.28 -11.17
N GLU A 423 21.51 9.68 -11.96
CA GLU A 423 20.15 9.27 -11.55
C GLU A 423 20.18 8.38 -10.31
N VAL A 424 21.08 7.39 -10.35
CA VAL A 424 21.19 6.39 -9.30
C VAL A 424 21.73 7.08 -8.05
N THR A 425 22.74 7.93 -8.24
CA THR A 425 23.33 8.67 -7.12
C THR A 425 22.28 9.54 -6.44
N ALA A 426 21.42 10.15 -7.26
CA ALA A 426 20.47 11.15 -6.74
C ALA A 426 19.39 10.46 -5.89
N ILE A 427 18.90 9.27 -6.29
CA ILE A 427 17.87 8.65 -5.45
C ILE A 427 18.48 8.24 -4.11
N GLY A 428 19.76 7.83 -4.12
CA GLY A 428 20.45 7.41 -2.90
C GLY A 428 20.72 8.58 -1.98
N ALA A 429 21.14 9.69 -2.62
CA ALA A 429 21.36 10.94 -1.90
C ALA A 429 20.08 11.41 -1.22
N VAL A 430 18.95 11.35 -1.94
CA VAL A 430 17.72 11.91 -1.36
C VAL A 430 17.28 11.00 -0.22
N GLU A 431 17.23 9.70 -0.49
CA GLU A 431 16.92 8.72 0.57
C GLU A 431 17.81 8.98 1.79
N ALA A 432 19.11 9.18 1.57
CA ALA A 432 20.02 9.42 2.68
C ALA A 432 19.61 10.69 3.44
N SER A 433 19.17 11.72 2.68
CA SER A 433 18.76 13.01 3.30
C SER A 433 17.57 12.82 4.28
N PHE A 434 16.59 12.00 3.91
CA PHE A 434 15.47 11.65 4.84
C PHE A 434 15.97 10.87 6.07
N LYS A 435 16.91 9.94 5.88
CA LYS A 435 17.34 9.05 6.94
C LYS A 435 17.83 9.84 8.14
N CYS A 436 18.62 10.90 7.89
CA CYS A 436 19.27 11.66 8.94
C CYS A 436 18.70 13.08 9.11
N CYS A 437 17.56 13.40 8.49
CA CYS A 437 16.99 14.77 8.53
C CYS A 437 18.07 15.79 8.13
N ALA A 438 18.76 15.53 7.01
CA ALA A 438 19.85 16.42 6.59
C ALA A 438 19.28 17.82 6.37
N ALA A 439 20.06 18.85 6.69
CA ALA A 439 19.63 20.24 6.43
C ALA A 439 19.69 20.56 4.93
N ALA A 440 20.68 20.01 4.23
CA ALA A 440 20.82 20.26 2.81
C ALA A 440 21.49 19.09 2.13
N ILE A 441 21.32 19.07 0.80
CA ILE A 441 22.09 18.32 -0.18
C ILE A 441 22.84 19.34 -1.05
N ILE A 442 24.17 19.33 -0.94
CA ILE A 442 25.06 20.19 -1.72
C ILE A 442 25.49 19.41 -2.95
N VAL A 443 25.26 19.97 -4.13
CA VAL A 443 25.59 19.34 -5.40
C VAL A 443 26.41 20.31 -6.30
N LEU A 444 27.44 19.77 -6.97
CA LEU A 444 28.17 20.53 -7.99
C LEU A 444 27.52 20.18 -9.34
N THR A 445 27.22 21.22 -10.12
CA THR A 445 26.57 21.05 -11.40
C THR A 445 27.06 22.14 -12.37
N LYS A 446 27.39 21.73 -13.60
CA LYS A 446 27.81 22.63 -14.66
C LYS A 446 26.59 23.21 -15.36
N THR A 447 25.57 22.37 -15.57
CA THR A 447 24.40 22.70 -16.38
C THR A 447 23.11 22.78 -15.57
N GLY A 448 23.09 22.35 -14.30
CA GLY A 448 21.85 22.26 -13.56
C GLY A 448 21.33 20.83 -13.42
N ARG A 449 21.79 19.93 -14.29
CA ARG A 449 21.15 18.60 -14.45
C ARG A 449 21.25 17.76 -13.17
N SER A 450 22.43 17.68 -12.56
CA SER A 450 22.59 16.87 -11.34
C SER A 450 21.62 17.39 -10.24
N ALA A 451 21.38 18.72 -10.21
CA ALA A 451 20.48 19.30 -9.26
C ALA A 451 19.02 18.93 -9.60
N GLN A 452 18.70 19.00 -10.90
CA GLN A 452 17.38 18.66 -11.35
C GLN A 452 17.05 17.23 -10.91
N LEU A 453 18.01 16.31 -11.01
CA LEU A 453 17.76 14.87 -10.72
C LEU A 453 17.59 14.60 -9.22
N LEU A 454 18.14 15.46 -8.35
CA LEU A 454 17.83 15.43 -6.94
C LEU A 454 16.42 15.99 -6.69
N SER A 455 16.08 17.11 -7.35
CA SER A 455 14.80 17.83 -7.17
C SER A 455 13.61 16.91 -7.42
N GLN A 456 13.73 16.02 -8.41
CA GLN A 456 12.64 15.15 -8.87
C GLN A 456 12.10 14.23 -7.74
N TYR A 457 12.87 13.96 -6.67
CA TYR A 457 12.46 13.07 -5.55
C TYR A 457 11.99 13.88 -4.33
N ARG A 458 12.01 15.22 -4.50
CA ARG A 458 11.34 16.12 -3.63
C ARG A 458 11.88 16.00 -2.21
N PRO A 459 13.22 16.18 -1.99
CA PRO A 459 13.76 16.13 -0.64
C PRO A 459 13.20 17.28 0.18
N ARG A 460 13.14 17.10 1.50
CA ARG A 460 12.80 18.17 2.40
C ARG A 460 14.04 19.05 2.53
N ALA A 461 15.22 18.43 2.52
CA ALA A 461 16.51 19.14 2.52
C ALA A 461 16.63 20.04 1.28
N ALA A 462 17.16 21.25 1.50
CA ALA A 462 17.46 22.19 0.44
C ALA A 462 18.53 21.58 -0.48
N VAL A 463 18.31 21.66 -1.80
CA VAL A 463 19.34 21.32 -2.77
C VAL A 463 20.12 22.59 -3.13
N ILE A 464 21.32 22.74 -2.58
CA ILE A 464 22.20 23.86 -2.83
C ILE A 464 23.12 23.53 -4.02
N ALA A 465 22.85 24.13 -5.18
CA ALA A 465 23.58 23.85 -6.44
C ALA A 465 24.69 24.88 -6.64
N VAL A 466 25.96 24.45 -6.54
CA VAL A 466 27.13 25.24 -6.72
C VAL A 466 27.59 25.07 -8.17
N THR A 467 27.69 26.19 -8.90
CA THR A 467 27.99 26.19 -10.33
C THR A 467 28.80 27.44 -10.65
N ARG A 468 29.64 27.35 -11.70
CA ARG A 468 30.37 28.50 -12.25
C ARG A 468 29.53 29.15 -13.35
N SER A 469 28.46 28.48 -13.80
CA SER A 469 27.68 28.93 -14.93
C SER A 469 26.59 29.89 -14.46
N ALA A 470 26.72 31.18 -14.82
CA ALA A 470 25.75 32.20 -14.44
C ALA A 470 24.38 31.79 -14.95
N GLN A 471 24.35 31.25 -16.18
CA GLN A 471 23.12 30.90 -16.80
C GLN A 471 22.49 29.68 -16.11
N ALA A 472 23.30 28.67 -15.80
CA ALA A 472 22.77 27.53 -15.08
C ALA A 472 22.18 27.97 -13.73
N ALA A 473 22.87 28.89 -13.03
CA ALA A 473 22.40 29.39 -11.73
C ALA A 473 20.99 29.99 -11.86
N ARG A 474 20.71 30.64 -12.98
CA ARG A 474 19.41 31.27 -13.18
C ARG A 474 18.37 30.20 -13.51
N GLN A 475 18.76 29.28 -14.40
CA GLN A 475 17.83 28.28 -14.93
C GLN A 475 17.43 27.20 -13.90
N VAL A 476 18.23 26.94 -12.86
CA VAL A 476 17.85 25.90 -11.86
C VAL A 476 16.63 26.32 -11.02
N HIS A 477 16.25 27.62 -11.05
CA HIS A 477 15.06 28.07 -10.39
C HIS A 477 13.81 27.35 -10.89
N LEU A 478 13.87 26.77 -12.09
CA LEU A 478 12.75 26.01 -12.66
C LEU A 478 12.40 24.76 -11.84
N SER A 479 13.37 24.23 -11.09
CA SER A 479 13.21 22.96 -10.33
C SER A 479 13.02 23.26 -8.83
N ARG A 480 11.90 22.80 -8.28
CA ARG A 480 11.58 23.02 -6.87
C ARG A 480 12.79 22.61 -6.02
N GLY A 481 13.18 23.54 -5.14
CA GLY A 481 14.02 23.22 -4.02
C GLY A 481 15.49 23.33 -4.35
N VAL A 482 15.82 23.84 -5.56
CA VAL A 482 17.20 24.08 -5.95
C VAL A 482 17.56 25.56 -5.71
N PHE A 483 18.57 25.76 -4.88
CA PHE A 483 19.03 27.05 -4.47
C PHE A 483 20.41 27.30 -5.09
N PRO A 484 20.50 28.14 -6.14
CA PRO A 484 21.77 28.34 -6.85
C PRO A 484 22.82 29.18 -6.10
N LEU A 485 24.08 28.76 -6.16
CA LEU A 485 25.21 29.53 -5.70
C LEU A 485 26.20 29.67 -6.85
N LEU A 486 26.40 30.91 -7.33
CA LEU A 486 27.35 31.20 -8.37
C LEU A 486 28.76 31.28 -7.75
N TYR A 487 29.59 30.28 -8.03
CA TYR A 487 31.00 30.27 -7.62
C TYR A 487 31.82 31.05 -8.66
N ARG A 488 32.68 31.97 -8.17
CA ARG A 488 33.31 32.98 -9.01
C ARG A 488 34.84 32.81 -9.04
N GLU A 489 35.40 31.95 -8.19
CA GLU A 489 36.87 31.77 -8.11
C GLU A 489 37.35 30.98 -9.33
N PRO A 490 38.57 31.27 -9.85
CA PRO A 490 39.11 30.54 -10.99
C PRO A 490 39.66 29.20 -10.54
N PRO A 491 39.74 28.20 -11.44
CA PRO A 491 40.15 26.85 -11.08
C PRO A 491 41.38 26.76 -10.17
N GLU A 492 41.34 25.88 -9.17
CA GLU A 492 42.54 25.53 -8.45
C GLU A 492 43.48 24.76 -9.39
N ALA A 493 44.76 24.67 -9.03
CA ALA A 493 45.74 23.92 -9.81
C ALA A 493 45.38 22.43 -9.84
N ILE A 494 44.96 21.89 -8.69
CA ILE A 494 44.59 20.49 -8.61
C ILE A 494 43.07 20.39 -8.55
N TRP A 495 42.53 19.61 -9.48
CA TRP A 495 41.10 19.50 -9.69
C TRP A 495 40.39 19.04 -8.40
N ALA A 496 40.95 18.07 -7.67
CA ALA A 496 40.36 17.60 -6.38
C ALA A 496 40.23 18.76 -5.40
N ASP A 497 41.18 19.70 -5.46
CA ASP A 497 41.16 20.85 -4.55
C ASP A 497 40.08 21.84 -4.99
N ASP A 498 39.83 21.93 -6.31
CA ASP A 498 38.78 22.77 -6.85
C ASP A 498 37.39 22.27 -6.41
N VAL A 499 37.18 20.96 -6.50
CA VAL A 499 36.00 20.31 -6.03
C VAL A 499 35.84 20.64 -4.54
N ASP A 500 36.88 20.43 -3.73
CA ASP A 500 36.74 20.64 -2.27
C ASP A 500 36.35 22.09 -1.97
N ARG A 501 37.01 23.04 -2.65
CA ARG A 501 36.78 24.45 -2.38
C ARG A 501 35.33 24.79 -2.74
N ARG A 502 34.77 24.16 -3.79
CA ARG A 502 33.38 24.44 -4.17
C ARG A 502 32.39 23.87 -3.13
N VAL A 503 32.66 22.67 -2.62
CA VAL A 503 31.81 22.05 -1.59
C VAL A 503 31.85 22.96 -0.35
N GLN A 504 33.06 23.36 0.07
CA GLN A 504 33.26 24.22 1.26
C GLN A 504 32.54 25.55 1.06
N PHE A 505 32.56 26.06 -0.18
CA PHE A 505 31.81 27.25 -0.53
C PHE A 505 30.32 27.04 -0.26
N GLY A 506 29.78 25.88 -0.67
CA GLY A 506 28.36 25.56 -0.46
C GLY A 506 27.99 25.46 1.01
N ILE A 507 28.89 24.89 1.81
CA ILE A 507 28.64 24.70 3.23
C ILE A 507 28.63 26.08 3.90
N GLU A 508 29.57 26.95 3.50
CA GLU A 508 29.76 28.26 4.16
C GLU A 508 28.62 29.19 3.75
N SER A 509 28.19 29.16 2.48
CA SER A 509 27.01 29.95 2.06
C SER A 509 25.76 29.42 2.78
N GLY A 510 25.67 28.09 2.91
CA GLY A 510 24.64 27.48 3.70
C GLY A 510 24.60 28.03 5.13
N LYS A 511 25.77 28.09 5.79
CA LYS A 511 25.82 28.66 7.12
C LYS A 511 25.26 30.09 7.09
N LEU A 512 25.85 30.92 6.23
CA LEU A 512 25.65 32.34 6.33
C LEU A 512 24.25 32.72 5.85
N ARG A 513 23.57 31.83 5.11
CA ARG A 513 22.19 32.06 4.65
C ARG A 513 21.17 31.37 5.58
N GLY A 514 21.67 30.78 6.67
CA GLY A 514 20.80 30.17 7.67
C GLY A 514 20.27 28.79 7.30
N PHE A 515 20.79 28.17 6.22
CA PHE A 515 20.43 26.79 5.82
C PHE A 515 21.07 25.76 6.76
N LEU A 516 22.26 26.04 7.29
CA LEU A 516 23.03 25.05 8.02
C LEU A 516 23.55 25.68 9.29
N ARG A 517 23.90 24.82 10.23
CA ARG A 517 24.60 25.18 11.43
C ARG A 517 25.52 24.03 11.80
N VAL A 518 26.56 24.37 12.58
CA VAL A 518 27.53 23.43 13.01
C VAL A 518 26.78 22.24 13.63
N GLY A 519 27.19 21.02 13.25
CA GLY A 519 26.58 19.79 13.73
C GLY A 519 25.41 19.29 12.89
N ASP A 520 24.81 20.11 12.01
CA ASP A 520 23.90 19.54 10.99
C ASP A 520 24.65 18.45 10.20
N LEU A 521 23.88 17.54 9.60
CA LEU A 521 24.41 16.63 8.59
C LEU A 521 24.02 17.17 7.22
N VAL A 522 24.95 17.09 6.27
CA VAL A 522 24.67 17.44 4.90
C VAL A 522 25.00 16.22 4.05
N ILE A 523 24.30 16.09 2.92
CA ILE A 523 24.67 15.12 1.89
C ILE A 523 25.43 15.89 0.80
N VAL A 524 26.61 15.44 0.41
CA VAL A 524 27.38 16.07 -0.70
C VAL A 524 27.42 15.13 -1.91
N VAL A 525 27.05 15.68 -3.08
CA VAL A 525 26.95 14.97 -4.35
C VAL A 525 27.95 15.60 -5.33
N THR A 526 28.95 14.80 -5.72
CA THR A 526 30.01 15.22 -6.63
C THR A 526 30.15 14.20 -7.77
N GLY A 527 31.13 14.43 -8.65
CA GLY A 527 31.52 13.49 -9.71
C GLY A 527 33.01 13.18 -9.66
N TRP A 528 33.43 12.24 -10.52
CA TRP A 528 34.78 11.62 -10.36
C TRP A 528 35.80 12.25 -11.33
N ARG A 529 35.30 13.08 -12.29
CA ARG A 529 36.15 13.82 -13.22
C ARG A 529 35.42 15.08 -13.70
N PRO A 530 36.12 16.05 -14.35
CA PRO A 530 35.50 17.28 -14.87
C PRO A 530 34.58 17.06 -16.08
N GLY A 531 33.78 18.08 -16.38
CA GLY A 531 32.79 18.01 -17.47
C GLY A 531 31.48 17.42 -16.98
N SER A 532 30.43 17.60 -17.79
CA SER A 532 29.09 17.22 -17.42
C SER A 532 28.90 15.70 -17.57
N GLY A 533 28.11 15.13 -16.65
CA GLY A 533 27.60 13.78 -16.77
C GLY A 533 28.37 12.72 -15.97
N TYR A 534 29.25 13.13 -15.06
CA TYR A 534 30.02 12.17 -14.29
C TYR A 534 29.73 12.26 -12.79
N THR A 535 28.61 12.90 -12.42
CA THR A 535 28.16 12.89 -11.06
C THR A 535 27.89 11.43 -10.68
N ASN A 536 28.61 10.91 -9.69
CA ASN A 536 28.40 9.51 -9.26
C ASN A 536 28.83 9.27 -7.80
N ILE A 537 28.94 10.33 -6.99
CA ILE A 537 29.43 10.25 -5.61
C ILE A 537 28.42 10.92 -4.69
N MET A 538 28.11 10.24 -3.58
CA MET A 538 27.32 10.73 -2.49
C MET A 538 28.10 10.54 -1.18
N ARG A 539 28.25 11.60 -0.37
CA ARG A 539 28.99 11.56 0.90
C ARG A 539 28.13 12.11 2.02
N VAL A 540 28.33 11.61 3.23
CA VAL A 540 27.64 12.14 4.42
C VAL A 540 28.67 12.89 5.25
N LEU A 541 28.43 14.20 5.48
CA LEU A 541 29.33 15.09 6.20
C LEU A 541 28.60 15.75 7.37
N SER A 542 29.31 15.92 8.49
CA SER A 542 28.99 16.83 9.59
C SER A 542 29.58 18.23 9.34
N VAL A 543 28.75 19.25 9.48
CA VAL A 543 29.16 20.63 9.36
C VAL A 543 29.90 20.98 10.66
N SER A 544 31.16 21.41 10.54
CA SER A 544 31.97 21.85 11.68
C SER A 544 32.33 23.34 11.51
N HIS A 545 33.29 23.85 12.30
CA HIS A 545 33.63 25.29 12.33
C HIS A 545 34.55 25.70 11.18
N HIS A 546 35.71 25.05 11.04
CA HIS A 546 36.84 25.54 10.19
C HIS A 546 36.78 24.95 8.77
N LEU B 21 -22.09 -3.85 -20.11
CA LEU B 21 -22.05 -2.37 -19.83
C LEU B 21 -21.59 -1.62 -21.08
N GLY B 22 -20.39 -1.95 -21.59
CA GLY B 22 -19.81 -1.34 -22.79
C GLY B 22 -18.51 -0.61 -22.52
N THR B 23 -17.79 -0.27 -23.60
CA THR B 23 -16.54 0.50 -23.52
C THR B 23 -16.85 1.93 -23.06
N ALA B 24 -18.00 2.44 -23.50
CA ALA B 24 -18.44 3.80 -23.22
C ALA B 24 -18.50 4.00 -21.70
N PHE B 25 -18.94 2.97 -20.96
CA PHE B 25 -19.12 3.06 -19.50
C PHE B 25 -17.80 3.38 -18.80
N PHE B 26 -16.72 2.71 -19.21
CA PHE B 26 -15.42 2.75 -18.51
C PHE B 26 -14.54 3.89 -19.03
N GLN B 27 -15.09 4.71 -19.93
CA GLN B 27 -14.43 5.90 -20.42
C GLN B 27 -14.92 7.14 -19.64
N GLN B 28 -16.03 6.99 -18.89
CA GLN B 28 -16.75 8.09 -18.25
C GLN B 28 -16.45 8.05 -16.76
N GLN B 29 -16.74 9.16 -16.08
CA GLN B 29 -16.81 9.12 -14.63
C GLN B 29 -15.40 8.97 -14.03
N GLN B 30 -14.38 9.29 -14.86
CA GLN B 30 -12.94 9.19 -14.56
C GLN B 30 -12.56 7.76 -14.11
N LEU B 31 -13.20 6.73 -14.70
CA LEU B 31 -12.98 5.34 -14.29
C LEU B 31 -11.58 4.87 -14.66
N PRO B 32 -10.99 5.27 -15.81
CA PRO B 32 -9.57 4.98 -16.08
C PRO B 32 -8.65 5.42 -14.92
N ALA B 33 -8.95 6.59 -14.33
CA ALA B 33 -8.18 7.11 -13.23
C ALA B 33 -8.49 6.36 -11.93
N ALA B 34 -9.74 5.88 -11.77
CA ALA B 34 -10.19 5.25 -10.51
C ALA B 34 -9.47 3.91 -10.25
N MET B 35 -9.10 3.22 -11.35
CA MET B 35 -8.57 1.86 -11.31
C MET B 35 -7.04 1.88 -11.14
N ALA B 36 -6.43 3.07 -11.13
CA ALA B 36 -4.98 3.16 -11.08
C ALA B 36 -4.45 2.62 -9.75
N ASP B 37 -3.14 2.34 -9.72
CA ASP B 37 -2.54 1.60 -8.61
C ASP B 37 -1.84 2.55 -7.63
N THR B 38 -1.49 3.77 -8.05
CA THR B 38 -1.03 4.83 -7.12
C THR B 38 -1.90 6.08 -7.29
N PHE B 39 -1.91 6.95 -6.27
CA PHE B 39 -2.46 8.30 -6.37
C PHE B 39 -1.77 9.06 -7.51
N LEU B 40 -0.46 8.96 -7.60
CA LEU B 40 0.28 9.65 -8.66
C LEU B 40 -0.28 9.26 -10.05
N GLU B 41 -0.44 7.97 -10.31
CA GLU B 41 -0.89 7.47 -11.62
C GLU B 41 -2.36 7.81 -11.87
N HIS B 42 -3.19 7.81 -10.82
CA HIS B 42 -4.55 8.31 -10.85
C HIS B 42 -4.56 9.78 -11.31
N LEU B 43 -3.71 10.64 -10.75
CA LEU B 43 -3.62 12.03 -11.23
C LEU B 43 -3.26 12.04 -12.72
N CYS B 44 -2.32 11.18 -13.11
CA CYS B 44 -1.82 11.19 -14.48
C CYS B 44 -2.91 10.77 -15.47
N LEU B 45 -3.96 10.08 -14.99
CA LEU B 45 -5.02 9.50 -15.89
C LEU B 45 -6.32 10.31 -15.86
N LEU B 46 -6.38 11.39 -15.07
CA LEU B 46 -7.54 12.32 -15.10
C LEU B 46 -7.66 12.88 -16.52
N ASP B 47 -8.88 12.90 -17.03
CA ASP B 47 -9.16 13.17 -18.43
C ASP B 47 -10.31 14.18 -18.48
N ILE B 48 -10.09 15.29 -19.20
CA ILE B 48 -11.07 16.36 -19.31
C ILE B 48 -12.25 15.90 -20.19
N ASP B 49 -12.01 14.89 -21.03
CA ASP B 49 -13.04 14.35 -21.95
C ASP B 49 -13.81 13.21 -21.29
N SER B 50 -13.49 12.82 -20.05
CA SER B 50 -14.31 11.83 -19.31
C SER B 50 -15.44 12.53 -18.54
N GLN B 51 -16.69 12.34 -18.99
CA GLN B 51 -17.84 13.08 -18.48
C GLN B 51 -18.39 12.43 -17.21
N PRO B 52 -18.76 13.24 -16.19
CA PRO B 52 -19.48 12.71 -15.05
C PRO B 52 -20.86 12.21 -15.52
N VAL B 53 -21.24 11.05 -15.00
CA VAL B 53 -22.54 10.49 -15.26
C VAL B 53 -23.35 10.61 -13.96
N ALA B 54 -22.66 10.43 -12.83
CA ALA B 54 -23.26 10.37 -11.52
C ALA B 54 -23.92 11.72 -11.17
N ALA B 55 -24.84 11.64 -10.21
CA ALA B 55 -25.51 12.77 -9.68
C ALA B 55 -24.57 13.48 -8.70
N ARG B 56 -24.55 14.81 -8.74
CA ARG B 56 -23.73 15.67 -7.88
C ARG B 56 -24.06 15.38 -6.41
N SER B 57 -23.02 15.11 -5.62
CA SER B 57 -23.17 14.56 -4.31
C SER B 57 -22.82 15.57 -3.21
N THR B 58 -21.99 16.59 -3.53
CA THR B 58 -21.69 17.69 -2.57
C THR B 58 -22.88 18.68 -2.59
N SER B 59 -23.54 18.82 -1.44
CA SER B 59 -24.67 19.72 -1.27
C SER B 59 -24.19 21.20 -1.33
N ILE B 60 -25.04 22.07 -1.88
CA ILE B 60 -24.75 23.49 -2.00
C ILE B 60 -25.59 24.28 -0.99
N ILE B 61 -24.91 25.00 -0.11
CA ILE B 61 -25.49 25.95 0.79
C ILE B 61 -25.43 27.33 0.13
N ALA B 62 -26.57 28.04 0.03
CA ALA B 62 -26.65 29.43 -0.46
C ALA B 62 -27.23 30.34 0.62
N THR B 63 -26.54 31.46 0.83
CA THR B 63 -26.98 32.47 1.73
C THR B 63 -28.05 33.33 1.06
N ILE B 64 -29.18 33.45 1.75
CA ILE B 64 -30.36 34.10 1.23
C ILE B 64 -30.41 35.55 1.78
N GLY B 65 -30.40 36.51 0.85
CA GLY B 65 -30.48 37.96 1.19
C GLY B 65 -31.14 38.77 0.07
N PRO B 66 -30.89 40.11 -0.01
CA PRO B 66 -31.55 40.97 -1.01
C PRO B 66 -31.49 40.42 -2.45
N ALA B 67 -30.41 39.71 -2.83
CA ALA B 67 -30.28 39.22 -4.25
C ALA B 67 -31.01 37.88 -4.53
N SER B 68 -31.59 37.24 -3.51
CA SER B 68 -32.00 35.82 -3.63
C SER B 68 -33.21 35.53 -2.74
N ARG B 69 -34.03 36.55 -2.55
CA ARG B 69 -35.10 36.61 -1.56
C ARG B 69 -36.47 36.34 -2.23
N SER B 70 -36.59 36.58 -3.53
CA SER B 70 -37.90 36.50 -4.17
C SER B 70 -38.19 35.04 -4.59
N VAL B 71 -39.47 34.68 -4.52
CA VAL B 71 -39.96 33.36 -4.85
C VAL B 71 -39.49 32.97 -6.26
N ASP B 72 -39.52 33.90 -7.23
CA ASP B 72 -39.13 33.51 -8.60
C ASP B 72 -37.66 33.06 -8.58
N ARG B 73 -36.81 33.88 -7.94
CA ARG B 73 -35.39 33.62 -7.92
C ARG B 73 -35.09 32.32 -7.19
N LEU B 74 -35.66 32.15 -5.99
CA LEU B 74 -35.48 30.98 -5.18
C LEU B 74 -35.83 29.71 -6.00
N LYS B 75 -36.83 29.80 -6.88
CA LYS B 75 -37.21 28.67 -7.71
C LYS B 75 -36.08 28.36 -8.68
N GLU B 76 -35.46 29.43 -9.22
CA GLU B 76 -34.31 29.27 -10.11
C GLU B 76 -33.13 28.66 -9.33
N MET B 77 -32.89 29.11 -8.08
CA MET B 77 -31.74 28.61 -7.30
C MET B 77 -31.90 27.10 -7.08
N ILE B 78 -33.12 26.68 -6.72
CA ILE B 78 -33.42 25.27 -6.48
C ILE B 78 -33.17 24.47 -7.76
N LYS B 79 -33.66 24.98 -8.89
CA LYS B 79 -33.39 24.33 -10.15
C LYS B 79 -31.88 24.21 -10.42
N ALA B 80 -31.09 25.21 -10.02
CA ALA B 80 -29.65 25.23 -10.33
C ALA B 80 -28.88 24.28 -9.40
N GLY B 81 -29.39 24.00 -8.19
CA GLY B 81 -28.81 22.97 -7.33
C GLY B 81 -28.77 23.27 -5.84
N MET B 82 -29.32 24.41 -5.42
CA MET B 82 -29.29 24.79 -3.99
C MET B 82 -30.03 23.73 -3.17
N ASN B 83 -29.41 23.29 -2.07
CA ASN B 83 -29.99 22.24 -1.25
C ASN B 83 -30.26 22.77 0.15
N ILE B 84 -29.47 23.75 0.60
CA ILE B 84 -29.58 24.30 1.94
C ILE B 84 -29.62 25.83 1.85
N ALA B 85 -30.60 26.46 2.53
CA ALA B 85 -30.71 27.91 2.53
C ALA B 85 -30.18 28.44 3.86
N ARG B 86 -29.19 29.31 3.77
CA ARG B 86 -28.54 29.87 4.94
C ARG B 86 -29.10 31.27 5.20
N LEU B 87 -29.46 31.53 6.46
CA LEU B 87 -30.05 32.79 6.92
C LEU B 87 -29.16 33.34 8.02
N ASN B 88 -28.50 34.47 7.74
CA ASN B 88 -27.48 34.98 8.62
C ASN B 88 -28.10 36.03 9.55
N PHE B 89 -28.16 35.72 10.84
CA PHE B 89 -28.84 36.55 11.82
C PHE B 89 -27.91 37.66 12.32
N SER B 90 -26.74 37.78 11.67
CA SER B 90 -25.85 38.92 11.84
C SER B 90 -26.39 40.11 11.05
N HIS B 91 -27.35 39.82 10.17
CA HIS B 91 -28.00 40.74 9.28
C HIS B 91 -29.52 40.56 9.35
N GLY B 92 -30.23 41.38 8.56
CA GLY B 92 -31.68 41.55 8.57
C GLY B 92 -32.26 41.70 9.97
N SER B 93 -33.35 40.98 10.20
CA SER B 93 -34.19 41.08 11.40
C SER B 93 -35.05 39.81 11.46
N HIS B 94 -35.60 39.50 12.63
CA HIS B 94 -36.54 38.37 12.72
C HIS B 94 -37.58 38.47 11.60
N GLU B 95 -38.14 39.67 11.40
CA GLU B 95 -39.21 39.87 10.42
C GLU B 95 -38.70 39.60 9.00
N TYR B 96 -37.51 40.10 8.68
CA TYR B 96 -36.94 39.97 7.35
C TYR B 96 -36.65 38.50 7.03
N HIS B 97 -36.08 37.77 8.02
CA HIS B 97 -35.75 36.33 7.83
C HIS B 97 -37.02 35.47 7.75
N ALA B 98 -38.03 35.75 8.57
CA ALA B 98 -39.31 34.99 8.52
C ALA B 98 -39.90 35.08 7.13
N GLU B 99 -39.76 36.24 6.50
CA GLU B 99 -40.30 36.44 5.16
C GLU B 99 -39.45 35.67 4.15
N SER B 100 -38.12 35.69 4.35
CA SER B 100 -37.21 34.88 3.51
C SER B 100 -37.63 33.41 3.61
N ILE B 101 -37.85 32.93 4.84
CA ILE B 101 -38.22 31.55 5.09
C ILE B 101 -39.51 31.18 4.36
N ALA B 102 -40.50 32.09 4.35
CA ALA B 102 -41.77 31.85 3.71
C ALA B 102 -41.57 31.73 2.19
N ASN B 103 -40.75 32.63 1.62
CA ASN B 103 -40.52 32.58 0.20
C ASN B 103 -39.77 31.26 -0.14
N ILE B 104 -38.87 30.82 0.75
CA ILE B 104 -38.09 29.61 0.47
C ILE B 104 -39.05 28.41 0.40
N ARG B 105 -39.86 28.27 1.46
CA ARG B 105 -40.85 27.20 1.58
C ARG B 105 -41.84 27.27 0.42
N GLU B 106 -42.27 28.47 0.04
CA GLU B 106 -43.24 28.57 -1.06
C GLU B 106 -42.55 28.14 -2.37
N ALA B 107 -41.31 28.57 -2.60
CA ALA B 107 -40.58 28.16 -3.79
C ALA B 107 -40.35 26.65 -3.80
N THR B 108 -40.02 26.09 -2.64
CA THR B 108 -39.76 24.65 -2.51
C THR B 108 -41.04 23.86 -2.81
N GLU B 109 -42.17 24.29 -2.25
CA GLU B 109 -43.40 23.49 -2.29
C GLU B 109 -44.10 23.60 -3.65
N SER B 110 -43.62 24.48 -4.54
CA SER B 110 -44.13 24.59 -5.92
C SER B 110 -43.83 23.33 -6.74
N PHE B 111 -42.81 22.57 -6.34
CA PHE B 111 -42.36 21.37 -7.06
C PHE B 111 -42.94 20.09 -6.43
N ALA B 112 -43.77 20.22 -5.38
CA ALA B 112 -44.39 19.07 -4.65
C ALA B 112 -45.57 18.46 -5.43
N THR B 113 -45.94 19.06 -6.57
CA THR B 113 -46.98 18.51 -7.48
C THR B 113 -46.45 17.29 -8.26
N SER B 114 -45.14 17.18 -8.51
CA SER B 114 -44.53 15.95 -9.13
C SER B 114 -43.68 15.21 -8.09
N PRO B 115 -44.24 14.37 -7.20
CA PRO B 115 -43.52 13.92 -6.00
C PRO B 115 -42.26 13.08 -6.24
N LEU B 116 -42.09 12.56 -7.46
CA LEU B 116 -40.94 11.74 -7.84
C LEU B 116 -39.69 12.61 -8.11
N SER B 117 -39.88 13.90 -8.46
CA SER B 117 -38.77 14.87 -8.76
C SER B 117 -38.66 15.99 -7.71
N TYR B 118 -39.51 15.96 -6.67
CA TYR B 118 -39.51 16.95 -5.60
C TYR B 118 -38.15 16.92 -4.89
N ARG B 119 -37.59 18.12 -4.68
CA ARG B 119 -36.29 18.32 -4.04
C ARG B 119 -36.46 19.05 -2.72
N PRO B 120 -36.24 18.37 -1.59
CA PRO B 120 -36.19 19.05 -0.29
C PRO B 120 -35.08 20.11 -0.24
N VAL B 121 -35.34 21.13 0.58
CA VAL B 121 -34.45 22.26 0.83
C VAL B 121 -34.43 22.53 2.33
N ALA B 122 -33.25 22.41 2.93
CA ALA B 122 -33.12 22.66 4.34
C ALA B 122 -33.08 24.18 4.60
N ILE B 123 -33.45 24.58 5.81
CA ILE B 123 -33.29 25.92 6.26
C ILE B 123 -32.35 25.89 7.45
N ALA B 124 -31.25 26.65 7.31
CA ALA B 124 -30.23 26.79 8.33
C ALA B 124 -30.20 28.24 8.83
N LEU B 125 -30.17 28.35 10.16
CA LEU B 125 -30.04 29.58 10.88
C LEU B 125 -28.58 29.71 11.30
N ASP B 126 -27.92 30.79 10.86
CA ASP B 126 -26.58 31.13 11.23
C ASP B 126 -26.61 32.21 12.30
N THR B 127 -26.04 31.92 13.48
CA THR B 127 -26.17 32.78 14.64
C THR B 127 -25.15 33.92 14.60
N LYS B 128 -25.33 34.89 15.50
CA LYS B 128 -24.35 35.96 15.72
C LYS B 128 -23.16 35.34 16.46
N GLY B 129 -23.46 34.78 17.64
CA GLY B 129 -22.42 34.24 18.47
C GLY B 129 -21.58 35.36 19.04
N PRO B 130 -20.44 35.03 19.68
CA PRO B 130 -19.63 36.04 20.34
C PRO B 130 -18.79 36.88 19.36
N GLU B 131 -19.47 37.78 18.65
CA GLU B 131 -18.85 38.58 17.60
C GLU B 131 -19.02 40.07 17.88
N ILE B 132 -18.18 40.87 17.22
CA ILE B 132 -18.28 42.31 17.24
C ILE B 132 -18.65 42.75 15.84
N ARG B 133 -19.60 43.68 15.76
CA ARG B 133 -20.10 44.20 14.51
C ARG B 133 -20.11 45.73 14.54
N THR B 134 -20.04 46.33 13.35
CA THR B 134 -20.13 47.76 13.14
C THR B 134 -21.61 48.09 13.04
N GLY B 135 -21.93 49.37 12.89
CA GLY B 135 -23.32 49.82 12.86
C GLY B 135 -23.87 49.91 11.45
N VAL B 136 -25.12 50.33 11.38
CA VAL B 136 -25.79 50.62 10.17
C VAL B 136 -25.36 52.03 9.78
N LEU B 137 -25.00 52.16 8.50
CA LEU B 137 -24.49 53.41 7.94
C LEU B 137 -25.65 54.40 7.80
N GLN B 138 -25.33 55.70 7.85
CA GLN B 138 -26.31 56.77 7.67
C GLN B 138 -27.22 56.46 6.48
N GLY B 139 -26.63 56.05 5.35
CA GLY B 139 -27.37 55.92 4.09
C GLY B 139 -28.28 54.70 4.03
N GLY B 140 -28.31 53.91 5.11
CA GLY B 140 -29.20 52.78 5.20
C GLY B 140 -28.46 51.46 5.17
N PRO B 141 -29.19 50.35 5.44
CA PRO B 141 -28.59 49.02 5.55
C PRO B 141 -28.04 48.40 4.25
N GLU B 142 -28.46 48.91 3.09
CA GLU B 142 -27.92 48.48 1.77
C GLU B 142 -26.99 49.55 1.17
N SER B 143 -26.58 50.56 1.96
CA SER B 143 -25.74 51.59 1.45
C SER B 143 -24.28 51.21 1.72
N GLU B 144 -23.37 51.95 1.08
CA GLU B 144 -21.95 51.67 1.17
C GLU B 144 -21.21 52.99 1.17
N VAL B 145 -20.04 52.98 1.81
CA VAL B 145 -19.18 54.12 1.81
C VAL B 145 -17.77 53.65 1.53
N GLU B 146 -16.92 54.55 1.03
CA GLU B 146 -15.54 54.20 0.72
C GLU B 146 -14.59 54.76 1.78
N ILE B 147 -13.79 53.86 2.36
CA ILE B 147 -12.78 54.21 3.29
C ILE B 147 -11.41 54.21 2.59
N VAL B 148 -10.72 55.35 2.71
CA VAL B 148 -9.57 55.61 1.90
C VAL B 148 -8.32 55.44 2.74
N LYS B 149 -7.34 54.77 2.14
CA LYS B 149 -6.00 54.54 2.69
C LYS B 149 -5.36 55.86 3.12
N GLY B 150 -4.82 55.92 4.35
CA GLY B 150 -4.11 57.05 4.84
C GLY B 150 -5.01 58.05 5.57
N SER B 151 -6.33 57.89 5.43
CA SER B 151 -7.32 58.71 6.09
C SER B 151 -7.39 58.39 7.58
N GLN B 152 -8.04 59.33 8.29
CA GLN B 152 -8.37 59.22 9.66
C GLN B 152 -9.80 58.67 9.77
N VAL B 153 -9.99 57.70 10.67
CA VAL B 153 -11.31 57.11 10.97
C VAL B 153 -11.45 56.97 12.50
N LEU B 154 -12.53 57.52 13.03
CA LEU B 154 -12.85 57.44 14.45
C LEU B 154 -13.70 56.18 14.67
N VAL B 155 -13.21 55.30 15.53
CA VAL B 155 -13.99 54.18 15.98
C VAL B 155 -14.66 54.57 17.30
N THR B 156 -15.99 54.52 17.31
CA THR B 156 -16.71 55.05 18.46
C THR B 156 -17.72 54.02 18.98
N VAL B 157 -18.06 54.24 20.24
CA VAL B 157 -18.97 53.43 21.00
C VAL B 157 -20.20 54.25 21.47
N ASP B 158 -20.18 55.55 21.15
CA ASP B 158 -21.20 56.51 21.49
C ASP B 158 -22.52 56.16 20.78
N PRO B 159 -23.56 55.81 21.57
CA PRO B 159 -24.87 55.47 21.02
C PRO B 159 -25.40 56.40 19.92
N LYS B 160 -25.07 57.69 19.92
CA LYS B 160 -25.65 58.59 18.90
C LYS B 160 -25.16 58.25 17.48
N PHE B 161 -24.15 57.38 17.35
CA PHE B 161 -23.57 57.07 16.04
C PHE B 161 -24.05 55.70 15.52
N GLN B 162 -24.88 55.03 16.33
CA GLN B 162 -25.20 53.66 16.07
C GLN B 162 -25.77 53.51 14.66
N THR B 163 -26.52 54.52 14.19
CA THR B 163 -27.16 54.49 12.86
C THR B 163 -26.65 55.63 11.96
N ARG B 164 -25.49 56.22 12.29
CA ARG B 164 -25.01 57.40 11.56
C ARG B 164 -23.57 57.20 11.06
N GLY B 165 -23.15 55.93 10.86
CA GLY B 165 -21.78 55.63 10.44
C GLY B 165 -21.54 56.15 9.04
N ASP B 166 -20.31 56.61 8.78
CA ASP B 166 -19.95 57.04 7.43
C ASP B 166 -18.47 56.72 7.24
N ALA B 167 -17.81 57.40 6.30
CA ALA B 167 -16.40 57.12 5.99
C ALA B 167 -15.47 57.65 7.10
N LYS B 168 -15.94 58.60 7.90
CA LYS B 168 -15.07 59.26 8.89
C LYS B 168 -15.29 58.63 10.27
N THR B 169 -16.50 58.13 10.54
CA THR B 169 -16.87 57.59 11.85
C THR B 169 -17.54 56.22 11.72
N VAL B 170 -16.99 55.25 12.45
CA VAL B 170 -17.46 53.86 12.48
C VAL B 170 -17.92 53.53 13.91
N TRP B 171 -19.20 53.17 14.06
CA TRP B 171 -19.72 52.70 15.36
C TRP B 171 -19.55 51.17 15.45
N VAL B 172 -19.27 50.70 16.67
CA VAL B 172 -19.00 49.30 16.95
C VAL B 172 -19.84 48.89 18.18
N ASP B 173 -20.28 47.62 18.25
CA ASP B 173 -21.27 47.21 19.30
C ASP B 173 -20.58 46.52 20.49
N TYR B 174 -19.27 46.71 20.62
CA TYR B 174 -18.57 46.24 21.75
C TYR B 174 -18.08 47.46 22.55
N HIS B 175 -18.84 47.82 23.59
CA HIS B 175 -18.69 49.09 24.34
C HIS B 175 -17.28 49.18 24.97
N ASN B 176 -16.60 48.06 25.17
CA ASN B 176 -15.30 48.01 25.82
C ASN B 176 -14.10 48.00 24.81
N ILE B 177 -14.26 48.29 23.50
CA ILE B 177 -13.03 48.26 22.54
C ILE B 177 -11.90 49.14 23.11
N THR B 178 -12.27 50.32 23.64
CA THR B 178 -11.29 51.30 24.12
C THR B 178 -10.30 50.66 25.10
N ARG B 179 -10.71 49.58 25.78
CA ARG B 179 -9.89 48.98 26.82
C ARG B 179 -9.06 47.79 26.32
N VAL B 180 -9.39 47.23 25.15
CA VAL B 180 -8.71 45.99 24.70
C VAL B 180 -7.72 46.27 23.56
N VAL B 181 -8.00 47.28 22.71
CA VAL B 181 -7.09 47.64 21.62
C VAL B 181 -6.05 48.64 22.17
N ALA B 182 -4.79 48.40 21.80
CA ALA B 182 -3.65 49.26 22.14
C ALA B 182 -3.32 50.25 21.02
N VAL B 183 -2.48 51.24 21.36
CA VAL B 183 -1.93 52.17 20.39
C VAL B 183 -1.00 51.40 19.47
N GLY B 184 -1.22 51.54 18.16
CA GLY B 184 -0.47 50.79 17.13
C GLY B 184 -1.14 49.48 16.80
N GLY B 185 -2.23 49.16 17.51
CA GLY B 185 -2.97 47.94 17.32
C GLY B 185 -3.90 48.08 16.13
N ARG B 186 -4.28 46.94 15.54
CA ARG B 186 -5.15 46.88 14.37
C ARG B 186 -6.59 46.53 14.76
N ILE B 187 -7.53 47.19 14.10
CA ILE B 187 -8.93 46.85 14.06
C ILE B 187 -9.23 46.52 12.60
N TYR B 188 -9.63 45.27 12.34
CA TYR B 188 -9.98 44.85 11.01
C TYR B 188 -11.49 44.87 10.87
N ILE B 189 -11.99 45.22 9.69
CA ILE B 189 -13.43 45.26 9.41
C ILE B 189 -13.73 44.44 8.14
N ASP B 190 -14.80 43.66 8.22
CA ASP B 190 -15.36 42.82 7.16
C ASP B 190 -14.35 41.73 6.75
N ASP B 191 -14.14 40.75 7.62
CA ASP B 191 -13.25 39.64 7.35
C ASP B 191 -11.90 40.17 6.85
N GLY B 192 -11.49 41.34 7.36
CA GLY B 192 -10.17 41.88 7.09
C GLY B 192 -10.06 42.68 5.78
N LEU B 193 -11.19 43.05 5.16
CA LEU B 193 -11.15 43.90 3.99
C LEU B 193 -10.43 45.21 4.32
N ILE B 194 -10.74 45.80 5.48
CA ILE B 194 -10.29 47.13 5.87
C ILE B 194 -9.43 46.99 7.11
N SER B 195 -8.25 47.65 7.16
CA SER B 195 -7.41 47.66 8.36
C SER B 195 -7.19 49.08 8.89
N LEU B 196 -7.56 49.30 10.17
CA LEU B 196 -7.38 50.55 10.88
C LEU B 196 -6.32 50.37 11.97
N VAL B 197 -5.46 51.37 12.14
CA VAL B 197 -4.37 51.32 13.12
C VAL B 197 -4.61 52.46 14.12
N VAL B 198 -4.66 52.11 15.42
CA VAL B 198 -5.03 53.04 16.49
C VAL B 198 -3.90 54.07 16.66
N GLN B 199 -4.27 55.35 16.64
CA GLN B 199 -3.29 56.43 16.81
C GLN B 199 -3.34 56.94 18.26
N LYS B 200 -4.57 57.08 18.78
CA LYS B 200 -4.83 57.63 20.11
C LYS B 200 -6.16 57.06 20.66
N ILE B 201 -6.17 56.81 21.97
CA ILE B 201 -7.36 56.35 22.71
C ILE B 201 -7.89 57.53 23.53
N GLY B 202 -9.18 57.88 23.34
CA GLY B 202 -9.81 59.05 23.99
C GLY B 202 -11.25 58.80 24.46
N PRO B 203 -11.92 59.84 25.02
CA PRO B 203 -13.35 59.78 25.35
C PRO B 203 -14.28 59.65 24.13
N GLU B 204 -13.92 60.30 23.03
CA GLU B 204 -14.69 60.23 21.76
C GLU B 204 -14.71 58.77 21.24
N GLY B 205 -13.64 58.00 21.52
CA GLY B 205 -13.43 56.59 21.05
C GLY B 205 -11.97 56.32 20.66
N LEU B 206 -11.74 55.58 19.58
CA LEU B 206 -10.34 55.35 19.10
C LEU B 206 -10.13 56.13 17.82
N VAL B 207 -9.08 56.96 17.80
CA VAL B 207 -8.70 57.64 16.56
C VAL B 207 -7.72 56.72 15.84
N THR B 208 -8.08 56.37 14.60
CA THR B 208 -7.31 55.46 13.77
C THR B 208 -6.94 56.14 12.45
N GLU B 209 -5.95 55.56 11.79
CA GLU B 209 -5.59 55.82 10.41
C GLU B 209 -5.64 54.48 9.64
N VAL B 210 -6.12 54.58 8.39
CA VAL B 210 -6.39 53.46 7.52
C VAL B 210 -5.11 52.93 6.86
N GLU B 211 -4.79 51.66 7.15
CA GLU B 211 -3.68 50.93 6.54
C GLU B 211 -4.10 50.41 5.16
N HIS B 212 -5.30 49.84 5.12
CA HIS B 212 -5.93 49.33 3.92
C HIS B 212 -7.38 49.74 3.94
N GLY B 213 -7.76 50.41 2.87
CA GLY B 213 -9.11 50.87 2.67
C GLY B 213 -9.89 49.88 1.83
N GLY B 214 -11.12 50.27 1.54
CA GLY B 214 -12.07 49.40 0.90
C GLY B 214 -13.45 49.96 1.04
N ILE B 215 -14.44 49.26 0.51
CA ILE B 215 -15.81 49.63 0.56
C ILE B 215 -16.45 48.99 1.80
N LEU B 216 -17.02 49.83 2.67
CA LEU B 216 -17.62 49.44 3.91
C LEU B 216 -19.14 49.45 3.77
N GLY B 217 -19.79 48.30 4.00
CA GLY B 217 -21.22 48.25 4.16
C GLY B 217 -21.64 48.36 5.62
N SER B 218 -22.88 47.96 5.91
CA SER B 218 -23.45 48.00 7.27
C SER B 218 -23.23 46.67 8.03
N ARG B 219 -22.98 46.77 9.33
CA ARG B 219 -23.01 45.62 10.24
C ARG B 219 -22.00 44.55 9.78
N LYS B 220 -20.74 44.98 9.68
CA LYS B 220 -19.64 44.21 9.23
C LYS B 220 -18.84 43.76 10.43
N GLY B 221 -18.26 42.57 10.32
CA GLY B 221 -17.52 41.97 11.38
C GLY B 221 -16.27 42.77 11.69
N VAL B 222 -15.94 42.79 12.98
CA VAL B 222 -14.76 43.40 13.51
C VAL B 222 -13.92 42.27 14.08
N ASN B 223 -12.64 42.21 13.72
CA ASN B 223 -11.73 41.21 14.25
C ASN B 223 -10.52 41.93 14.84
N LEU B 224 -10.15 41.55 16.06
CA LEU B 224 -9.15 42.24 16.85
C LEU B 224 -8.00 41.29 17.13
N PRO B 225 -6.85 41.38 16.41
CA PRO B 225 -5.69 40.55 16.72
C PRO B 225 -5.02 41.00 18.02
N ASN B 226 -4.39 40.04 18.72
CA ASN B 226 -3.60 40.27 19.95
C ASN B 226 -4.48 40.76 21.09
N THR B 227 -5.78 40.44 21.05
CA THR B 227 -6.68 40.69 22.14
C THR B 227 -7.30 39.36 22.58
N GLU B 228 -7.76 39.32 23.83
CA GLU B 228 -8.75 38.38 24.30
C GLU B 228 -10.00 39.20 24.65
N VAL B 229 -11.14 38.71 24.19
CA VAL B 229 -12.39 39.32 24.45
C VAL B 229 -13.26 38.19 25.04
N ASP B 230 -13.68 38.35 26.30
CA ASP B 230 -14.57 37.34 26.88
C ASP B 230 -15.99 37.88 26.75
N LEU B 231 -16.60 37.50 25.62
CA LEU B 231 -17.98 37.68 25.32
C LEU B 231 -18.70 36.39 25.72
N PRO B 232 -19.96 36.50 26.18
CA PRO B 232 -20.68 35.36 26.76
C PRO B 232 -20.51 34.01 26.00
N GLY B 233 -20.95 33.97 24.75
CA GLY B 233 -21.11 32.71 24.04
C GLY B 233 -22.50 32.65 23.45
N LEU B 234 -23.51 32.80 24.32
CA LEU B 234 -24.87 33.11 23.94
C LEU B 234 -25.28 34.44 24.56
N SER B 235 -25.40 35.48 23.72
CA SER B 235 -25.90 36.79 24.11
C SER B 235 -27.40 36.70 24.37
N GLU B 236 -28.05 37.79 24.77
CA GLU B 236 -29.51 37.78 24.89
C GLU B 236 -30.15 37.74 23.49
N GLN B 237 -29.44 38.25 22.48
CA GLN B 237 -29.95 38.22 21.11
C GLN B 237 -29.86 36.79 20.53
N ASP B 238 -28.80 36.06 20.89
CA ASP B 238 -28.60 34.69 20.40
C ASP B 238 -29.75 33.78 20.87
N LEU B 239 -30.22 33.98 22.11
CA LEU B 239 -31.32 33.21 22.71
C LEU B 239 -32.61 33.53 21.97
N LEU B 240 -32.87 34.82 21.74
CA LEU B 240 -34.01 35.26 20.90
C LEU B 240 -33.93 34.55 19.55
N ASP B 241 -32.73 34.54 18.96
CA ASP B 241 -32.53 34.04 17.60
C ASP B 241 -32.73 32.51 17.58
N LEU B 242 -32.23 31.81 18.59
CA LEU B 242 -32.41 30.37 18.66
C LEU B 242 -33.89 30.02 18.90
N ARG B 243 -34.59 30.79 19.75
CA ARG B 243 -36.05 30.58 19.92
C ARG B 243 -36.78 30.81 18.60
N PHE B 244 -36.32 31.79 17.81
CA PHE B 244 -36.94 32.00 16.51
C PHE B 244 -36.77 30.73 15.67
N GLY B 245 -35.59 30.11 15.79
CA GLY B 245 -35.24 28.93 15.00
C GLY B 245 -36.21 27.80 15.23
N VAL B 246 -36.36 27.44 16.50
CA VAL B 246 -37.32 26.41 16.94
C VAL B 246 -38.73 26.74 16.43
N GLN B 247 -39.20 27.98 16.68
CA GLN B 247 -40.59 28.39 16.38
C GLN B 247 -40.86 28.39 14.87
N HIS B 248 -39.83 28.64 14.03
CA HIS B 248 -39.97 28.61 12.56
C HIS B 248 -39.53 27.26 11.97
N ASN B 249 -39.22 26.32 12.87
CA ASN B 249 -38.96 24.93 12.53
C ASN B 249 -37.82 24.85 11.50
N VAL B 250 -36.67 25.43 11.85
CA VAL B 250 -35.47 25.33 11.02
C VAL B 250 -34.85 23.95 11.25
N ASP B 251 -34.01 23.52 10.32
CA ASP B 251 -33.44 22.14 10.31
C ASP B 251 -32.05 22.08 10.96
N ILE B 252 -31.35 23.21 10.94
CA ILE B 252 -29.91 23.31 11.15
C ILE B 252 -29.59 24.66 11.81
N ILE B 253 -28.75 24.65 12.84
CA ILE B 253 -28.07 25.83 13.37
C ILE B 253 -26.62 25.79 12.90
N PHE B 254 -26.18 26.86 12.22
CA PHE B 254 -24.76 27.15 12.07
C PHE B 254 -24.33 28.03 13.25
N ALA B 255 -23.65 27.44 14.25
CA ALA B 255 -23.27 28.18 15.48
C ALA B 255 -21.96 28.91 15.24
N SER B 256 -22.03 30.24 15.14
CA SER B 256 -20.85 31.06 14.88
C SER B 256 -19.89 31.07 16.07
N PHE B 257 -18.61 31.19 15.76
CA PHE B 257 -17.54 31.38 16.72
C PHE B 257 -17.67 30.40 17.89
N VAL B 258 -17.78 29.12 17.58
CA VAL B 258 -17.66 28.07 18.56
C VAL B 258 -16.16 27.95 18.92
N ARG B 259 -15.86 28.08 20.20
CA ARG B 259 -14.52 28.16 20.71
C ARG B 259 -14.19 26.94 21.56
N LYS B 260 -15.20 26.26 22.12
CA LYS B 260 -15.00 25.16 23.07
C LYS B 260 -16.29 24.32 23.17
N ALA B 261 -16.17 23.15 23.80
CA ALA B 261 -17.30 22.21 23.87
C ALA B 261 -18.53 22.86 24.53
N SER B 262 -18.31 23.72 25.53
CA SER B 262 -19.37 24.28 26.34
C SER B 262 -20.24 25.27 25.53
N ASP B 263 -19.64 25.98 24.56
CA ASP B 263 -20.43 26.80 23.64
C ASP B 263 -21.50 25.94 22.98
N VAL B 264 -21.11 24.71 22.56
CA VAL B 264 -21.99 23.83 21.79
C VAL B 264 -23.16 23.34 22.66
N LEU B 265 -22.86 22.99 23.91
CA LEU B 265 -23.84 22.45 24.86
C LEU B 265 -24.84 23.57 25.21
N ALA B 266 -24.33 24.80 25.31
CA ALA B 266 -25.12 26.03 25.52
C ALA B 266 -26.18 26.15 24.43
N VAL B 267 -25.75 26.03 23.16
CA VAL B 267 -26.66 26.14 22.06
C VAL B 267 -27.72 25.04 22.21
N ARG B 268 -27.28 23.80 22.48
CA ARG B 268 -28.20 22.67 22.60
C ARG B 268 -29.23 22.93 23.71
N ASP B 269 -28.73 23.41 24.87
CA ASP B 269 -29.57 23.70 26.03
C ASP B 269 -30.58 24.80 25.63
N ALA B 270 -30.10 25.88 25.01
CA ALA B 270 -30.98 26.97 24.54
C ALA B 270 -32.05 26.41 23.61
N LEU B 271 -31.70 25.48 22.71
CA LEU B 271 -32.71 24.94 21.77
C LEU B 271 -33.76 24.14 22.55
N GLY B 272 -33.35 23.56 23.69
CA GLY B 272 -34.28 22.92 24.61
C GLY B 272 -34.88 21.65 24.06
N PRO B 273 -35.82 21.02 24.80
CA PRO B 273 -36.34 19.70 24.42
C PRO B 273 -37.06 19.67 23.05
N GLU B 274 -37.83 20.71 22.77
CA GLU B 274 -38.56 20.81 21.50
C GLU B 274 -37.60 21.09 20.31
N GLY B 275 -36.33 21.44 20.59
CA GLY B 275 -35.35 21.75 19.52
C GLY B 275 -34.25 20.71 19.33
N GLN B 276 -34.38 19.56 20.00
CA GLN B 276 -33.29 18.59 20.16
C GLN B 276 -33.02 17.83 18.85
N ASN B 277 -33.92 17.89 17.87
CA ASN B 277 -33.71 17.23 16.58
C ASN B 277 -33.07 18.17 15.56
N ILE B 278 -32.79 19.40 15.97
CA ILE B 278 -32.12 20.34 15.11
C ILE B 278 -30.62 20.02 15.15
N LYS B 279 -30.02 19.95 13.95
CA LYS B 279 -28.59 19.72 13.79
C LYS B 279 -27.81 20.96 14.21
N ILE B 280 -26.80 20.78 15.08
CA ILE B 280 -25.85 21.82 15.43
C ILE B 280 -24.53 21.61 14.68
N ILE B 281 -24.26 22.55 13.74
CA ILE B 281 -23.04 22.57 12.93
C ILE B 281 -22.17 23.71 13.46
N SER B 282 -21.02 23.36 14.06
CA SER B 282 -20.18 24.28 14.76
C SER B 282 -19.22 24.96 13.78
N LYS B 283 -19.27 26.29 13.74
CA LYS B 283 -18.39 27.09 12.93
C LYS B 283 -17.10 27.33 13.71
N ILE B 284 -15.99 26.97 13.06
CA ILE B 284 -14.66 27.22 13.60
C ILE B 284 -14.08 28.45 12.89
N GLU B 285 -13.92 29.54 13.64
CA GLU B 285 -13.56 30.80 13.01
C GLU B 285 -12.42 31.51 13.73
N ASN B 286 -11.83 30.88 14.75
CA ASN B 286 -10.65 31.49 15.36
C ASN B 286 -9.72 30.41 15.90
N HIS B 287 -8.60 30.88 16.45
CA HIS B 287 -7.52 30.04 16.83
C HIS B 287 -7.98 29.07 17.92
N GLU B 288 -8.77 29.59 18.88
CA GLU B 288 -9.23 28.79 20.00
C GLU B 288 -10.07 27.62 19.48
N GLY B 289 -10.99 27.93 18.56
CA GLY B 289 -11.80 26.94 17.89
C GLY B 289 -10.96 25.81 17.28
N VAL B 290 -9.89 26.18 16.58
CA VAL B 290 -9.00 25.22 15.96
C VAL B 290 -8.31 24.36 17.03
N LYS B 291 -7.81 25.02 18.06
CA LYS B 291 -7.07 24.39 19.15
C LYS B 291 -7.98 23.40 19.87
N LYS B 292 -9.24 23.77 20.10
CA LYS B 292 -10.19 22.92 20.85
C LYS B 292 -11.03 22.07 19.88
N PHE B 293 -10.51 21.83 18.67
CA PHE B 293 -11.35 21.27 17.64
C PHE B 293 -11.93 19.90 18.05
N ASP B 294 -11.10 19.05 18.66
CA ASP B 294 -11.53 17.67 18.93
C ASP B 294 -12.71 17.67 19.90
N GLU B 295 -12.60 18.44 21.00
CA GLU B 295 -13.67 18.45 22.01
C GLU B 295 -14.95 19.08 21.44
N ILE B 296 -14.81 20.00 20.48
CA ILE B 296 -15.95 20.62 19.77
C ILE B 296 -16.63 19.59 18.84
N LEU B 297 -15.84 18.87 18.05
CA LEU B 297 -16.45 17.89 17.10
C LEU B 297 -17.24 16.81 17.85
N GLU B 298 -16.78 16.44 19.04
CA GLU B 298 -17.42 15.35 19.76
C GLU B 298 -18.88 15.67 20.14
N VAL B 299 -19.20 16.93 20.47
CA VAL B 299 -20.54 17.29 20.96
C VAL B 299 -21.39 17.94 19.84
N SER B 300 -20.85 18.04 18.62
CA SER B 300 -21.51 18.70 17.49
C SER B 300 -21.99 17.63 16.52
N ASP B 301 -22.93 18.01 15.64
CA ASP B 301 -23.37 17.14 14.58
C ASP B 301 -22.39 17.22 13.40
N GLY B 302 -21.65 18.33 13.32
CA GLY B 302 -20.73 18.61 12.24
C GLY B 302 -20.10 19.98 12.38
N ILE B 303 -19.40 20.40 11.33
CA ILE B 303 -18.44 21.48 11.39
C ILE B 303 -18.54 22.33 10.12
N MET B 304 -18.41 23.66 10.29
CA MET B 304 -18.19 24.53 9.17
C MET B 304 -16.79 25.14 9.29
N VAL B 305 -16.00 25.02 8.21
CA VAL B 305 -14.73 25.71 8.10
C VAL B 305 -15.04 27.12 7.60
N ALA B 306 -15.08 28.07 8.55
CA ALA B 306 -15.65 29.39 8.32
C ALA B 306 -14.50 30.33 7.98
N ARG B 307 -14.01 30.22 6.73
CA ARG B 307 -12.72 30.78 6.28
C ARG B 307 -12.67 32.33 6.34
N GLY B 308 -13.82 33.00 6.26
CA GLY B 308 -13.87 34.49 6.29
C GLY B 308 -13.23 35.04 7.55
N ASP B 309 -13.88 34.78 8.68
CA ASP B 309 -13.35 35.13 9.99
C ASP B 309 -12.04 34.39 10.29
N LEU B 310 -11.95 33.10 9.95
CA LEU B 310 -10.78 32.34 10.37
C LEU B 310 -9.55 32.95 9.69
N GLY B 311 -9.69 33.33 8.42
CA GLY B 311 -8.60 33.84 7.62
C GLY B 311 -8.17 35.25 7.99
N ILE B 312 -8.85 35.89 8.97
CA ILE B 312 -8.33 37.15 9.53
C ILE B 312 -7.92 36.94 10.99
N GLU B 313 -8.50 35.94 11.68
CA GLU B 313 -8.16 35.61 13.04
C GLU B 313 -6.83 34.89 13.12
N ILE B 314 -6.48 34.11 12.10
CA ILE B 314 -5.18 33.45 11.97
C ILE B 314 -4.56 33.89 10.63
N PRO B 315 -3.26 33.71 10.41
CA PRO B 315 -2.61 34.11 9.15
C PRO B 315 -3.29 33.47 7.92
N ALA B 316 -3.57 34.30 6.91
CA ALA B 316 -4.22 33.88 5.65
C ALA B 316 -3.60 32.58 5.09
N GLU B 317 -2.26 32.51 5.16
CA GLU B 317 -1.47 31.45 4.51
C GLU B 317 -1.55 30.14 5.33
N LYS B 318 -2.21 30.16 6.49
CA LYS B 318 -2.39 28.98 7.35
C LYS B 318 -3.77 28.34 7.18
N VAL B 319 -4.73 29.03 6.54
CA VAL B 319 -6.11 28.57 6.52
C VAL B 319 -6.22 27.16 5.89
N PHE B 320 -5.51 26.93 4.78
CA PHE B 320 -5.59 25.63 4.05
C PHE B 320 -5.19 24.45 4.96
N LEU B 321 -4.27 24.68 5.90
CA LEU B 321 -3.90 23.69 6.93
C LEU B 321 -5.07 23.39 7.86
N ALA B 322 -5.69 24.45 8.38
CA ALA B 322 -6.87 24.33 9.22
C ALA B 322 -8.00 23.63 8.45
N GLN B 323 -8.21 23.98 7.17
CA GLN B 323 -9.29 23.40 6.37
C GLN B 323 -9.09 21.87 6.20
N LYS B 324 -7.91 21.52 5.72
CA LYS B 324 -7.56 20.11 5.40
C LYS B 324 -7.64 19.26 6.68
N MET B 325 -7.12 19.78 7.78
CA MET B 325 -7.14 19.09 9.05
C MET B 325 -8.60 18.82 9.47
N MET B 326 -9.47 19.84 9.43
CA MET B 326 -10.81 19.69 9.99
C MET B 326 -11.64 18.77 9.09
N ILE B 327 -11.41 18.88 7.78
CA ILE B 327 -12.12 18.03 6.87
C ILE B 327 -11.67 16.56 7.09
N GLY B 328 -10.36 16.33 7.19
CA GLY B 328 -9.79 15.01 7.55
C GLY B 328 -10.48 14.41 8.76
N ARG B 329 -10.50 15.16 9.86
CA ARG B 329 -10.95 14.66 11.12
C ARG B 329 -12.46 14.41 11.11
N CYS B 330 -13.20 15.17 10.31
CA CYS B 330 -14.62 15.03 10.19
C CYS B 330 -14.91 13.74 9.40
N ASN B 331 -14.17 13.54 8.32
CA ASN B 331 -14.32 12.36 7.50
C ASN B 331 -14.08 11.12 8.38
N LEU B 332 -13.08 11.20 9.26
CA LEU B 332 -12.71 10.12 10.16
C LEU B 332 -13.84 9.86 11.17
N ALA B 333 -14.48 10.92 11.68
CA ALA B 333 -15.53 10.78 12.70
C ALA B 333 -16.90 10.45 12.08
N GLY B 334 -17.00 10.41 10.74
CA GLY B 334 -18.25 10.21 10.04
C GLY B 334 -19.27 11.33 10.22
N LYS B 335 -18.81 12.56 10.51
CA LYS B 335 -19.69 13.74 10.72
C LYS B 335 -19.51 14.76 9.60
N PRO B 336 -20.60 15.40 9.10
CA PRO B 336 -20.52 16.32 7.98
C PRO B 336 -19.65 17.57 8.23
N VAL B 337 -18.95 18.00 7.18
CA VAL B 337 -18.11 19.16 7.27
C VAL B 337 -18.38 20.02 6.04
N VAL B 338 -18.55 21.33 6.29
CA VAL B 338 -18.87 22.34 5.29
C VAL B 338 -17.63 23.18 4.99
N CYS B 339 -17.34 23.43 3.71
CA CYS B 339 -16.30 24.43 3.42
C CYS B 339 -16.98 25.75 3.00
N ALA B 340 -16.58 26.87 3.61
CA ALA B 340 -17.33 28.16 3.40
C ALA B 340 -16.40 29.35 3.10
N THR B 341 -16.90 30.30 2.31
CA THR B 341 -16.55 31.73 2.26
C THR B 341 -15.52 32.00 1.16
N GLN B 342 -15.90 32.88 0.22
CA GLN B 342 -15.04 33.46 -0.82
C GLN B 342 -14.65 32.41 -1.89
N MET B 343 -15.41 31.32 -1.97
CA MET B 343 -15.10 30.25 -2.90
C MET B 343 -15.28 30.73 -4.35
N LEU B 344 -16.30 31.55 -4.62
CA LEU B 344 -16.53 32.14 -5.94
C LEU B 344 -16.70 33.68 -5.83
N GLU B 345 -15.86 34.31 -4.99
CA GLU B 345 -16.03 35.75 -4.62
C GLU B 345 -16.21 36.64 -5.86
N SER B 346 -15.43 36.42 -6.92
CA SER B 346 -15.45 37.31 -8.06
C SER B 346 -16.86 37.39 -8.69
N MET B 347 -17.67 36.35 -8.49
CA MET B 347 -18.97 36.24 -9.15
C MET B 347 -20.02 37.16 -8.50
N ILE B 348 -19.66 37.83 -7.39
CA ILE B 348 -20.47 38.94 -6.81
C ILE B 348 -20.70 40.01 -7.88
N THR B 349 -19.67 40.31 -8.72
CA THR B 349 -19.78 41.28 -9.85
C THR B 349 -19.60 40.65 -11.25
N LYS B 350 -19.10 39.40 -11.36
CA LYS B 350 -18.81 38.83 -12.69
C LYS B 350 -19.58 37.53 -12.92
N ALA B 351 -19.83 37.19 -14.20
CA ALA B 351 -20.71 36.06 -14.59
C ALA B 351 -19.94 34.73 -14.64
N ARG B 352 -18.61 34.80 -14.73
CA ARG B 352 -17.67 33.70 -14.70
C ARG B 352 -16.67 33.92 -13.58
N PRO B 353 -16.21 32.83 -12.88
CA PRO B 353 -15.21 32.97 -11.82
C PRO B 353 -13.74 33.00 -12.28
N THR B 354 -12.83 33.20 -11.32
CA THR B 354 -11.41 33.17 -11.59
C THR B 354 -10.95 31.71 -11.62
N ARG B 355 -9.73 31.49 -12.11
CA ARG B 355 -9.09 30.17 -12.15
C ARG B 355 -8.84 29.66 -10.73
N ALA B 356 -8.59 30.58 -9.79
CA ALA B 356 -8.34 30.24 -8.39
C ALA B 356 -9.61 29.73 -7.71
N GLU B 357 -10.75 30.27 -8.12
CA GLU B 357 -12.00 30.01 -7.45
C GLU B 357 -12.53 28.64 -7.88
N THR B 358 -12.44 28.29 -9.18
CA THR B 358 -12.84 26.94 -9.63
C THR B 358 -11.93 25.90 -8.95
N SER B 359 -10.64 26.20 -8.89
CA SER B 359 -9.67 25.38 -8.16
C SER B 359 -10.12 25.18 -6.70
N ASP B 360 -10.61 26.24 -6.06
CA ASP B 360 -10.88 26.21 -4.63
C ASP B 360 -12.02 25.21 -4.36
N VAL B 361 -13.02 25.28 -5.22
CA VAL B 361 -14.20 24.49 -5.12
C VAL B 361 -13.83 23.03 -5.36
N ALA B 362 -13.14 22.77 -6.47
CA ALA B 362 -12.71 21.46 -6.83
C ALA B 362 -11.97 20.84 -5.65
N ASN B 363 -11.09 21.62 -5.02
CA ASN B 363 -10.14 21.12 -4.06
C ASN B 363 -10.83 20.89 -2.71
N ALA B 364 -11.96 21.57 -2.49
CA ALA B 364 -12.75 21.36 -1.27
C ALA B 364 -13.39 19.99 -1.33
N VAL B 365 -13.89 19.64 -2.51
CA VAL B 365 -14.53 18.38 -2.71
C VAL B 365 -13.48 17.27 -2.56
N LEU B 366 -12.34 17.42 -3.25
CA LEU B 366 -11.27 16.46 -3.17
C LEU B 366 -10.75 16.33 -1.74
N ASP B 367 -10.77 17.43 -0.98
CA ASP B 367 -10.33 17.40 0.44
C ASP B 367 -11.28 16.47 1.21
N GLY B 368 -12.55 16.41 0.77
CA GLY B 368 -13.58 15.56 1.40
C GLY B 368 -14.74 16.30 2.02
N ALA B 369 -14.94 17.59 1.68
CA ALA B 369 -16.04 18.40 2.27
C ALA B 369 -17.38 17.78 1.86
N ASP B 370 -18.31 17.66 2.79
CA ASP B 370 -19.66 17.17 2.48
C ASP B 370 -20.51 18.24 1.79
N CYS B 371 -20.23 19.51 2.13
CA CYS B 371 -20.97 20.70 1.63
C CYS B 371 -20.00 21.84 1.27
N ILE B 372 -20.40 22.62 0.27
CA ILE B 372 -19.73 23.84 -0.16
C ILE B 372 -20.77 24.96 -0.07
N MET B 373 -20.29 26.18 0.20
CA MET B 373 -21.17 27.28 0.57
C MET B 373 -20.93 28.50 -0.34
N LEU B 374 -22.02 29.27 -0.48
CA LEU B 374 -22.02 30.57 -1.11
C LEU B 374 -22.56 31.57 -0.08
N SER B 375 -21.91 32.74 -0.01
CA SER B 375 -22.20 33.75 0.96
C SER B 375 -22.74 34.98 0.21
N GLY B 376 -21.87 35.97 -0.03
CA GLY B 376 -22.23 37.18 -0.72
C GLY B 376 -22.58 36.91 -2.16
N GLU B 377 -22.02 35.82 -2.73
CA GLU B 377 -22.26 35.45 -4.14
C GLU B 377 -23.77 35.28 -4.38
N THR B 378 -24.51 34.85 -3.36
CA THR B 378 -25.97 34.66 -3.50
C THR B 378 -26.74 35.68 -2.64
N ALA B 379 -26.13 36.18 -1.56
CA ALA B 379 -26.85 37.06 -0.62
C ALA B 379 -27.05 38.45 -1.25
N LYS B 380 -26.03 39.01 -1.92
CA LYS B 380 -26.05 40.40 -2.34
C LYS B 380 -25.55 40.61 -3.78
N GLY B 381 -25.11 39.57 -4.51
CA GLY B 381 -24.38 39.79 -5.80
C GLY B 381 -25.28 39.79 -7.01
N SER B 382 -24.71 40.12 -8.18
CA SER B 382 -25.48 40.22 -9.43
C SER B 382 -25.75 38.86 -10.09
N PHE B 383 -25.23 37.74 -9.56
CA PHE B 383 -25.32 36.46 -10.29
C PHE B 383 -25.54 35.28 -9.35
N PRO B 384 -26.54 35.36 -8.43
CA PRO B 384 -26.79 34.29 -7.46
C PRO B 384 -27.03 32.92 -8.09
N VAL B 385 -27.75 32.89 -9.21
CA VAL B 385 -28.12 31.65 -9.84
C VAL B 385 -26.90 31.08 -10.58
N GLU B 386 -26.14 31.94 -11.25
CA GLU B 386 -24.94 31.47 -11.95
C GLU B 386 -23.93 30.92 -10.93
N ALA B 387 -23.86 31.49 -9.73
CA ALA B 387 -22.90 30.97 -8.77
C ALA B 387 -23.28 29.53 -8.35
N VAL B 388 -24.58 29.29 -8.12
CA VAL B 388 -25.10 27.96 -7.76
C VAL B 388 -24.79 27.00 -8.91
N MET B 389 -25.01 27.44 -10.15
CA MET B 389 -24.77 26.59 -11.32
C MET B 389 -23.30 26.20 -11.41
N MET B 390 -22.39 27.13 -11.11
CA MET B 390 -20.97 26.91 -11.20
C MET B 390 -20.48 25.93 -10.10
N GLN B 391 -20.97 26.06 -8.86
CA GLN B 391 -20.58 25.16 -7.81
C GLN B 391 -21.03 23.75 -8.20
N HIS B 392 -22.19 23.63 -8.84
CA HIS B 392 -22.79 22.37 -9.23
C HIS B 392 -21.93 21.68 -10.29
N ALA B 393 -21.49 22.44 -11.29
CA ALA B 393 -20.73 21.92 -12.38
C ALA B 393 -19.35 21.47 -11.87
N ILE B 394 -18.73 22.28 -11.04
CA ILE B 394 -17.40 21.97 -10.48
C ILE B 394 -17.51 20.75 -9.55
N ALA B 395 -18.44 20.76 -8.61
CA ALA B 395 -18.56 19.65 -7.66
C ALA B 395 -18.66 18.30 -8.40
N ARG B 396 -19.41 18.26 -9.50
CA ARG B 396 -19.63 17.03 -10.26
C ARG B 396 -18.31 16.48 -10.81
N GLU B 397 -17.51 17.35 -11.44
CA GLU B 397 -16.25 16.95 -12.03
C GLU B 397 -15.31 16.41 -10.95
N ALA B 398 -15.35 17.03 -9.78
CA ALA B 398 -14.38 16.73 -8.74
C ALA B 398 -14.75 15.43 -8.02
N GLU B 399 -16.04 15.16 -7.91
CA GLU B 399 -16.51 13.96 -7.24
C GLU B 399 -16.07 12.70 -8.02
N ALA B 400 -16.12 12.75 -9.35
CA ALA B 400 -15.65 11.67 -10.17
C ALA B 400 -14.16 11.47 -10.00
N ALA B 401 -13.41 12.53 -9.68
CA ALA B 401 -11.95 12.48 -9.65
C ALA B 401 -11.43 12.02 -8.29
N VAL B 402 -12.33 11.81 -7.31
CA VAL B 402 -11.95 11.27 -6.02
C VAL B 402 -11.30 9.91 -6.27
N TYR B 403 -10.25 9.58 -5.50
CA TYR B 403 -9.52 8.32 -5.68
C TYR B 403 -10.07 7.33 -4.66
N HIS B 404 -11.23 6.74 -4.96
CA HIS B 404 -11.98 5.93 -3.97
C HIS B 404 -11.15 4.74 -3.49
N ARG B 405 -10.35 4.16 -4.38
CA ARG B 405 -9.49 3.00 -4.03
C ARG B 405 -8.76 3.25 -2.71
N GLN B 406 -8.12 4.42 -2.56
CA GLN B 406 -7.34 4.73 -1.36
C GLN B 406 -8.25 5.23 -0.24
N LEU B 407 -9.28 6.00 -0.62
CA LEU B 407 -10.13 6.72 0.36
C LEU B 407 -10.93 5.69 1.15
N PHE B 408 -11.59 4.84 0.37
CA PHE B 408 -12.39 3.74 0.90
C PHE B 408 -11.52 2.88 1.84
N GLU B 409 -10.30 2.55 1.38
CA GLU B 409 -9.41 1.68 2.14
C GLU B 409 -9.05 2.33 3.48
N GLU B 410 -8.75 3.64 3.43
CA GLU B 410 -8.32 4.34 4.61
C GLU B 410 -9.49 4.47 5.57
N LEU B 411 -10.71 4.73 5.04
CA LEU B 411 -11.89 4.86 5.92
C LEU B 411 -12.25 3.49 6.52
N ARG B 412 -12.29 2.47 5.66
CA ARG B 412 -12.52 1.07 6.09
C ARG B 412 -11.68 0.80 7.33
N ARG B 413 -10.36 0.98 7.17
CA ARG B 413 -9.38 0.54 8.16
C ARG B 413 -9.50 1.39 9.44
N ALA B 414 -9.86 2.68 9.31
CA ALA B 414 -9.84 3.58 10.46
C ALA B 414 -11.08 3.35 11.32
N ALA B 415 -12.19 2.94 10.70
CA ALA B 415 -13.44 2.81 11.43
C ALA B 415 -13.34 1.65 12.44
N PRO B 416 -13.94 1.77 13.63
CA PRO B 416 -13.82 0.71 14.64
C PRO B 416 -14.67 -0.51 14.28
N LEU B 417 -14.36 -1.66 14.87
CA LEU B 417 -15.24 -2.82 14.75
C LEU B 417 -16.57 -2.46 15.40
N SER B 418 -17.68 -3.04 14.92
CA SER B 418 -18.95 -2.72 15.52
C SER B 418 -19.86 -3.96 15.53
N ARG B 419 -20.58 -4.12 16.64
CA ARG B 419 -21.66 -5.09 16.80
C ARG B 419 -23.01 -4.47 16.39
N ASP B 420 -23.04 -3.18 16.02
CA ASP B 420 -24.28 -2.51 15.61
C ASP B 420 -24.67 -2.94 14.20
N PRO B 421 -25.83 -3.59 14.01
CA PRO B 421 -26.23 -4.10 12.71
C PRO B 421 -26.32 -3.07 11.57
N THR B 422 -26.62 -1.81 11.91
N THR B 422 -26.59 -1.80 11.89
CA THR B 422 -26.72 -0.77 10.88
CA THR B 422 -26.70 -0.77 10.86
C THR B 422 -25.31 -0.49 10.34
C THR B 422 -25.30 -0.43 10.34
N GLU B 423 -24.34 -0.28 11.26
CA GLU B 423 -22.90 -0.10 10.88
C GLU B 423 -22.41 -1.29 10.04
N VAL B 424 -22.70 -2.52 10.51
CA VAL B 424 -22.27 -3.75 9.82
C VAL B 424 -22.92 -3.82 8.44
N THR B 425 -24.23 -3.55 8.37
CA THR B 425 -24.90 -3.61 7.07
C THR B 425 -24.33 -2.54 6.12
N ALA B 426 -23.98 -1.36 6.68
CA ALA B 426 -23.61 -0.20 5.87
C ALA B 426 -22.33 -0.49 5.08
N ILE B 427 -21.31 -1.03 5.77
CA ILE B 427 -20.05 -1.32 5.10
C ILE B 427 -20.24 -2.48 4.14
N GLY B 428 -21.10 -3.44 4.52
CA GLY B 428 -21.46 -4.52 3.60
C GLY B 428 -21.97 -3.97 2.28
N ALA B 429 -22.93 -3.04 2.37
CA ALA B 429 -23.58 -2.46 1.18
C ALA B 429 -22.60 -1.61 0.35
N VAL B 430 -21.70 -0.89 1.03
CA VAL B 430 -20.77 -0.03 0.29
C VAL B 430 -19.74 -0.89 -0.44
N GLU B 431 -19.18 -1.87 0.26
CA GLU B 431 -18.34 -2.90 -0.41
C GLU B 431 -19.07 -3.44 -1.66
N ALA B 432 -20.31 -3.85 -1.47
CA ALA B 432 -21.08 -4.42 -2.55
C ALA B 432 -21.28 -3.42 -3.69
N SER B 433 -21.46 -2.12 -3.36
CA SER B 433 -21.65 -1.09 -4.38
C SER B 433 -20.41 -0.95 -5.27
N PHE B 434 -19.23 -0.99 -4.67
CA PHE B 434 -17.97 -0.90 -5.43
C PHE B 434 -17.82 -2.12 -6.35
N LYS B 435 -18.22 -3.32 -5.88
CA LYS B 435 -17.90 -4.55 -6.63
C LYS B 435 -18.65 -4.56 -7.96
N CYS B 436 -19.84 -3.97 -8.01
CA CYS B 436 -20.65 -4.05 -9.23
C CYS B 436 -20.76 -2.68 -9.93
N CYS B 437 -20.02 -1.68 -9.43
CA CYS B 437 -20.22 -0.26 -9.77
C CYS B 437 -21.73 0.04 -9.83
N ALA B 438 -22.40 -0.14 -8.69
CA ALA B 438 -23.87 0.05 -8.61
C ALA B 438 -24.25 1.51 -8.91
N ALA B 439 -25.37 1.69 -9.64
CA ALA B 439 -25.97 3.01 -9.90
C ALA B 439 -26.32 3.74 -8.60
N ALA B 440 -26.85 3.00 -7.62
CA ALA B 440 -27.25 3.60 -6.34
C ALA B 440 -27.36 2.55 -5.24
N ILE B 441 -27.36 3.05 -4.02
CA ILE B 441 -27.77 2.36 -2.85
C ILE B 441 -29.08 3.01 -2.40
N ILE B 442 -30.20 2.27 -2.47
CA ILE B 442 -31.43 2.76 -1.94
C ILE B 442 -31.50 2.33 -0.48
N VAL B 443 -31.89 3.24 0.40
CA VAL B 443 -31.97 2.97 1.84
C VAL B 443 -33.20 3.66 2.42
N LEU B 444 -33.91 2.95 3.33
CA LEU B 444 -35.01 3.54 4.07
C LEU B 444 -34.45 4.01 5.41
N THR B 445 -34.88 5.21 5.81
CA THR B 445 -34.42 5.79 7.05
C THR B 445 -35.52 6.70 7.59
N LYS B 446 -35.64 6.73 8.91
CA LYS B 446 -36.56 7.61 9.61
C LYS B 446 -35.85 8.91 10.00
N THR B 447 -34.63 8.78 10.53
CA THR B 447 -33.89 9.89 11.10
C THR B 447 -32.74 10.35 10.19
N GLY B 448 -32.46 9.61 9.09
CA GLY B 448 -31.22 9.78 8.32
C GLY B 448 -30.01 8.98 8.84
N ARG B 449 -30.03 8.46 10.08
CA ARG B 449 -28.85 7.74 10.60
C ARG B 449 -28.34 6.68 9.60
N SER B 450 -29.24 5.91 8.96
CA SER B 450 -28.83 4.73 8.14
C SER B 450 -28.12 5.21 6.85
N ALA B 451 -28.56 6.35 6.32
CA ALA B 451 -27.98 6.93 5.13
C ALA B 451 -26.62 7.54 5.48
N GLN B 452 -26.49 8.10 6.69
CA GLN B 452 -25.27 8.71 7.17
C GLN B 452 -24.17 7.64 7.30
N LEU B 453 -24.52 6.43 7.75
CA LEU B 453 -23.51 5.36 7.94
C LEU B 453 -23.10 4.74 6.60
N LEU B 454 -23.90 4.94 5.54
CA LEU B 454 -23.43 4.64 4.17
C LEU B 454 -22.48 5.75 3.67
N SER B 455 -22.89 7.01 3.90
CA SER B 455 -22.16 8.20 3.41
C SER B 455 -20.73 8.22 3.97
N GLN B 456 -20.55 7.76 5.22
CA GLN B 456 -19.23 7.85 5.93
C GLN B 456 -18.11 7.07 5.20
N TYR B 457 -18.46 6.23 4.22
CA TYR B 457 -17.48 5.38 3.51
C TYR B 457 -17.28 5.87 2.08
N ARG B 458 -17.97 6.96 1.74
CA ARG B 458 -17.74 7.64 0.49
C ARG B 458 -17.90 6.66 -0.66
N PRO B 459 -19.08 6.03 -0.80
CA PRO B 459 -19.39 5.27 -2.00
C PRO B 459 -19.43 6.16 -3.24
N ARG B 460 -19.03 5.62 -4.38
CA ARG B 460 -19.27 6.29 -5.66
C ARG B 460 -20.79 6.29 -5.96
N ALA B 461 -21.46 5.19 -5.64
CA ALA B 461 -22.92 5.04 -5.82
C ALA B 461 -23.66 6.05 -4.94
N ALA B 462 -24.66 6.69 -5.54
CA ALA B 462 -25.57 7.60 -4.87
C ALA B 462 -26.38 6.82 -3.82
N VAL B 463 -26.43 7.35 -2.60
CA VAL B 463 -27.25 6.85 -1.55
C VAL B 463 -28.62 7.56 -1.61
N ILE B 464 -29.59 6.95 -2.30
CA ILE B 464 -30.97 7.42 -2.41
C ILE B 464 -31.70 7.05 -1.11
N ALA B 465 -32.06 8.05 -0.29
CA ALA B 465 -32.67 7.82 1.03
C ALA B 465 -34.17 8.16 0.98
N VAL B 466 -35.02 7.15 1.19
CA VAL B 466 -36.48 7.27 1.26
C VAL B 466 -36.91 7.38 2.72
N THR B 467 -37.67 8.43 3.02
CA THR B 467 -38.11 8.73 4.38
C THR B 467 -39.47 9.41 4.33
N ARG B 468 -40.26 9.22 5.39
CA ARG B 468 -41.51 9.94 5.56
C ARG B 468 -41.24 11.27 6.25
N SER B 469 -40.09 11.40 6.92
CA SER B 469 -39.79 12.59 7.72
C SER B 469 -39.33 13.72 6.79
N ALA B 470 -40.15 14.78 6.72
CA ALA B 470 -39.79 15.98 5.95
C ALA B 470 -38.49 16.58 6.50
N GLN B 471 -38.38 16.64 7.83
CA GLN B 471 -37.21 17.19 8.50
C GLN B 471 -35.97 16.35 8.16
N ALA B 472 -36.05 15.03 8.29
CA ALA B 472 -34.90 14.13 7.92
C ALA B 472 -34.54 14.30 6.43
N ALA B 473 -35.55 14.45 5.56
CA ALA B 473 -35.28 14.58 4.12
C ALA B 473 -34.46 15.84 3.84
N ARG B 474 -34.63 16.89 4.67
CA ARG B 474 -33.93 18.16 4.52
C ARG B 474 -32.52 18.05 5.12
N GLN B 475 -32.41 17.41 6.28
CA GLN B 475 -31.20 17.38 7.10
C GLN B 475 -30.14 16.48 6.43
N VAL B 476 -30.54 15.38 5.77
CA VAL B 476 -29.54 14.46 5.22
C VAL B 476 -28.81 15.13 4.04
N HIS B 477 -29.23 16.34 3.68
CA HIS B 477 -28.47 17.13 2.70
C HIS B 477 -27.06 17.44 3.20
N LEU B 478 -26.86 17.37 4.52
CA LEU B 478 -25.58 17.63 5.16
C LEU B 478 -24.54 16.56 4.82
N SER B 479 -24.97 15.34 4.47
CA SER B 479 -24.03 14.22 4.22
C SER B 479 -23.84 13.96 2.72
N ARG B 480 -22.58 13.97 2.27
CA ARG B 480 -22.31 13.82 0.87
C ARG B 480 -22.90 12.52 0.32
N GLY B 481 -23.56 12.64 -0.84
CA GLY B 481 -23.99 11.55 -1.64
C GLY B 481 -25.39 11.09 -1.29
N VAL B 482 -25.98 11.66 -0.23
CA VAL B 482 -27.33 11.26 0.16
C VAL B 482 -28.35 12.11 -0.59
N PHE B 483 -29.14 11.47 -1.47
CA PHE B 483 -30.23 12.10 -2.21
C PHE B 483 -31.58 11.79 -1.56
N PRO B 484 -32.16 12.72 -0.76
CA PRO B 484 -33.39 12.45 -0.02
C PRO B 484 -34.65 12.46 -0.90
N LEU B 485 -35.51 11.47 -0.70
CA LEU B 485 -36.81 11.37 -1.33
C LEU B 485 -37.87 11.30 -0.22
N LEU B 486 -38.81 12.26 -0.25
CA LEU B 486 -39.84 12.37 0.76
C LEU B 486 -41.03 11.52 0.32
N TYR B 487 -41.34 10.49 1.11
CA TYR B 487 -42.47 9.60 0.80
C TYR B 487 -43.70 10.12 1.50
N ARG B 488 -44.80 10.23 0.75
CA ARG B 488 -46.02 10.97 1.16
C ARG B 488 -47.16 10.00 1.50
N GLU B 489 -47.24 8.86 0.81
CA GLU B 489 -48.38 7.94 0.91
C GLU B 489 -48.53 7.34 2.31
N PRO B 490 -49.80 7.06 2.73
CA PRO B 490 -50.08 6.55 4.06
C PRO B 490 -49.74 5.06 4.21
N PRO B 491 -49.60 4.55 5.45
CA PRO B 491 -49.20 3.15 5.69
C PRO B 491 -50.05 2.09 4.97
N GLU B 492 -49.40 1.21 4.21
CA GLU B 492 -50.02 -0.06 3.83
C GLU B 492 -50.43 -0.81 5.10
N ALA B 493 -51.41 -1.71 4.93
CA ALA B 493 -51.94 -2.50 6.04
C ALA B 493 -50.85 -3.47 6.52
N ILE B 494 -50.10 -4.01 5.57
CA ILE B 494 -48.98 -4.95 5.86
C ILE B 494 -47.63 -4.21 5.79
N TRP B 495 -46.92 -4.19 6.92
CA TRP B 495 -45.67 -3.42 7.06
C TRP B 495 -44.69 -3.75 5.92
N ALA B 496 -44.45 -5.05 5.72
CA ALA B 496 -43.59 -5.53 4.65
C ALA B 496 -44.01 -4.96 3.30
N ASP B 497 -45.31 -4.76 3.08
CA ASP B 497 -45.81 -4.20 1.81
C ASP B 497 -45.42 -2.70 1.73
N ASP B 498 -45.43 -2.04 2.88
CA ASP B 498 -45.12 -0.64 3.01
C ASP B 498 -43.65 -0.41 2.68
N VAL B 499 -42.79 -1.29 3.22
CA VAL B 499 -41.36 -1.29 2.95
C VAL B 499 -41.13 -1.41 1.45
N ASP B 500 -41.84 -2.35 0.83
CA ASP B 500 -41.67 -2.65 -0.58
C ASP B 500 -42.00 -1.44 -1.44
N ARG B 501 -43.09 -0.73 -1.09
CA ARG B 501 -43.53 0.41 -1.85
C ARG B 501 -42.46 1.49 -1.74
N ARG B 502 -41.91 1.68 -0.53
CA ARG B 502 -40.90 2.71 -0.33
C ARG B 502 -39.70 2.42 -1.25
N VAL B 503 -39.28 1.16 -1.33
CA VAL B 503 -38.15 0.78 -2.18
C VAL B 503 -38.48 1.12 -3.64
N GLN B 504 -39.72 0.80 -4.04
CA GLN B 504 -40.18 0.98 -5.43
C GLN B 504 -40.25 2.48 -5.78
N PHE B 505 -40.61 3.30 -4.79
CA PHE B 505 -40.62 4.74 -4.94
C PHE B 505 -39.19 5.22 -5.22
N GLY B 506 -38.25 4.64 -4.45
CA GLY B 506 -36.84 4.87 -4.62
C GLY B 506 -36.43 4.69 -6.07
N ILE B 507 -36.80 3.53 -6.62
CA ILE B 507 -36.39 3.13 -7.95
C ILE B 507 -37.05 4.04 -8.99
N GLU B 508 -38.33 4.37 -8.78
CA GLU B 508 -39.12 5.13 -9.76
C GLU B 508 -38.69 6.61 -9.75
N SER B 509 -38.35 7.16 -8.58
CA SER B 509 -37.72 8.48 -8.46
C SER B 509 -36.41 8.46 -9.24
N GLY B 510 -35.58 7.47 -8.89
CA GLY B 510 -34.30 7.25 -9.52
C GLY B 510 -34.42 7.23 -11.03
N LYS B 511 -35.40 6.49 -11.56
CA LYS B 511 -35.54 6.36 -13.01
C LYS B 511 -35.91 7.72 -13.63
N LEU B 512 -36.87 8.41 -13.03
CA LEU B 512 -37.36 9.70 -13.54
C LEU B 512 -36.19 10.69 -13.65
N ARG B 513 -35.39 10.75 -12.59
CA ARG B 513 -34.36 11.76 -12.39
C ARG B 513 -33.11 11.43 -13.21
N GLY B 514 -33.11 10.25 -13.86
CA GLY B 514 -32.05 9.82 -14.75
C GLY B 514 -30.83 9.28 -14.01
N PHE B 515 -30.99 8.91 -12.73
CA PHE B 515 -29.93 8.21 -11.94
C PHE B 515 -29.94 6.70 -12.26
N LEU B 516 -31.06 6.18 -12.78
CA LEU B 516 -31.29 4.74 -12.90
C LEU B 516 -31.85 4.44 -14.30
N ARG B 517 -31.28 3.40 -14.90
CA ARG B 517 -31.79 2.78 -16.12
C ARG B 517 -32.28 1.37 -15.78
N VAL B 518 -33.06 0.79 -16.68
CA VAL B 518 -33.37 -0.63 -16.67
C VAL B 518 -32.06 -1.41 -16.88
N GLY B 519 -31.87 -2.49 -16.11
CA GLY B 519 -30.67 -3.32 -16.21
C GLY B 519 -29.58 -2.90 -15.23
N ASP B 520 -29.74 -1.74 -14.59
CA ASP B 520 -28.78 -1.25 -13.58
C ASP B 520 -28.91 -2.11 -12.32
N LEU B 521 -27.79 -2.29 -11.62
CA LEU B 521 -27.80 -2.89 -10.32
C LEU B 521 -27.90 -1.81 -9.25
N VAL B 522 -28.75 -2.07 -8.25
CA VAL B 522 -28.81 -1.24 -7.07
C VAL B 522 -28.76 -2.12 -5.82
N ILE B 523 -28.15 -1.57 -4.77
CA ILE B 523 -28.06 -2.20 -3.50
C ILE B 523 -29.17 -1.58 -2.66
N VAL B 524 -29.96 -2.40 -1.98
CA VAL B 524 -31.13 -1.96 -1.25
C VAL B 524 -30.97 -2.30 0.24
N VAL B 525 -31.10 -1.29 1.09
CA VAL B 525 -30.83 -1.40 2.53
C VAL B 525 -32.11 -1.12 3.32
N THR B 526 -32.53 -2.12 4.11
CA THR B 526 -33.76 -2.11 4.89
C THR B 526 -33.48 -2.69 6.29
N GLY B 527 -34.53 -2.70 7.12
CA GLY B 527 -34.50 -3.27 8.47
C GLY B 527 -35.56 -4.36 8.62
N TRP B 528 -35.50 -5.05 9.76
CA TRP B 528 -36.29 -6.25 9.97
C TRP B 528 -37.60 -5.92 10.70
N ARG B 529 -37.70 -4.73 11.32
CA ARG B 529 -38.91 -4.24 11.99
C ARG B 529 -38.97 -2.71 11.93
N PRO B 530 -40.17 -2.08 12.10
CA PRO B 530 -40.30 -0.62 12.09
C PRO B 530 -39.63 0.03 13.30
N GLY B 531 -39.46 1.36 13.25
CA GLY B 531 -38.66 2.11 14.23
C GLY B 531 -37.21 2.23 13.78
N SER B 532 -36.54 3.24 14.33
CA SER B 532 -35.12 3.53 14.08
C SER B 532 -34.24 2.48 14.76
N GLY B 533 -33.22 2.01 14.03
CA GLY B 533 -32.11 1.32 14.67
C GLY B 533 -32.06 -0.17 14.36
N TYR B 534 -32.93 -0.64 13.47
CA TYR B 534 -33.03 -2.06 13.18
C TYR B 534 -32.69 -2.32 11.70
N THR B 535 -32.00 -1.37 11.03
CA THR B 535 -31.46 -1.63 9.71
C THR B 535 -30.53 -2.84 9.81
N ASN B 536 -30.64 -3.81 8.89
CA ASN B 536 -29.88 -5.03 9.08
C ASN B 536 -29.88 -5.92 7.84
N ILE B 537 -30.37 -5.41 6.70
CA ILE B 537 -30.59 -6.20 5.51
C ILE B 537 -30.02 -5.43 4.33
N MET B 538 -29.35 -6.15 3.44
CA MET B 538 -28.82 -5.65 2.18
C MET B 538 -29.21 -6.65 1.10
N ARG B 539 -29.70 -6.15 -0.05
CA ARG B 539 -30.13 -6.93 -1.19
C ARG B 539 -29.56 -6.31 -2.46
N VAL B 540 -29.35 -7.15 -3.49
CA VAL B 540 -28.85 -6.74 -4.77
C VAL B 540 -29.97 -6.95 -5.78
N LEU B 541 -30.51 -5.85 -6.33
CA LEU B 541 -31.62 -5.90 -7.29
C LEU B 541 -31.15 -5.40 -8.64
N SER B 542 -31.69 -6.03 -9.70
CA SER B 542 -31.58 -5.55 -11.04
C SER B 542 -32.85 -4.74 -11.39
N VAL B 543 -32.68 -3.51 -11.88
CA VAL B 543 -33.81 -2.60 -12.16
C VAL B 543 -34.58 -3.10 -13.40
N SER B 544 -35.88 -3.34 -13.25
CA SER B 544 -36.77 -3.87 -14.31
C SER B 544 -37.65 -2.74 -14.90
N HIS B 545 -38.55 -3.12 -15.81
CA HIS B 545 -39.57 -2.29 -16.53
C HIS B 545 -38.90 -1.56 -17.70
N THR C 23 16.50 -7.96 -23.03
CA THR C 23 15.29 -8.75 -23.47
C THR C 23 15.18 -9.98 -22.55
N ALA C 24 16.21 -10.84 -22.59
CA ALA C 24 16.30 -12.04 -21.77
C ALA C 24 16.46 -11.66 -20.30
N PHE C 25 17.19 -10.54 -20.08
CA PHE C 25 17.51 -10.02 -18.76
C PHE C 25 16.25 -9.92 -17.88
N PHE C 26 15.14 -9.44 -18.46
CA PHE C 26 13.93 -9.11 -17.68
C PHE C 26 13.09 -10.37 -17.38
N GLN C 27 13.49 -11.53 -17.93
CA GLN C 27 12.74 -12.78 -17.80
C GLN C 27 13.37 -13.73 -16.76
N GLN C 28 14.53 -13.34 -16.21
CA GLN C 28 15.29 -14.12 -15.24
C GLN C 28 15.06 -13.56 -13.83
N GLN C 29 15.52 -14.29 -12.81
CA GLN C 29 15.63 -13.75 -11.44
C GLN C 29 14.24 -13.42 -10.87
N GLN C 30 13.20 -14.03 -11.45
CA GLN C 30 11.77 -13.80 -11.13
C GLN C 30 11.41 -12.30 -11.23
N LEU C 31 11.98 -11.57 -12.20
CA LEU C 31 11.74 -10.08 -12.22
C LEU C 31 10.29 -9.77 -12.59
N PRO C 32 9.61 -10.54 -13.48
CA PRO C 32 8.17 -10.34 -13.72
C PRO C 32 7.40 -10.32 -12.39
N ALA C 33 7.66 -11.32 -11.54
CA ALA C 33 7.04 -11.41 -10.21
C ALA C 33 7.47 -10.25 -9.30
N ALA C 34 8.72 -9.80 -9.44
CA ALA C 34 9.24 -8.68 -8.62
C ALA C 34 8.49 -7.38 -8.92
N MET C 35 7.99 -7.20 -10.16
CA MET C 35 7.28 -5.95 -10.59
C MET C 35 5.82 -5.91 -10.10
N ALA C 36 5.28 -7.05 -9.65
CA ALA C 36 3.85 -7.14 -9.37
C ALA C 36 3.44 -6.06 -8.38
N ASP C 37 2.18 -5.63 -8.49
CA ASP C 37 1.64 -4.56 -7.67
C ASP C 37 1.14 -5.11 -6.33
N THR C 38 0.84 -6.42 -6.25
CA THR C 38 0.47 -7.06 -4.98
C THR C 38 1.29 -8.35 -4.78
N PHE C 39 1.36 -8.79 -3.51
CA PHE C 39 1.97 -10.07 -3.20
C PHE C 39 1.22 -11.17 -3.98
N LEU C 40 -0.11 -11.13 -3.96
CA LEU C 40 -0.91 -12.10 -4.67
C LEU C 40 -0.47 -12.21 -6.13
N GLU C 41 -0.27 -11.08 -6.80
CA GLU C 41 0.07 -11.09 -8.24
C GLU C 41 1.51 -11.56 -8.43
N HIS C 42 2.35 -11.23 -7.44
CA HIS C 42 3.73 -11.74 -7.36
C HIS C 42 3.71 -13.28 -7.37
N LEU C 43 2.96 -13.86 -6.42
CA LEU C 43 2.81 -15.33 -6.35
C LEU C 43 2.39 -15.83 -7.73
N CYS C 44 1.37 -15.19 -8.32
CA CYS C 44 0.78 -15.69 -9.58
C CYS C 44 1.79 -15.63 -10.72
N LEU C 45 2.82 -14.79 -10.60
CA LEU C 45 3.77 -14.58 -11.68
C LEU C 45 5.07 -15.38 -11.51
N LEU C 46 5.25 -16.05 -10.35
CA LEU C 46 6.47 -16.88 -10.15
C LEU C 46 6.52 -17.92 -11.26
N ASP C 47 7.72 -18.12 -11.81
CA ASP C 47 7.86 -18.91 -13.01
C ASP C 47 9.06 -19.86 -12.82
N ILE C 48 8.82 -21.16 -13.08
CA ILE C 48 9.78 -22.24 -12.91
C ILE C 48 10.85 -22.16 -13.98
N ASP C 49 10.55 -21.48 -15.10
CA ASP C 49 11.49 -21.35 -16.22
C ASP C 49 12.40 -20.13 -16.04
N SER C 50 12.14 -19.29 -15.02
CA SER C 50 12.95 -18.10 -14.73
C SER C 50 14.14 -18.48 -13.84
N GLN C 51 15.33 -18.54 -14.46
CA GLN C 51 16.55 -19.02 -13.83
C GLN C 51 17.13 -17.94 -12.94
N PRO C 52 17.55 -18.31 -11.72
CA PRO C 52 18.24 -17.36 -10.85
C PRO C 52 19.60 -17.07 -11.49
N VAL C 53 20.14 -15.89 -11.18
CA VAL C 53 21.42 -15.47 -11.73
C VAL C 53 22.26 -14.90 -10.58
N ALA C 54 21.61 -14.29 -9.60
CA ALA C 54 22.25 -13.91 -8.38
C ALA C 54 22.98 -15.12 -7.81
N ALA C 55 24.09 -14.82 -7.12
CA ALA C 55 24.81 -15.72 -6.26
C ALA C 55 23.94 -15.97 -5.02
N ARG C 56 24.06 -17.16 -4.43
CA ARG C 56 23.22 -17.63 -3.33
C ARG C 56 23.63 -16.89 -2.04
N SER C 57 22.64 -16.26 -1.40
CA SER C 57 22.88 -15.31 -0.35
C SER C 57 22.60 -15.90 1.04
N THR C 58 21.84 -17.00 1.12
CA THR C 58 21.53 -17.61 2.45
C THR C 58 22.67 -18.58 2.77
N SER C 59 23.43 -18.32 3.83
CA SER C 59 24.57 -19.15 4.18
C SER C 59 24.09 -20.55 4.63
N ILE C 60 24.91 -21.55 4.31
CA ILE C 60 24.71 -22.96 4.68
C ILE C 60 25.66 -23.32 5.82
N ILE C 61 25.07 -23.72 6.97
CA ILE C 61 25.78 -24.29 8.11
C ILE C 61 25.69 -25.82 7.97
N ALA C 62 26.86 -26.51 7.89
CA ALA C 62 26.92 -27.98 7.82
C ALA C 62 27.56 -28.50 9.10
N THR C 63 26.88 -29.42 9.79
CA THR C 63 27.41 -30.03 11.00
C THR C 63 28.47 -31.07 10.57
N ILE C 64 29.62 -31.05 11.23
CA ILE C 64 30.75 -31.90 10.84
C ILE C 64 30.78 -33.12 11.76
N GLY C 65 30.92 -34.28 11.13
CA GLY C 65 31.00 -35.55 11.84
C GLY C 65 31.54 -36.62 10.90
N PRO C 66 31.31 -37.90 11.25
CA PRO C 66 31.89 -39.04 10.54
C PRO C 66 31.78 -38.98 9.02
N ALA C 67 30.59 -38.59 8.53
CA ALA C 67 30.36 -38.53 7.10
C ALA C 67 31.04 -37.31 6.47
N SER C 68 31.59 -36.39 7.26
CA SER C 68 32.01 -35.12 6.64
C SER C 68 33.35 -34.58 7.14
N ARG C 69 34.22 -35.39 7.73
CA ARG C 69 35.43 -34.79 8.35
C ARG C 69 36.73 -35.12 7.61
N SER C 70 36.71 -35.99 6.61
CA SER C 70 37.92 -36.15 5.80
C SER C 70 38.18 -34.85 5.01
N VAL C 71 39.46 -34.54 4.80
CA VAL C 71 39.91 -33.36 4.06
C VAL C 71 39.27 -33.34 2.66
N ASP C 72 39.18 -34.50 2.01
CA ASP C 72 38.59 -34.60 0.65
C ASP C 72 37.11 -34.26 0.67
N ARG C 73 36.38 -34.81 1.65
CA ARG C 73 34.94 -34.63 1.76
C ARG C 73 34.64 -33.14 1.96
N LEU C 74 35.41 -32.50 2.85
CA LEU C 74 35.28 -31.11 3.22
C LEU C 74 35.56 -30.20 2.02
N LYS C 75 36.42 -30.63 1.11
CA LYS C 75 36.70 -29.84 -0.08
C LYS C 75 35.48 -29.83 -0.98
N GLU C 76 34.84 -30.98 -1.11
CA GLU C 76 33.65 -31.14 -1.88
C GLU C 76 32.50 -30.34 -1.26
N MET C 77 32.47 -30.28 0.07
CA MET C 77 31.42 -29.58 0.75
C MET C 77 31.60 -28.06 0.60
N ILE C 78 32.85 -27.58 0.63
CA ILE C 78 33.12 -26.17 0.37
C ILE C 78 32.67 -25.84 -1.06
N LYS C 79 32.99 -26.71 -2.01
CA LYS C 79 32.63 -26.45 -3.39
C LYS C 79 31.11 -26.53 -3.58
N ALA C 80 30.42 -27.33 -2.74
CA ALA C 80 28.98 -27.47 -2.84
C ALA C 80 28.26 -26.22 -2.27
N GLY C 81 28.89 -25.48 -1.37
CA GLY C 81 28.34 -24.19 -0.85
C GLY C 81 28.43 -24.00 0.68
N MET C 82 29.08 -24.94 1.38
CA MET C 82 29.17 -24.85 2.84
C MET C 82 29.91 -23.55 3.21
N ASN C 83 29.32 -22.78 4.12
CA ASN C 83 29.91 -21.52 4.54
C ASN C 83 30.37 -21.59 6.00
N ILE C 84 29.67 -22.37 6.82
CA ILE C 84 29.89 -22.45 8.24
C ILE C 84 29.85 -23.93 8.64
N ALA C 85 30.91 -24.36 9.34
CA ALA C 85 31.03 -25.68 9.87
C ALA C 85 30.64 -25.65 11.34
N ARG C 86 29.62 -26.43 11.71
CA ARG C 86 29.16 -26.58 13.06
C ARG C 86 29.83 -27.80 13.72
N LEU C 87 30.46 -27.56 14.87
CA LEU C 87 30.92 -28.64 15.73
C LEU C 87 29.92 -28.79 16.88
N ASN C 88 29.23 -29.93 16.98
CA ASN C 88 28.28 -30.21 18.02
C ASN C 88 28.96 -30.85 19.23
N PHE C 89 29.13 -30.07 20.29
CA PHE C 89 29.84 -30.51 21.48
C PHE C 89 28.92 -31.30 22.41
N SER C 90 27.74 -31.69 21.94
CA SER C 90 26.95 -32.72 22.60
C SER C 90 27.61 -34.12 22.38
N HIS C 91 28.49 -34.26 21.39
CA HIS C 91 29.09 -35.51 21.05
C HIS C 91 30.55 -35.27 20.74
N GLY C 92 31.39 -36.25 21.08
CA GLY C 92 32.77 -36.24 20.67
C GLY C 92 33.66 -35.56 21.69
N SER C 93 34.90 -36.06 21.79
CA SER C 93 35.96 -35.53 22.66
C SER C 93 36.43 -34.19 22.12
N HIS C 94 37.15 -33.42 22.94
CA HIS C 94 37.90 -32.23 22.50
C HIS C 94 38.82 -32.57 21.34
N GLU C 95 39.51 -33.71 21.46
CA GLU C 95 40.46 -34.14 20.45
C GLU C 95 39.70 -34.41 19.15
N TYR C 96 38.50 -34.96 19.21
CA TYR C 96 37.76 -35.26 17.99
C TYR C 96 37.42 -33.94 17.26
N HIS C 97 37.04 -32.95 18.05
CA HIS C 97 36.69 -31.63 17.51
C HIS C 97 37.89 -30.89 16.94
N ALA C 98 39.02 -30.96 17.66
CA ALA C 98 40.28 -30.34 17.20
C ALA C 98 40.75 -30.94 15.87
N GLU C 99 40.56 -32.26 15.71
CA GLU C 99 40.81 -32.98 14.50
C GLU C 99 39.97 -32.39 13.35
N SER C 100 38.66 -32.34 13.56
CA SER C 100 37.68 -31.79 12.61
C SER C 100 38.09 -30.37 12.17
N ILE C 101 38.54 -29.55 13.13
CA ILE C 101 38.95 -28.17 12.88
C ILE C 101 40.17 -28.15 11.96
N ALA C 102 41.16 -29.01 12.24
CA ALA C 102 42.36 -29.03 11.42
C ALA C 102 42.00 -29.44 9.99
N ASN C 103 41.10 -30.41 9.85
CA ASN C 103 40.73 -30.87 8.52
C ASN C 103 39.96 -29.77 7.77
N ILE C 104 39.04 -29.09 8.48
CA ILE C 104 38.27 -27.98 7.89
C ILE C 104 39.26 -26.92 7.38
N ARG C 105 40.22 -26.52 8.23
CA ARG C 105 41.18 -25.44 7.90
C ARG C 105 42.06 -25.87 6.71
N GLU C 106 42.41 -27.17 6.64
CA GLU C 106 43.25 -27.67 5.57
C GLU C 106 42.47 -27.62 4.25
N ALA C 107 41.26 -28.16 4.28
CA ALA C 107 40.37 -28.13 3.13
C ALA C 107 40.17 -26.69 2.64
N THR C 108 39.86 -25.78 3.57
CA THR C 108 39.64 -24.35 3.30
C THR C 108 40.89 -23.73 2.65
N GLU C 109 42.06 -23.91 3.29
CA GLU C 109 43.29 -23.26 2.89
C GLU C 109 43.87 -23.90 1.61
N SER C 110 43.41 -25.08 1.21
CA SER C 110 43.85 -25.69 -0.06
C SER C 110 43.46 -24.81 -1.27
N PHE C 111 42.56 -23.84 -1.09
CA PHE C 111 42.03 -23.02 -2.20
C PHE C 111 42.63 -21.61 -2.16
N ALA C 112 43.53 -21.37 -1.21
CA ALA C 112 44.04 -20.03 -0.89
C ALA C 112 45.04 -19.53 -1.96
N THR C 113 45.52 -20.45 -2.81
CA THR C 113 46.43 -20.10 -3.92
C THR C 113 45.62 -19.56 -5.11
N SER C 114 44.45 -19.02 -4.84
CA SER C 114 43.61 -18.38 -5.84
C SER C 114 42.77 -17.29 -5.16
N PRO C 115 43.42 -16.27 -4.53
CA PRO C 115 42.74 -15.28 -3.69
C PRO C 115 41.47 -14.59 -4.23
N LEU C 116 41.34 -14.51 -5.56
CA LEU C 116 40.13 -13.92 -6.18
C LEU C 116 38.94 -14.90 -6.06
N SER C 117 39.19 -16.22 -5.88
CA SER C 117 38.12 -17.27 -5.73
C SER C 117 38.05 -17.86 -4.30
N TYR C 118 39.00 -17.55 -3.43
CA TYR C 118 39.09 -18.21 -2.12
C TYR C 118 37.82 -17.92 -1.29
N ARG C 119 37.23 -19.00 -0.74
CA ARG C 119 36.03 -18.95 0.09
C ARG C 119 36.36 -19.19 1.56
N PRO C 120 36.26 -18.14 2.40
CA PRO C 120 36.37 -18.32 3.84
C PRO C 120 35.29 -19.29 4.35
N VAL C 121 35.60 -19.99 5.44
CA VAL C 121 34.68 -20.93 6.09
C VAL C 121 34.76 -20.67 7.59
N ALA C 122 33.61 -20.35 8.18
CA ALA C 122 33.58 -20.07 9.58
C ALA C 122 33.43 -21.39 10.35
N ILE C 123 33.84 -21.38 11.60
CA ILE C 123 33.71 -22.52 12.47
C ILE C 123 32.90 -22.10 13.68
N ALA C 124 31.83 -22.84 13.94
CA ALA C 124 30.90 -22.57 15.03
C ALA C 124 30.94 -23.73 16.03
N LEU C 125 31.06 -23.40 17.31
CA LEU C 125 31.02 -24.34 18.38
C LEU C 125 29.61 -24.31 18.98
N ASP C 126 28.91 -25.44 18.91
CA ASP C 126 27.57 -25.57 19.44
C ASP C 126 27.65 -26.25 20.83
N THR C 127 27.22 -25.56 21.89
CA THR C 127 27.46 -26.05 23.24
C THR C 127 26.55 -27.25 23.53
N LYS C 128 26.98 -28.06 24.48
CA LYS C 128 26.16 -29.15 25.02
C LYS C 128 24.97 -28.53 25.78
N GLY C 129 25.30 -27.62 26.68
CA GLY C 129 24.31 -26.93 27.46
C GLY C 129 23.71 -27.87 28.48
N PRO C 130 22.57 -27.51 29.11
CA PRO C 130 21.94 -28.36 30.12
C PRO C 130 21.15 -29.55 29.56
N GLU C 131 21.77 -30.43 28.77
CA GLU C 131 20.99 -31.55 28.22
C GLU C 131 21.00 -32.71 29.22
N ILE C 132 19.91 -33.47 29.16
CA ILE C 132 19.74 -34.71 29.93
C ILE C 132 19.82 -35.87 28.94
N ARG C 133 20.59 -36.90 29.31
CA ARG C 133 20.73 -38.07 28.49
C ARG C 133 20.54 -39.32 29.36
N THR C 134 20.11 -40.40 28.71
CA THR C 134 19.99 -41.71 29.33
C THR C 134 21.37 -42.37 29.42
N GLY C 135 21.40 -43.53 30.09
CA GLY C 135 22.63 -44.24 30.31
C GLY C 135 22.98 -45.12 29.14
N VAL C 136 24.04 -45.93 29.32
CA VAL C 136 24.40 -46.99 28.40
C VAL C 136 23.60 -48.23 28.80
N LEU C 137 23.16 -49.00 27.80
CA LEU C 137 22.40 -50.24 27.97
C LEU C 137 23.33 -51.40 28.39
N GLN C 138 22.74 -52.40 29.06
CA GLN C 138 23.40 -53.62 29.58
C GLN C 138 24.29 -54.23 28.48
N GLY C 139 23.68 -54.48 27.31
CA GLY C 139 24.35 -55.01 26.12
C GLY C 139 25.29 -54.00 25.44
N GLY C 140 25.55 -52.85 26.07
CA GLY C 140 26.56 -51.90 25.59
C GLY C 140 26.06 -50.99 24.46
N PRO C 141 26.95 -50.10 23.95
CA PRO C 141 26.53 -48.96 23.14
C PRO C 141 26.08 -49.26 21.70
N GLU C 142 26.10 -50.52 21.27
CA GLU C 142 25.49 -50.91 19.98
C GLU C 142 24.16 -51.66 20.23
N SER C 143 23.82 -51.93 21.49
CA SER C 143 22.59 -52.66 21.82
C SER C 143 21.39 -51.70 21.77
N GLU C 144 20.20 -52.29 21.64
CA GLU C 144 18.96 -51.54 21.71
C GLU C 144 17.87 -52.47 22.26
N VAL C 145 16.92 -51.87 22.97
CA VAL C 145 15.95 -52.58 23.78
C VAL C 145 14.56 -51.98 23.49
N GLU C 146 13.51 -52.80 23.53
CA GLU C 146 12.14 -52.34 23.19
C GLU C 146 11.45 -51.84 24.46
N ILE C 147 11.06 -50.56 24.45
CA ILE C 147 10.24 -50.00 25.50
C ILE C 147 8.79 -50.18 25.06
N VAL C 148 8.02 -50.97 25.81
CA VAL C 148 6.67 -51.40 25.38
C VAL C 148 5.63 -50.56 26.12
N LYS C 149 4.62 -50.11 25.38
CA LYS C 149 3.65 -49.17 25.91
C LYS C 149 2.70 -49.93 26.84
N GLY C 150 2.38 -49.33 27.98
CA GLY C 150 1.68 -50.00 29.03
C GLY C 150 2.63 -50.53 30.10
N SER C 151 3.89 -50.78 29.73
CA SER C 151 4.88 -51.33 30.68
C SER C 151 5.27 -50.30 31.75
N GLN C 152 5.70 -50.83 32.89
CA GLN C 152 6.24 -50.05 33.97
C GLN C 152 7.77 -50.02 33.81
N VAL C 153 8.36 -48.82 33.84
CA VAL C 153 9.80 -48.65 33.80
C VAL C 153 10.19 -47.64 34.87
N LEU C 154 11.21 -47.98 35.65
CA LEU C 154 11.78 -47.10 36.64
C LEU C 154 12.78 -46.16 35.95
N VAL C 155 12.80 -44.88 36.35
CA VAL C 155 13.83 -43.93 35.96
C VAL C 155 14.69 -43.68 37.21
N THR C 156 15.96 -44.09 37.16
CA THR C 156 16.85 -44.08 38.34
C THR C 156 18.04 -43.12 38.10
N VAL C 157 18.58 -42.58 39.19
CA VAL C 157 19.85 -41.87 39.14
C VAL C 157 20.90 -42.63 39.98
N ASP C 158 20.60 -43.89 40.31
CA ASP C 158 21.52 -44.80 41.04
C ASP C 158 22.74 -45.09 40.16
N PRO C 159 23.96 -44.60 40.52
CA PRO C 159 25.17 -44.79 39.71
C PRO C 159 25.32 -46.19 39.10
N LYS C 160 24.87 -47.22 39.83
CA LYS C 160 25.13 -48.60 39.45
C LYS C 160 24.34 -48.99 38.20
N PHE C 161 23.31 -48.20 37.84
CA PHE C 161 22.48 -48.45 36.61
C PHE C 161 22.97 -47.67 35.37
N GLN C 162 24.06 -46.89 35.49
CA GLN C 162 24.56 -46.01 34.41
C GLN C 162 24.90 -46.83 33.15
N THR C 163 25.46 -48.03 33.35
CA THR C 163 25.85 -48.91 32.26
C THR C 163 24.96 -50.17 32.19
N ARG C 164 23.81 -50.18 32.89
CA ARG C 164 22.97 -51.40 33.02
C ARG C 164 21.49 -51.16 32.66
N GLY C 165 21.23 -50.18 31.77
CA GLY C 165 19.87 -49.94 31.30
C GLY C 165 19.28 -51.15 30.59
N ASP C 166 17.96 -51.31 30.75
CA ASP C 166 17.19 -52.39 30.09
C ASP C 166 15.81 -51.79 29.75
N ALA C 167 14.83 -52.64 29.44
CA ALA C 167 13.51 -52.17 29.00
C ALA C 167 12.62 -51.80 30.19
N LYS C 168 13.08 -52.08 31.41
CA LYS C 168 12.34 -51.79 32.62
C LYS C 168 13.07 -50.77 33.51
N THR C 169 14.37 -50.58 33.32
CA THR C 169 15.14 -49.52 34.07
C THR C 169 15.91 -48.66 33.05
N VAL C 170 15.72 -47.33 33.14
CA VAL C 170 16.55 -46.36 32.41
C VAL C 170 17.15 -45.37 33.42
N TRP C 171 18.47 -45.19 33.30
CA TRP C 171 19.27 -44.26 34.06
C TRP C 171 19.37 -42.95 33.26
N VAL C 172 19.56 -41.86 34.00
CA VAL C 172 19.50 -40.51 33.49
C VAL C 172 20.57 -39.70 34.27
N ASP C 173 21.25 -38.77 33.58
CA ASP C 173 22.45 -38.09 34.10
C ASP C 173 22.12 -36.78 34.82
N TYR C 174 20.83 -36.46 34.94
CA TYR C 174 20.35 -35.37 35.75
C TYR C 174 19.96 -35.97 37.10
N HIS C 175 20.86 -35.85 38.09
CA HIS C 175 20.69 -36.54 39.37
C HIS C 175 19.41 -36.05 40.07
N ASN C 176 19.10 -34.75 39.91
CA ASN C 176 18.03 -34.09 40.65
C ASN C 176 16.65 -34.35 40.04
N ILE C 177 16.56 -35.23 39.04
CA ILE C 177 15.33 -35.44 38.27
C ILE C 177 14.22 -36.01 39.18
N THR C 178 14.61 -36.77 40.21
CA THR C 178 13.67 -37.50 41.07
C THR C 178 12.99 -36.54 42.07
N ARG C 179 13.54 -35.35 42.28
CA ARG C 179 12.94 -34.38 43.19
C ARG C 179 12.25 -33.24 42.44
N VAL C 180 12.20 -33.32 41.10
CA VAL C 180 11.76 -32.19 40.25
C VAL C 180 10.58 -32.58 39.34
N VAL C 181 10.37 -33.88 39.10
CA VAL C 181 9.27 -34.33 38.26
C VAL C 181 8.17 -34.90 39.18
N ALA C 182 7.06 -34.16 39.28
CA ALA C 182 5.92 -34.54 40.10
C ALA C 182 5.09 -35.60 39.37
N VAL C 183 4.27 -36.31 40.14
CA VAL C 183 3.39 -37.34 39.61
C VAL C 183 2.53 -36.72 38.52
N GLY C 184 2.36 -37.44 37.41
CA GLY C 184 1.60 -36.93 36.28
C GLY C 184 2.46 -36.21 35.26
N GLY C 185 3.71 -35.89 35.63
CA GLY C 185 4.72 -35.35 34.72
C GLY C 185 5.11 -36.32 33.59
N ARG C 186 5.44 -35.75 32.43
CA ARG C 186 5.80 -36.50 31.24
C ARG C 186 7.32 -36.41 31.03
N ILE C 187 7.93 -37.56 30.69
CA ILE C 187 9.36 -37.70 30.38
C ILE C 187 9.50 -38.22 28.95
N TYR C 188 10.02 -37.38 28.06
CA TYR C 188 10.20 -37.73 26.67
C TYR C 188 11.61 -38.26 26.44
N ILE C 189 11.74 -39.32 25.63
CA ILE C 189 13.06 -39.86 25.35
C ILE C 189 13.29 -40.04 23.84
N ASP C 190 14.50 -39.67 23.44
CA ASP C 190 15.02 -39.83 22.09
C ASP C 190 14.17 -39.06 21.06
N ASP C 191 14.47 -37.75 20.89
CA ASP C 191 13.68 -36.81 20.03
C ASP C 191 12.18 -37.02 20.26
N GLY C 192 11.79 -37.15 21.53
CA GLY C 192 10.38 -37.19 21.96
C GLY C 192 9.58 -38.39 21.47
N LEU C 193 10.23 -39.47 21.02
CA LEU C 193 9.51 -40.60 20.41
C LEU C 193 9.09 -41.62 21.49
N ILE C 194 9.68 -41.54 22.68
CA ILE C 194 9.26 -42.35 23.82
C ILE C 194 8.73 -41.39 24.89
N SER C 195 7.64 -41.79 25.56
CA SER C 195 6.94 -40.96 26.51
C SER C 195 6.65 -41.79 27.76
N LEU C 196 7.12 -41.31 28.91
CA LEU C 196 6.82 -41.89 30.24
C LEU C 196 5.96 -40.91 31.05
N VAL C 197 4.96 -41.45 31.76
CA VAL C 197 4.15 -40.67 32.71
C VAL C 197 4.45 -41.19 34.13
N VAL C 198 4.86 -40.31 35.03
CA VAL C 198 5.21 -40.73 36.40
C VAL C 198 3.94 -41.14 37.18
N GLN C 199 3.97 -42.36 37.74
CA GLN C 199 2.94 -42.91 38.62
C GLN C 199 3.27 -42.56 40.09
N LYS C 200 4.52 -42.77 40.49
CA LYS C 200 4.96 -42.56 41.87
C LYS C 200 6.42 -42.10 41.89
N ILE C 201 6.74 -41.31 42.92
CA ILE C 201 8.09 -40.93 43.32
C ILE C 201 8.46 -41.79 44.54
N GLY C 202 9.34 -42.77 44.34
CA GLY C 202 9.81 -43.69 45.38
C GLY C 202 11.24 -43.39 45.82
N PRO C 203 11.83 -44.20 46.71
CA PRO C 203 13.25 -44.07 47.05
C PRO C 203 14.15 -44.53 45.89
N GLU C 204 13.67 -45.50 45.11
CA GLU C 204 14.35 -46.02 43.92
C GLU C 204 14.27 -45.03 42.74
N GLY C 205 13.37 -44.05 42.80
CA GLY C 205 13.22 -43.04 41.74
C GLY C 205 11.80 -42.95 41.25
N LEU C 206 11.63 -42.59 39.96
CA LEU C 206 10.32 -42.32 39.36
C LEU C 206 9.77 -43.58 38.69
N VAL C 207 8.86 -44.29 39.39
CA VAL C 207 8.14 -45.39 38.75
C VAL C 207 7.21 -44.71 37.74
N THR C 208 7.19 -45.23 36.50
CA THR C 208 6.49 -44.56 35.41
C THR C 208 5.78 -45.63 34.58
N GLU C 209 4.88 -45.15 33.71
CA GLU C 209 4.17 -45.98 32.74
C GLU C 209 4.51 -45.51 31.33
N VAL C 210 4.77 -46.45 30.44
CA VAL C 210 5.09 -46.15 29.05
C VAL C 210 3.78 -45.75 28.35
N GLU C 211 3.61 -44.45 28.07
CA GLU C 211 2.47 -43.88 27.34
C GLU C 211 2.71 -44.01 25.83
N HIS C 212 3.91 -43.69 25.36
CA HIS C 212 4.31 -44.03 23.99
C HIS C 212 5.56 -44.88 24.06
N GLY C 213 5.61 -45.92 23.22
CA GLY C 213 6.65 -46.90 23.25
C GLY C 213 7.54 -46.74 22.05
N GLY C 214 8.65 -47.50 22.06
CA GLY C 214 9.61 -47.48 21.00
C GLY C 214 10.90 -48.22 21.36
N ILE C 215 11.77 -48.27 20.35
CA ILE C 215 13.08 -48.89 20.37
C ILE C 215 14.10 -47.89 20.93
N LEU C 216 14.73 -48.24 22.06
CA LEU C 216 15.62 -47.38 22.84
C LEU C 216 17.07 -47.89 22.72
N GLY C 217 17.98 -46.97 22.40
CA GLY C 217 19.41 -47.21 22.37
C GLY C 217 20.09 -46.61 23.60
N SER C 218 21.37 -46.29 23.46
CA SER C 218 22.19 -45.75 24.54
C SER C 218 22.26 -44.22 24.41
N ARG C 219 22.27 -43.54 25.57
CA ARG C 219 22.67 -42.14 25.71
C ARG C 219 21.81 -41.23 24.83
N LYS C 220 20.49 -41.28 25.06
CA LYS C 220 19.52 -40.63 24.19
C LYS C 220 18.94 -39.41 24.93
N GLY C 221 18.60 -38.37 24.17
CA GLY C 221 18.14 -37.09 24.74
C GLY C 221 16.80 -37.22 25.45
N VAL C 222 16.68 -36.52 26.57
CA VAL C 222 15.52 -36.50 27.43
C VAL C 222 14.98 -35.05 27.53
N ASN C 223 13.66 -34.91 27.46
CA ASN C 223 13.00 -33.61 27.53
C ASN C 223 11.98 -33.69 28.66
N LEU C 224 11.88 -32.58 29.41
CA LEU C 224 11.07 -32.48 30.61
C LEU C 224 10.21 -31.24 30.52
N PRO C 225 9.26 -31.19 29.54
CA PRO C 225 8.44 -29.98 29.36
C PRO C 225 7.37 -29.84 30.45
N ASN C 226 7.08 -28.59 30.81
CA ASN C 226 6.22 -28.26 31.95
C ASN C 226 6.83 -28.88 33.23
N THR C 227 8.15 -29.04 33.25
CA THR C 227 8.99 -29.28 34.43
C THR C 227 10.14 -28.27 34.42
N GLU C 228 10.14 -27.34 35.38
CA GLU C 228 11.24 -26.39 35.52
C GLU C 228 12.44 -27.12 36.10
N VAL C 229 13.53 -27.18 35.33
CA VAL C 229 14.73 -27.90 35.71
C VAL C 229 15.60 -26.98 36.59
N ASP C 230 16.53 -27.60 37.32
CA ASP C 230 17.40 -26.90 38.26
C ASP C 230 18.75 -26.61 37.60
N LEU C 231 18.99 -27.16 36.39
CA LEU C 231 20.35 -27.24 35.82
C LEU C 231 20.95 -25.83 35.68
N PRO C 232 22.29 -25.71 35.75
CA PRO C 232 22.96 -24.41 35.88
C PRO C 232 22.80 -23.44 34.70
N GLY C 233 23.04 -23.90 33.46
CA GLY C 233 23.04 -23.05 32.25
C GLY C 233 24.39 -23.12 31.55
N LEU C 234 25.43 -22.75 32.29
CA LEU C 234 26.81 -23.10 31.99
C LEU C 234 27.30 -24.10 33.03
N SER C 235 27.51 -25.36 32.59
CA SER C 235 28.03 -26.44 33.41
C SER C 235 29.57 -26.45 33.34
N GLU C 236 30.19 -27.32 34.12
CA GLU C 236 31.64 -27.40 34.18
C GLU C 236 32.17 -27.78 32.81
N GLN C 237 31.51 -28.73 32.11
CA GLN C 237 31.86 -29.09 30.72
C GLN C 237 31.75 -27.86 29.79
N ASP C 238 30.64 -27.14 29.86
CA ASP C 238 30.42 -25.98 28.99
C ASP C 238 31.61 -25.01 29.13
N LEU C 239 32.13 -24.85 30.35
CA LEU C 239 33.24 -23.91 30.61
C LEU C 239 34.51 -24.45 29.96
N LEU C 240 34.72 -25.76 30.02
CA LEU C 240 35.80 -26.44 29.31
C LEU C 240 35.63 -26.22 27.79
N ASP C 241 34.42 -26.47 27.29
CA ASP C 241 34.14 -26.38 25.86
C ASP C 241 34.29 -24.92 25.38
N LEU C 242 33.94 -23.92 26.19
CA LEU C 242 34.04 -22.51 25.72
C LEU C 242 35.51 -22.11 25.67
N ARG C 243 36.26 -22.56 26.68
CA ARG C 243 37.72 -22.42 26.74
C ARG C 243 38.39 -23.05 25.51
N PHE C 244 38.00 -24.29 25.20
CA PHE C 244 38.48 -24.96 23.98
C PHE C 244 38.21 -24.03 22.78
N GLY C 245 36.99 -23.48 22.71
CA GLY C 245 36.57 -22.56 21.62
C GLY C 245 37.52 -21.37 21.42
N VAL C 246 37.84 -20.68 22.52
CA VAL C 246 38.75 -19.51 22.46
C VAL C 246 40.13 -19.96 21.99
N GLN C 247 40.56 -21.10 22.54
CA GLN C 247 41.89 -21.60 22.32
C GLN C 247 42.07 -22.03 20.86
N HIS C 248 41.02 -22.55 20.21
CA HIS C 248 41.12 -22.98 18.82
C HIS C 248 40.55 -21.92 17.87
N ASN C 249 40.30 -20.71 18.38
CA ASN C 249 39.96 -19.54 17.54
C ASN C 249 38.71 -19.79 16.69
N VAL C 250 37.65 -20.30 17.35
CA VAL C 250 36.38 -20.46 16.68
C VAL C 250 35.78 -19.04 16.48
N ASP C 251 34.85 -18.94 15.54
CA ASP C 251 34.26 -17.66 15.13
C ASP C 251 32.93 -17.42 15.85
N ILE C 252 32.23 -18.51 16.17
CA ILE C 252 30.83 -18.47 16.57
C ILE C 252 30.59 -19.50 17.67
N ILE C 253 29.84 -19.09 18.71
CA ILE C 253 29.17 -19.98 19.63
C ILE C 253 27.67 -20.01 19.30
N PHE C 254 27.18 -21.22 19.00
CA PHE C 254 25.78 -21.51 19.12
C PHE C 254 25.52 -22.01 20.55
N ALA C 255 24.89 -21.14 21.37
CA ALA C 255 24.68 -21.40 22.79
C ALA C 255 23.34 -22.10 23.01
N SER C 256 23.39 -23.37 23.40
CA SER C 256 22.19 -24.22 23.59
C SER C 256 21.35 -23.78 24.78
N PHE C 257 20.02 -23.92 24.63
CA PHE C 257 19.01 -23.78 25.70
C PHE C 257 19.10 -22.41 26.38
N VAL C 258 19.33 -21.33 25.61
CA VAL C 258 19.25 -19.98 26.17
C VAL C 258 17.80 -19.67 26.59
N ARG C 259 17.63 -19.38 27.89
CA ARG C 259 16.32 -19.20 28.54
C ARG C 259 16.07 -17.73 28.89
N LYS C 260 17.13 -16.93 29.01
CA LYS C 260 17.03 -15.56 29.46
C LYS C 260 18.33 -14.84 29.14
N ALA C 261 18.32 -13.50 29.28
CA ALA C 261 19.46 -12.64 28.93
C ALA C 261 20.68 -12.93 29.81
N SER C 262 20.48 -13.29 31.08
CA SER C 262 21.63 -13.53 31.98
C SER C 262 22.47 -14.71 31.48
N ASP C 263 21.81 -15.71 30.87
CA ASP C 263 22.47 -16.86 30.24
C ASP C 263 23.46 -16.40 29.15
N VAL C 264 23.02 -15.47 28.30
CA VAL C 264 23.88 -14.96 27.25
C VAL C 264 25.11 -14.30 27.85
N LEU C 265 24.92 -13.55 28.94
CA LEU C 265 25.98 -12.78 29.53
C LEU C 265 26.96 -13.73 30.23
N ALA C 266 26.45 -14.83 30.77
CA ALA C 266 27.31 -15.88 31.35
C ALA C 266 28.23 -16.45 30.25
N VAL C 267 27.72 -16.63 29.04
CA VAL C 267 28.54 -17.11 27.92
C VAL C 267 29.60 -16.06 27.59
N ARG C 268 29.23 -14.77 27.53
CA ARG C 268 30.18 -13.67 27.22
C ARG C 268 31.30 -13.61 28.27
N ASP C 269 30.96 -13.78 29.56
CA ASP C 269 31.95 -13.76 30.65
C ASP C 269 32.93 -14.93 30.57
N ALA C 270 32.42 -16.15 30.38
CA ALA C 270 33.27 -17.32 30.30
C ALA C 270 34.25 -17.18 29.12
N LEU C 271 33.78 -16.62 28.01
CA LEU C 271 34.64 -16.45 26.84
C LEU C 271 35.84 -15.55 27.18
N GLY C 272 35.65 -14.64 28.14
CA GLY C 272 36.73 -13.85 28.71
C GLY C 272 37.11 -12.70 27.80
N PRO C 273 38.15 -11.92 28.18
CA PRO C 273 38.63 -10.83 27.32
C PRO C 273 39.23 -11.41 26.02
N GLU C 274 39.86 -12.58 26.12
CA GLU C 274 40.43 -13.24 24.95
C GLU C 274 39.36 -13.50 23.88
N GLY C 275 38.10 -13.71 24.29
CA GLY C 275 37.02 -14.24 23.41
C GLY C 275 35.95 -13.23 23.03
N GLN C 276 36.29 -11.94 23.12
CA GLN C 276 35.33 -10.82 23.05
C GLN C 276 34.73 -10.70 21.65
N ASN C 277 35.51 -11.09 20.64
CA ASN C 277 35.13 -10.88 19.26
C ASN C 277 34.34 -12.09 18.72
N ILE C 278 34.24 -13.15 19.54
CA ILE C 278 33.50 -14.33 19.11
C ILE C 278 32.02 -13.97 19.14
N LYS C 279 31.34 -14.28 18.03
CA LYS C 279 29.89 -14.06 17.87
C LYS C 279 29.09 -15.05 18.73
N ILE C 280 28.13 -14.53 19.50
CA ILE C 280 27.24 -15.37 20.29
C ILE C 280 25.87 -15.40 19.63
N ILE C 281 25.48 -16.59 19.16
CA ILE C 281 24.17 -16.86 18.59
C ILE C 281 23.39 -17.71 19.58
N SER C 282 22.31 -17.14 20.14
CA SER C 282 21.50 -17.82 21.17
C SER C 282 20.49 -18.76 20.52
N LYS C 283 20.50 -20.04 20.95
CA LYS C 283 19.56 -21.05 20.50
C LYS C 283 18.31 -21.02 21.40
N ILE C 284 17.15 -20.86 20.74
CA ILE C 284 15.89 -20.83 21.38
C ILE C 284 15.28 -22.22 21.16
N GLU C 285 15.09 -22.95 22.27
CA GLU C 285 14.90 -24.39 22.30
C GLU C 285 13.75 -24.77 23.25
N ASN C 286 13.10 -23.80 23.89
CA ASN C 286 12.03 -24.13 24.85
C ASN C 286 11.13 -22.91 25.04
N HIS C 287 10.10 -23.08 25.87
CA HIS C 287 9.00 -22.17 26.03
C HIS C 287 9.53 -20.86 26.64
N GLU C 288 10.36 -20.99 27.67
CA GLU C 288 10.85 -19.85 28.40
C GLU C 288 11.68 -18.97 27.46
N GLY C 289 12.47 -19.62 26.59
CA GLY C 289 13.29 -18.92 25.61
C GLY C 289 12.46 -18.10 24.65
N VAL C 290 11.29 -18.62 24.26
CA VAL C 290 10.37 -17.93 23.38
C VAL C 290 9.77 -16.74 24.16
N LYS C 291 9.27 -17.05 25.36
CA LYS C 291 8.71 -16.08 26.28
C LYS C 291 9.71 -14.93 26.43
N LYS C 292 10.97 -15.23 26.70
CA LYS C 292 11.98 -14.19 26.95
C LYS C 292 12.76 -13.80 25.69
N PHE C 293 12.20 -14.02 24.49
CA PHE C 293 12.95 -13.80 23.26
C PHE C 293 13.52 -12.38 23.20
N ASP C 294 12.72 -11.36 23.57
CA ASP C 294 13.13 -9.98 23.28
C ASP C 294 14.40 -9.63 24.05
N GLU C 295 14.44 -9.96 25.34
CA GLU C 295 15.58 -9.66 26.20
C GLU C 295 16.81 -10.48 25.76
N ILE C 296 16.58 -11.69 25.25
CA ILE C 296 17.63 -12.58 24.73
C ILE C 296 18.25 -11.93 23.48
N LEU C 297 17.41 -11.52 22.54
CA LEU C 297 17.93 -10.95 21.27
C LEU C 297 18.73 -9.68 21.52
N GLU C 298 18.27 -8.84 22.46
CA GLU C 298 18.96 -7.58 22.84
C GLU C 298 20.46 -7.82 23.04
N VAL C 299 20.80 -8.83 23.86
CA VAL C 299 22.17 -9.04 24.35
C VAL C 299 22.92 -10.03 23.45
N SER C 300 22.25 -10.62 22.45
CA SER C 300 22.89 -11.63 21.58
C SER C 300 23.25 -10.98 20.24
N ASP C 301 24.13 -11.64 19.50
CA ASP C 301 24.50 -11.21 18.17
C ASP C 301 23.47 -11.73 17.15
N GLY C 302 22.75 -12.78 17.52
CA GLY C 302 21.85 -13.46 16.63
C GLY C 302 21.16 -14.63 17.31
N ILE C 303 20.34 -15.34 16.54
CA ILE C 303 19.38 -16.29 17.10
C ILE C 303 19.39 -17.57 16.25
N MET C 304 19.28 -18.72 16.90
CA MET C 304 18.95 -19.94 16.19
C MET C 304 17.59 -20.48 16.66
N VAL C 305 16.70 -20.71 15.67
CA VAL C 305 15.46 -21.44 15.90
C VAL C 305 15.84 -22.93 15.91
N ALA C 306 16.10 -23.44 17.10
CA ALA C 306 16.55 -24.81 17.24
C ALA C 306 15.32 -25.71 17.31
N ARG C 307 14.83 -26.10 16.14
CA ARG C 307 13.50 -26.68 16.01
C ARG C 307 13.38 -28.08 16.63
N GLY C 308 14.49 -28.79 16.82
CA GLY C 308 14.48 -30.14 17.41
C GLY C 308 13.96 -30.15 18.83
N ASP C 309 14.71 -29.54 19.73
CA ASP C 309 14.26 -29.45 21.13
C ASP C 309 12.95 -28.66 21.22
N LEU C 310 12.83 -27.58 20.45
CA LEU C 310 11.69 -26.68 20.59
C LEU C 310 10.41 -27.45 20.26
N GLY C 311 10.48 -28.28 19.21
CA GLY C 311 9.37 -29.12 18.75
C GLY C 311 8.98 -30.26 19.70
N ILE C 312 9.73 -30.49 20.78
CA ILE C 312 9.36 -31.43 21.86
C ILE C 312 8.89 -30.62 23.08
N GLU C 313 9.53 -29.46 23.31
CA GLU C 313 9.27 -28.66 24.47
C GLU C 313 7.90 -27.99 24.31
N ILE C 314 7.53 -27.63 23.08
CA ILE C 314 6.22 -27.03 22.80
C ILE C 314 5.51 -27.92 21.79
N PRO C 315 4.18 -27.79 21.61
CA PRO C 315 3.48 -28.56 20.60
C PRO C 315 4.11 -28.43 19.20
N ALA C 316 4.31 -29.58 18.55
CA ALA C 316 4.94 -29.68 17.24
C ALA C 316 4.24 -28.74 16.25
N GLU C 317 2.93 -28.66 16.37
CA GLU C 317 2.11 -27.88 15.43
C GLU C 317 2.21 -26.36 15.69
N LYS C 318 2.93 -25.93 16.73
CA LYS C 318 3.13 -24.49 17.01
C LYS C 318 4.52 -23.99 16.57
N VAL C 319 5.43 -24.90 16.16
CA VAL C 319 6.83 -24.49 15.97
C VAL C 319 6.92 -23.43 14.85
N PHE C 320 6.13 -23.60 13.79
CA PHE C 320 6.16 -22.70 12.65
C PHE C 320 5.81 -21.25 13.07
N LEU C 321 4.99 -21.07 14.11
CA LEU C 321 4.66 -19.73 14.59
C LEU C 321 5.90 -19.14 15.28
N ALA C 322 6.56 -19.93 16.12
CA ALA C 322 7.74 -19.48 16.80
C ALA C 322 8.83 -19.15 15.76
N GLN C 323 8.98 -20.00 14.74
CA GLN C 323 9.96 -19.77 13.71
C GLN C 323 9.70 -18.41 13.05
N LYS C 324 8.44 -18.15 12.66
CA LYS C 324 8.15 -16.98 11.82
C LYS C 324 8.22 -15.70 12.67
N MET C 325 7.71 -15.77 13.90
CA MET C 325 7.88 -14.70 14.90
C MET C 325 9.36 -14.33 15.06
N MET C 326 10.20 -15.31 15.40
CA MET C 326 11.64 -15.08 15.70
C MET C 326 12.39 -14.57 14.46
N ILE C 327 12.07 -15.06 13.28
CA ILE C 327 12.77 -14.62 12.10
C ILE C 327 12.37 -13.17 11.81
N GLY C 328 11.09 -12.88 11.98
CA GLY C 328 10.56 -11.53 11.76
C GLY C 328 11.21 -10.53 12.69
N ARG C 329 11.15 -10.80 13.99
CA ARG C 329 11.76 -9.92 14.95
C ARG C 329 13.26 -9.76 14.70
N CYS C 330 13.97 -10.83 14.29
CA CYS C 330 15.39 -10.69 14.00
C CYS C 330 15.58 -9.79 12.78
N ASN C 331 14.79 -10.01 11.72
CA ASN C 331 14.86 -9.18 10.53
C ASN C 331 14.62 -7.70 10.91
N LEU C 332 13.71 -7.46 11.86
CA LEU C 332 13.42 -6.11 12.36
C LEU C 332 14.62 -5.52 13.10
N ALA C 333 15.37 -6.36 13.83
CA ALA C 333 16.47 -5.87 14.68
C ALA C 333 17.76 -5.73 13.87
N GLY C 334 17.73 -6.11 12.60
CA GLY C 334 18.91 -6.19 11.76
C GLY C 334 19.96 -7.19 12.29
N LYS C 335 19.51 -8.28 12.93
CA LYS C 335 20.43 -9.30 13.53
C LYS C 335 20.24 -10.69 12.89
N PRO C 336 21.34 -11.46 12.69
CA PRO C 336 21.26 -12.75 12.02
C PRO C 336 20.39 -13.80 12.73
N VAL C 337 19.63 -14.53 11.92
CA VAL C 337 18.81 -15.60 12.42
C VAL C 337 19.01 -16.85 11.54
N VAL C 338 19.06 -18.00 12.23
CA VAL C 338 19.36 -19.35 11.66
C VAL C 338 18.12 -20.23 11.85
N CYS C 339 17.69 -20.85 10.74
CA CYS C 339 16.73 -21.92 10.80
C CYS C 339 17.45 -23.28 10.82
N ALA C 340 17.09 -24.16 11.76
CA ALA C 340 17.80 -25.43 11.92
C ALA C 340 16.84 -26.57 12.23
N THR C 341 17.34 -27.76 11.86
CA THR C 341 16.99 -29.07 12.36
C THR C 341 15.91 -29.70 11.48
N GLN C 342 16.28 -30.82 10.88
CA GLN C 342 15.44 -31.76 10.13
C GLN C 342 14.98 -31.18 8.79
N MET C 343 15.73 -30.19 8.26
CA MET C 343 15.36 -29.48 7.01
C MET C 343 15.36 -30.42 5.80
N LEU C 344 16.34 -31.34 5.73
CA LEU C 344 16.44 -32.30 4.62
C LEU C 344 16.62 -33.71 5.23
N GLU C 345 15.88 -33.98 6.30
CA GLU C 345 16.12 -35.12 7.19
C GLU C 345 16.23 -36.43 6.38
N SER C 346 15.35 -36.63 5.40
CA SER C 346 15.30 -37.88 4.70
C SER C 346 16.64 -38.16 3.99
N MET C 347 17.44 -37.12 3.72
CA MET C 347 18.66 -37.26 2.91
C MET C 347 19.79 -37.93 3.72
N ILE C 348 19.58 -38.15 5.01
CA ILE C 348 20.44 -39.00 5.77
C ILE C 348 20.62 -40.36 5.08
N THR C 349 19.53 -40.93 4.53
CA THR C 349 19.59 -42.24 3.84
C THR C 349 19.22 -42.16 2.34
N LYS C 350 18.58 -41.07 1.85
CA LYS C 350 18.14 -41.00 0.43
C LYS C 350 18.85 -39.85 -0.30
N ALA C 351 18.98 -40.02 -1.62
CA ALA C 351 19.76 -39.16 -2.50
C ALA C 351 18.96 -37.92 -2.91
N ARG C 352 17.63 -38.01 -2.82
CA ARG C 352 16.70 -36.92 -3.12
C ARG C 352 15.83 -36.71 -1.89
N PRO C 353 15.52 -35.44 -1.54
CA PRO C 353 14.68 -35.17 -0.36
C PRO C 353 13.19 -35.27 -0.64
N THR C 354 12.37 -35.19 0.40
CA THR C 354 10.92 -35.19 0.23
C THR C 354 10.43 -33.82 -0.22
N ARG C 355 9.16 -33.76 -0.65
CA ARG C 355 8.55 -32.54 -1.17
C ARG C 355 8.38 -31.53 -0.02
N ALA C 356 8.08 -32.05 1.19
CA ALA C 356 7.98 -31.23 2.40
C ALA C 356 9.33 -30.60 2.71
N GLU C 357 10.42 -31.35 2.50
CA GLU C 357 11.76 -30.88 2.89
C GLU C 357 12.21 -29.74 1.98
N THR C 358 12.01 -29.84 0.65
CA THR C 358 12.39 -28.75 -0.24
C THR C 358 11.59 -27.49 0.11
N SER C 359 10.33 -27.70 0.49
CA SER C 359 9.40 -26.61 0.81
C SER C 359 9.85 -25.93 2.10
N ASP C 360 10.34 -26.73 3.06
CA ASP C 360 10.84 -26.22 4.34
C ASP C 360 12.00 -25.26 4.08
N VAL C 361 12.90 -25.67 3.20
CA VAL C 361 14.10 -24.87 2.95
C VAL C 361 13.66 -23.54 2.27
N ALA C 362 12.86 -23.64 1.21
CA ALA C 362 12.38 -22.46 0.47
C ALA C 362 11.64 -21.49 1.41
N ASN C 363 10.79 -22.02 2.29
CA ASN C 363 9.99 -21.19 3.18
C ASN C 363 10.85 -20.56 4.27
N ALA C 364 11.90 -21.27 4.73
CA ALA C 364 12.81 -20.65 5.67
C ALA C 364 13.41 -19.37 5.03
N VAL C 365 13.83 -19.47 3.77
CA VAL C 365 14.41 -18.33 3.08
C VAL C 365 13.35 -17.21 2.94
N LEU C 366 12.18 -17.58 2.40
CA LEU C 366 11.08 -16.62 2.24
C LEU C 366 10.67 -16.03 3.59
N ASP C 367 10.77 -16.78 4.69
CA ASP C 367 10.43 -16.24 6.02
C ASP C 367 11.39 -15.10 6.42
N GLY C 368 12.65 -15.16 5.93
CA GLY C 368 13.69 -14.18 6.24
C GLY C 368 14.93 -14.75 6.94
N ALA C 369 15.13 -16.08 6.95
CA ALA C 369 16.35 -16.64 7.61
C ALA C 369 17.62 -16.16 6.91
N ASP C 370 18.62 -15.79 7.70
CA ASP C 370 19.92 -15.42 7.16
C ASP C 370 20.71 -16.68 6.79
N CYS C 371 20.49 -17.72 7.59
CA CYS C 371 21.22 -18.99 7.48
C CYS C 371 20.27 -20.17 7.63
N ILE C 372 20.64 -21.26 6.94
CA ILE C 372 20.01 -22.54 7.07
C ILE C 372 21.08 -23.58 7.44
N MET C 373 20.62 -24.67 8.05
CA MET C 373 21.46 -25.61 8.75
C MET C 373 21.09 -27.05 8.37
N LEU C 374 22.14 -27.87 8.41
CA LEU C 374 22.14 -29.29 8.20
C LEU C 374 22.81 -29.90 9.41
N SER C 375 22.21 -30.97 9.95
CA SER C 375 22.71 -31.64 11.13
C SER C 375 23.10 -33.08 10.78
N GLY C 376 22.22 -34.06 11.05
CA GLY C 376 22.54 -35.46 10.71
C GLY C 376 22.83 -35.64 9.22
N GLU C 377 22.19 -34.82 8.37
CA GLU C 377 22.29 -34.94 6.93
C GLU C 377 23.75 -34.82 6.48
N THR C 378 24.57 -34.05 7.21
CA THR C 378 26.00 -33.83 6.85
C THR C 378 26.92 -34.49 7.89
N ALA C 379 26.46 -34.61 9.14
CA ALA C 379 27.29 -35.21 10.18
C ALA C 379 27.48 -36.73 9.98
N LYS C 380 26.43 -37.46 9.57
CA LYS C 380 26.50 -38.94 9.63
C LYS C 380 25.75 -39.64 8.48
N GLY C 381 25.09 -38.88 7.61
CA GLY C 381 24.28 -39.45 6.55
C GLY C 381 25.13 -39.90 5.38
N SER C 382 24.48 -40.55 4.41
CA SER C 382 25.15 -41.16 3.24
C SER C 382 25.39 -40.15 2.13
N PHE C 383 24.88 -38.92 2.26
CA PHE C 383 24.86 -37.98 1.15
C PHE C 383 25.14 -36.56 1.62
N PRO C 384 26.20 -36.33 2.42
CA PRO C 384 26.47 -35.00 2.95
C PRO C 384 26.65 -33.92 1.87
N VAL C 385 27.38 -34.24 0.81
CA VAL C 385 27.67 -33.28 -0.23
C VAL C 385 26.37 -32.93 -0.94
N GLU C 386 25.51 -33.94 -1.16
CA GLU C 386 24.32 -33.66 -2.01
C GLU C 386 23.27 -32.93 -1.16
N ALA C 387 23.34 -33.07 0.18
CA ALA C 387 22.49 -32.31 1.07
C ALA C 387 22.86 -30.83 0.97
N VAL C 388 24.17 -30.54 0.95
CA VAL C 388 24.62 -29.18 0.79
C VAL C 388 24.20 -28.67 -0.58
N MET C 389 24.41 -29.48 -1.62
CA MET C 389 24.05 -29.03 -2.96
C MET C 389 22.56 -28.71 -3.05
N MET C 390 21.73 -29.48 -2.33
CA MET C 390 20.34 -29.30 -2.45
C MET C 390 19.92 -28.00 -1.73
N GLN C 391 20.50 -27.70 -0.56
CA GLN C 391 20.16 -26.45 0.12
C GLN C 391 20.58 -25.28 -0.77
N HIS C 392 21.75 -25.38 -1.40
CA HIS C 392 22.26 -24.33 -2.30
C HIS C 392 21.22 -23.98 -3.37
N ALA C 393 20.70 -25.03 -4.02
CA ALA C 393 19.90 -24.87 -5.21
C ALA C 393 18.51 -24.30 -4.83
N ILE C 394 17.97 -24.73 -3.68
CA ILE C 394 16.66 -24.28 -3.24
C ILE C 394 16.71 -22.79 -2.83
N ALA C 395 17.72 -22.44 -2.04
CA ALA C 395 17.87 -21.11 -1.51
C ALA C 395 18.00 -20.12 -2.67
N ARG C 396 18.75 -20.49 -3.70
CA ARG C 396 18.92 -19.65 -4.85
C ARG C 396 17.56 -19.31 -5.45
N GLU C 397 16.75 -20.36 -5.65
CA GLU C 397 15.42 -20.21 -6.24
C GLU C 397 14.53 -19.33 -5.37
N ALA C 398 14.62 -19.49 -4.05
CA ALA C 398 13.76 -18.79 -3.12
C ALA C 398 14.17 -17.31 -3.00
N GLU C 399 15.48 -17.06 -2.98
CA GLU C 399 16.00 -15.72 -2.85
C GLU C 399 15.50 -14.89 -4.06
N ALA C 400 15.48 -15.46 -5.26
CA ALA C 400 14.95 -14.76 -6.45
C ALA C 400 13.45 -14.43 -6.29
N ALA C 401 12.73 -15.29 -5.53
CA ALA C 401 11.28 -15.24 -5.34
C ALA C 401 10.86 -14.34 -4.18
N VAL C 402 11.81 -13.79 -3.41
CA VAL C 402 11.44 -12.83 -2.31
C VAL C 402 10.77 -11.59 -2.95
N TYR C 403 9.72 -11.07 -2.31
CA TYR C 403 8.97 -9.92 -2.83
C TYR C 403 9.62 -8.63 -2.31
N HIS C 404 10.72 -8.23 -2.94
CA HIS C 404 11.57 -7.09 -2.46
C HIS C 404 10.74 -5.81 -2.27
N ARG C 405 9.89 -5.49 -3.25
CA ARG C 405 9.10 -4.25 -3.22
C ARG C 405 8.43 -4.07 -1.86
N GLN C 406 7.79 -5.13 -1.36
CA GLN C 406 7.13 -5.08 -0.04
C GLN C 406 8.17 -5.10 1.09
N LEU C 407 9.16 -5.99 0.97
CA LEU C 407 10.11 -6.24 2.08
C LEU C 407 10.94 -4.97 2.38
N PHE C 408 11.55 -4.44 1.31
CA PHE C 408 12.35 -3.23 1.37
C PHE C 408 11.55 -2.11 2.03
N GLU C 409 10.31 -1.85 1.57
CA GLU C 409 9.51 -0.77 2.13
C GLU C 409 9.26 -0.98 3.63
N GLU C 410 8.93 -2.21 4.03
CA GLU C 410 8.55 -2.43 5.41
C GLU C 410 9.79 -2.24 6.31
N LEU C 411 10.97 -2.65 5.79
CA LEU C 411 12.26 -2.54 6.55
C LEU C 411 12.71 -1.07 6.55
N ARG C 412 12.63 -0.41 5.39
CA ARG C 412 12.90 1.05 5.34
C ARG C 412 12.12 1.74 6.45
N ARG C 413 10.81 1.50 6.45
CA ARG C 413 9.88 2.28 7.30
C ARG C 413 10.11 1.95 8.78
N ALA C 414 10.47 0.70 9.10
CA ALA C 414 10.55 0.27 10.51
C ALA C 414 11.85 0.77 11.15
N ALA C 415 12.89 0.91 10.32
CA ALA C 415 14.20 1.33 10.81
C ALA C 415 14.11 2.76 11.35
N PRO C 416 14.83 3.09 12.44
CA PRO C 416 14.75 4.43 13.03
C PRO C 416 15.55 5.44 12.21
N LEU C 417 15.20 6.72 12.34
CA LEU C 417 16.04 7.80 11.83
C LEU C 417 17.43 7.62 12.45
N SER C 418 18.47 8.12 11.79
CA SER C 418 19.81 7.97 12.28
C SER C 418 20.70 9.12 11.80
N ARG C 419 21.54 9.61 12.72
CA ARG C 419 22.64 10.53 12.42
C ARG C 419 23.97 9.76 12.29
N ASP C 420 23.94 8.42 12.35
CA ASP C 420 25.16 7.61 12.18
C ASP C 420 25.45 7.48 10.70
N PRO C 421 26.57 8.01 10.19
CA PRO C 421 26.82 8.04 8.76
C PRO C 421 26.91 6.66 8.08
N THR C 422 27.33 5.64 8.81
CA THR C 422 27.36 4.28 8.24
C THR C 422 25.94 3.83 7.90
N GLU C 423 25.02 3.98 8.87
CA GLU C 423 23.57 3.72 8.74
C GLU C 423 22.97 4.56 7.60
N VAL C 424 23.34 5.86 7.50
CA VAL C 424 22.79 6.75 6.46
C VAL C 424 23.23 6.27 5.07
N THR C 425 24.49 5.91 4.93
CA THR C 425 25.07 5.54 3.68
C THR C 425 24.52 4.17 3.26
N ALA C 426 24.33 3.30 4.25
CA ALA C 426 23.81 1.97 3.98
C ALA C 426 22.46 2.06 3.23
N ILE C 427 21.53 2.85 3.78
CA ILE C 427 20.22 2.90 3.18
C ILE C 427 20.29 3.59 1.81
N GLY C 428 21.12 4.62 1.67
CA GLY C 428 21.29 5.25 0.35
C GLY C 428 21.81 4.28 -0.68
N ALA C 429 22.77 3.45 -0.28
CA ALA C 429 23.36 2.49 -1.20
C ALA C 429 22.36 1.40 -1.61
N VAL C 430 21.59 0.89 -0.65
CA VAL C 430 20.61 -0.13 -0.97
C VAL C 430 19.53 0.49 -1.88
N GLU C 431 19.02 1.68 -1.52
CA GLU C 431 18.07 2.39 -2.42
C GLU C 431 18.64 2.46 -3.82
N ALA C 432 19.91 2.87 -3.91
CA ALA C 432 20.53 3.02 -5.20
C ALA C 432 20.61 1.67 -5.92
N SER C 433 21.06 0.61 -5.21
CA SER C 433 21.15 -0.77 -5.82
C SER C 433 19.86 -1.12 -6.56
N PHE C 434 18.73 -0.88 -5.89
CA PHE C 434 17.38 -1.24 -6.38
C PHE C 434 17.02 -0.44 -7.64
N LYS C 435 17.48 0.81 -7.76
CA LYS C 435 17.12 1.71 -8.86
C LYS C 435 17.74 1.24 -10.17
N CYS C 436 18.93 0.65 -10.11
CA CYS C 436 19.68 0.27 -11.32
C CYS C 436 19.79 -1.26 -11.47
N CYS C 437 19.09 -2.01 -10.62
CA CYS C 437 19.29 -3.46 -10.44
C CYS C 437 20.80 -3.77 -10.41
N ALA C 438 21.52 -3.12 -9.49
CA ALA C 438 22.99 -3.26 -9.40
C ALA C 438 23.35 -4.73 -9.14
N ALA C 439 24.35 -5.26 -9.84
CA ALA C 439 24.84 -6.65 -9.63
C ALA C 439 25.40 -6.83 -8.21
N ALA C 440 26.10 -5.80 -7.70
CA ALA C 440 26.64 -5.86 -6.34
C ALA C 440 26.82 -4.46 -5.72
N ILE C 441 26.82 -4.46 -4.38
CA ILE C 441 27.31 -3.41 -3.51
C ILE C 441 28.67 -3.88 -2.95
N ILE C 442 29.75 -3.16 -3.22
CA ILE C 442 31.04 -3.49 -2.73
C ILE C 442 31.33 -2.58 -1.54
N VAL C 443 31.70 -3.19 -0.39
CA VAL C 443 31.91 -2.44 0.81
C VAL C 443 33.23 -2.88 1.44
N LEU C 444 34.00 -1.90 1.93
CA LEU C 444 35.15 -2.22 2.74
C LEU C 444 34.69 -2.26 4.19
N THR C 445 35.13 -3.27 4.94
CA THR C 445 34.81 -3.34 6.34
C THR C 445 35.95 -4.04 7.10
N LYS C 446 36.24 -3.54 8.30
CA LYS C 446 37.21 -4.17 9.21
C LYS C 446 36.52 -5.20 10.11
N THR C 447 35.28 -4.93 10.54
CA THR C 447 34.63 -5.75 11.53
C THR C 447 33.45 -6.52 10.96
N GLY C 448 33.08 -6.25 9.70
CA GLY C 448 31.81 -6.71 9.16
C GLY C 448 30.65 -5.72 9.34
N ARG C 449 30.73 -4.72 10.23
CA ARG C 449 29.51 -3.89 10.58
C ARG C 449 28.91 -3.15 9.37
N SER C 450 29.73 -2.49 8.55
CA SER C 450 29.20 -1.72 7.40
C SER C 450 28.46 -2.63 6.42
N ALA C 451 28.94 -3.88 6.31
CA ALA C 451 28.30 -4.91 5.49
C ALA C 451 26.96 -5.34 6.11
N GLN C 452 26.92 -5.51 7.44
CA GLN C 452 25.67 -5.94 8.12
C GLN C 452 24.56 -4.90 7.92
N LEU C 453 24.93 -3.62 8.04
CA LEU C 453 24.00 -2.52 7.91
C LEU C 453 23.44 -2.42 6.47
N LEU C 454 24.10 -3.01 5.47
CA LEU C 454 23.50 -3.13 4.14
C LEU C 454 22.51 -4.30 4.11
N SER C 455 22.99 -5.45 4.59
CA SER C 455 22.25 -6.71 4.61
C SER C 455 20.88 -6.51 5.26
N GLN C 456 20.81 -5.65 6.28
CA GLN C 456 19.61 -5.46 7.09
C GLN C 456 18.44 -4.91 6.26
N TYR C 457 18.68 -4.33 5.07
CA TYR C 457 17.58 -3.80 4.23
C TYR C 457 17.18 -4.83 3.17
N ARG C 458 17.86 -5.99 3.16
CA ARG C 458 17.55 -7.13 2.28
C ARG C 458 17.63 -6.72 0.81
N PRO C 459 18.78 -6.22 0.36
CA PRO C 459 18.96 -5.91 -1.06
C PRO C 459 19.00 -7.17 -1.93
N ARG C 460 18.64 -7.03 -3.21
N ARG C 460 18.59 -7.02 -3.19
CA ARG C 460 18.71 -8.10 -4.19
CA ARG C 460 18.71 -8.05 -4.19
C ARG C 460 20.16 -8.21 -4.68
C ARG C 460 20.19 -8.21 -4.53
N ALA C 461 20.86 -7.07 -4.72
CA ALA C 461 22.27 -7.01 -5.06
C ALA C 461 23.13 -7.72 -3.99
N ALA C 462 24.18 -8.40 -4.46
CA ALA C 462 25.16 -9.05 -3.61
C ALA C 462 26.02 -8.01 -2.91
N VAL C 463 26.13 -8.11 -1.58
CA VAL C 463 27.04 -7.32 -0.79
C VAL C 463 28.41 -8.03 -0.71
N ILE C 464 29.35 -7.57 -1.53
CA ILE C 464 30.74 -8.05 -1.56
C ILE C 464 31.58 -7.28 -0.54
N ALA C 465 31.90 -7.94 0.59
CA ALA C 465 32.59 -7.33 1.68
C ALA C 465 34.08 -7.62 1.58
N VAL C 466 34.89 -6.55 1.49
CA VAL C 466 36.32 -6.67 1.34
C VAL C 466 36.94 -6.36 2.70
N THR C 467 37.76 -7.30 3.21
CA THR C 467 38.33 -7.15 4.52
C THR C 467 39.71 -7.83 4.60
N ARG C 468 40.57 -7.23 5.42
CA ARG C 468 41.84 -7.79 5.75
C ARG C 468 41.69 -8.75 6.93
N SER C 469 40.61 -8.64 7.71
CA SER C 469 40.43 -9.48 8.93
C SER C 469 39.89 -10.86 8.54
N ALA C 470 40.67 -11.91 8.78
CA ALA C 470 40.26 -13.28 8.44
C ALA C 470 39.02 -13.68 9.25
N GLN C 471 38.96 -13.28 10.50
CA GLN C 471 37.83 -13.59 11.36
C GLN C 471 36.54 -12.91 10.85
N ALA C 472 36.61 -11.61 10.53
CA ALA C 472 35.45 -10.89 10.04
C ALA C 472 34.96 -11.55 8.76
N ALA C 473 35.91 -11.94 7.91
CA ALA C 473 35.58 -12.61 6.68
C ALA C 473 34.80 -13.91 6.92
N ARG C 474 35.11 -14.59 8.01
CA ARG C 474 34.42 -15.81 8.36
C ARG C 474 33.06 -15.44 8.96
N GLN C 475 33.05 -14.51 9.91
CA GLN C 475 31.85 -14.20 10.66
C GLN C 475 30.75 -13.59 9.77
N VAL C 476 31.08 -12.81 8.73
CA VAL C 476 29.99 -12.11 8.02
C VAL C 476 29.05 -13.08 7.31
N HIS C 477 29.42 -14.38 7.20
CA HIS C 477 28.53 -15.41 6.61
C HIS C 477 27.17 -15.51 7.34
N LEU C 478 27.10 -15.06 8.59
CA LEU C 478 25.88 -15.01 9.37
C LEU C 478 24.80 -14.05 8.80
N SER C 479 25.20 -13.06 7.98
CA SER C 479 24.28 -12.02 7.47
C SER C 479 23.92 -12.33 6.00
N ARG C 480 22.62 -12.47 5.69
CA ARG C 480 22.23 -12.87 4.32
C ARG C 480 22.81 -11.87 3.30
N GLY C 481 23.34 -12.40 2.22
CA GLY C 481 23.73 -11.62 1.08
C GLY C 481 25.15 -11.10 1.14
N VAL C 482 25.92 -11.42 2.20
CA VAL C 482 27.28 -10.92 2.33
C VAL C 482 28.28 -11.99 1.89
N PHE C 483 29.03 -11.68 0.82
CA PHE C 483 30.09 -12.49 0.28
C PHE C 483 31.43 -11.89 0.70
N PRO C 484 32.13 -12.54 1.65
CA PRO C 484 33.42 -12.04 2.14
C PRO C 484 34.53 -12.35 1.12
N LEU C 485 35.40 -11.36 0.90
CA LEU C 485 36.65 -11.55 0.17
C LEU C 485 37.78 -11.11 1.11
N LEU C 486 38.67 -12.05 1.43
CA LEU C 486 39.85 -11.76 2.26
C LEU C 486 40.92 -11.15 1.35
N TYR C 487 41.26 -9.89 1.65
CA TYR C 487 42.34 -9.15 0.99
C TYR C 487 43.65 -9.40 1.74
N ARG C 488 44.70 -9.74 1.00
CA ARG C 488 45.96 -10.21 1.59
C ARG C 488 47.14 -9.25 1.31
N GLU C 489 46.96 -8.21 0.51
CA GLU C 489 48.11 -7.39 0.08
C GLU C 489 48.60 -6.49 1.20
N PRO C 490 49.92 -6.20 1.24
CA PRO C 490 50.46 -5.28 2.25
C PRO C 490 49.99 -3.87 1.91
N PRO C 491 49.82 -2.97 2.90
CA PRO C 491 49.25 -1.65 2.68
C PRO C 491 50.06 -0.83 1.66
N GLU C 492 49.35 -0.19 0.73
CA GLU C 492 49.90 0.89 -0.08
C GLU C 492 50.38 2.03 0.84
N ALA C 493 51.38 2.80 0.36
CA ALA C 493 51.94 3.94 1.10
C ALA C 493 50.90 5.06 1.20
N ILE C 494 50.11 5.28 0.15
CA ILE C 494 49.03 6.28 0.25
C ILE C 494 47.72 5.54 0.50
N TRP C 495 47.04 5.91 1.61
CA TRP C 495 45.83 5.22 2.10
C TRP C 495 44.70 5.19 1.03
N ALA C 496 44.43 6.32 0.38
CA ALA C 496 43.46 6.41 -0.73
C ALA C 496 43.75 5.37 -1.81
N ASP C 497 45.05 5.15 -2.07
CA ASP C 497 45.48 4.12 -3.01
C ASP C 497 45.15 2.72 -2.46
N ASP C 498 45.32 2.55 -1.15
CA ASP C 498 45.02 1.28 -0.53
C ASP C 498 43.52 1.01 -0.64
N VAL C 499 42.70 2.04 -0.39
CA VAL C 499 41.26 1.99 -0.50
C VAL C 499 40.89 1.59 -1.92
N ASP C 500 41.47 2.29 -2.89
CA ASP C 500 41.17 2.03 -4.27
C ASP C 500 41.54 0.59 -4.65
N ARG C 501 42.70 0.08 -4.21
CA ARG C 501 43.15 -1.28 -4.58
C ARG C 501 42.12 -2.33 -4.12
N ARG C 502 41.64 -2.19 -2.87
CA ARG C 502 40.60 -3.07 -2.29
C ARG C 502 39.31 -3.02 -3.12
N VAL C 503 38.85 -1.82 -3.49
CA VAL C 503 37.64 -1.67 -4.33
C VAL C 503 37.84 -2.45 -5.64
N GLN C 504 38.96 -2.19 -6.31
CA GLN C 504 39.18 -2.82 -7.62
C GLN C 504 39.32 -4.34 -7.43
N PHE C 505 39.82 -4.78 -6.27
CA PHE C 505 39.97 -6.19 -5.98
C PHE C 505 38.58 -6.84 -5.82
N GLY C 506 37.69 -6.15 -5.12
CA GLY C 506 36.30 -6.57 -5.00
C GLY C 506 35.65 -6.78 -6.37
N ILE C 507 35.88 -5.84 -7.29
CA ILE C 507 35.21 -5.91 -8.62
C ILE C 507 35.84 -7.08 -9.40
N GLU C 508 37.15 -7.21 -9.34
CA GLU C 508 37.85 -8.26 -10.10
C GLU C 508 37.50 -9.66 -9.59
N SER C 509 37.40 -9.83 -8.26
CA SER C 509 36.89 -11.09 -7.69
C SER C 509 35.45 -11.34 -8.17
N GLY C 510 34.66 -10.26 -8.16
CA GLY C 510 33.30 -10.33 -8.60
C GLY C 510 33.19 -10.89 -10.02
N LYS C 511 34.05 -10.41 -10.93
CA LYS C 511 34.04 -10.80 -12.35
C LYS C 511 34.43 -12.27 -12.47
N LEU C 512 35.54 -12.63 -11.83
CA LEU C 512 36.08 -14.00 -11.92
C LEU C 512 35.07 -15.03 -11.40
N ARG C 513 34.39 -14.74 -10.28
CA ARG C 513 33.44 -15.69 -9.71
C ARG C 513 32.09 -15.63 -10.43
N GLY C 514 31.97 -14.71 -11.41
CA GLY C 514 30.81 -14.56 -12.27
C GLY C 514 29.61 -13.87 -11.60
N PHE C 515 29.79 -13.24 -10.44
CA PHE C 515 28.76 -12.38 -9.79
C PHE C 515 28.54 -11.07 -10.59
N LEU C 516 29.58 -10.58 -11.27
CA LEU C 516 29.58 -9.31 -12.01
C LEU C 516 30.00 -9.57 -13.44
N ARG C 517 29.34 -8.92 -14.41
CA ARG C 517 29.78 -8.96 -15.81
C ARG C 517 29.89 -7.52 -16.30
N VAL C 518 30.70 -7.32 -17.35
CA VAL C 518 30.97 -6.00 -17.96
C VAL C 518 29.63 -5.32 -18.32
N GLY C 519 29.52 -4.02 -18.02
CA GLY C 519 28.29 -3.28 -18.25
C GLY C 519 27.39 -3.26 -17.04
N ASP C 520 27.56 -4.19 -16.08
CA ASP C 520 26.84 -4.11 -14.80
C ASP C 520 27.24 -2.82 -14.08
N LEU C 521 26.30 -2.29 -13.28
CA LEU C 521 26.61 -1.22 -12.36
C LEU C 521 26.86 -1.85 -10.99
N VAL C 522 27.82 -1.30 -10.24
CA VAL C 522 27.97 -1.66 -8.84
C VAL C 522 27.94 -0.37 -8.02
N ILE C 523 27.38 -0.45 -6.82
CA ILE C 523 27.50 0.57 -5.81
C ILE C 523 28.74 0.22 -4.98
N VAL C 524 29.56 1.22 -4.62
CA VAL C 524 30.77 1.05 -3.81
C VAL C 524 30.64 1.88 -2.52
N VAL C 525 30.97 1.27 -1.40
CA VAL C 525 30.77 1.88 -0.08
C VAL C 525 32.09 1.86 0.70
N THR C 526 32.56 3.05 1.05
CA THR C 526 33.87 3.31 1.65
C THR C 526 33.71 4.39 2.70
N GLY C 527 34.84 4.74 3.34
CA GLY C 527 34.88 5.74 4.41
C GLY C 527 35.91 6.83 4.13
N TRP C 528 35.96 7.82 5.00
CA TRP C 528 36.72 9.07 4.81
C TRP C 528 38.04 8.98 5.57
N ARG C 529 38.21 7.98 6.44
CA ARG C 529 39.50 7.72 7.07
C ARG C 529 39.63 6.26 7.51
N PRO C 530 40.84 5.82 7.92
CA PRO C 530 41.05 4.46 8.44
C PRO C 530 40.38 4.22 9.79
N GLY C 531 40.14 2.93 10.10
CA GLY C 531 39.52 2.51 11.30
C GLY C 531 38.03 2.31 11.14
N SER C 532 37.47 1.49 12.03
CA SER C 532 36.07 1.20 12.04
C SER C 532 35.25 2.47 12.32
N GLY C 533 34.09 2.59 11.66
CA GLY C 533 33.04 3.53 12.06
C GLY C 533 33.03 4.82 11.24
N TYR C 534 33.76 4.88 10.13
CA TYR C 534 33.89 6.11 9.33
C TYR C 534 33.39 5.91 7.90
N THR C 535 32.65 4.82 7.64
CA THR C 535 31.99 4.62 6.34
C THR C 535 30.99 5.78 6.09
N ASN C 536 31.09 6.43 4.92
CA ASN C 536 30.25 7.62 4.67
C ASN C 536 30.15 7.99 3.19
N ILE C 537 30.63 7.12 2.30
CA ILE C 537 30.70 7.41 0.87
C ILE C 537 30.09 6.24 0.09
N MET C 538 29.20 6.59 -0.85
CA MET C 538 28.62 5.73 -1.84
C MET C 538 28.97 6.25 -3.24
N ARG C 539 29.43 5.36 -4.11
CA ARG C 539 29.80 5.70 -5.50
C ARG C 539 29.16 4.70 -6.46
N VAL C 540 28.93 5.15 -7.70
CA VAL C 540 28.31 4.31 -8.70
C VAL C 540 29.32 4.11 -9.83
N LEU C 541 29.74 2.85 -10.01
CA LEU C 541 30.73 2.48 -11.01
C LEU C 541 30.10 1.50 -12.00
N SER C 542 30.71 1.46 -13.18
CA SER C 542 30.44 0.46 -14.20
C SER C 542 31.56 -0.59 -14.16
N VAL C 543 31.22 -1.87 -14.34
CA VAL C 543 32.31 -2.86 -14.44
C VAL C 543 32.76 -2.94 -15.92
N SER C 544 34.04 -2.62 -16.13
CA SER C 544 34.61 -2.58 -17.45
C SER C 544 35.34 -3.89 -17.72
N HIS C 545 35.62 -4.13 -19.00
CA HIS C 545 36.40 -5.29 -19.45
C HIS C 545 37.80 -5.22 -18.84
N HIS C 546 38.32 -3.99 -18.74
CA HIS C 546 39.59 -3.64 -18.09
C HIS C 546 39.50 -3.92 -16.57
N HIS C 547 40.65 -3.94 -15.89
CA HIS C 547 40.76 -4.37 -14.50
C HIS C 547 40.71 -3.20 -13.49
N HIS C 548 40.74 -1.96 -13.99
N HIS C 548 40.64 -1.97 -13.99
CA HIS C 548 40.44 -0.73 -13.21
CA HIS C 548 40.41 -0.77 -13.18
C HIS C 548 39.06 -0.22 -13.65
C HIS C 548 39.11 -0.10 -13.65
N HIS C 549 38.23 0.20 -12.69
CA HIS C 549 36.85 0.54 -12.93
C HIS C 549 36.54 1.95 -12.44
N HIS C 550 35.55 2.60 -13.08
CA HIS C 550 35.12 3.94 -12.71
C HIS C 550 33.63 4.12 -13.02
N GLN D 19 -13.64 -4.56 23.69
CA GLN D 19 -14.65 -3.63 24.27
C GLN D 19 -15.47 -4.38 25.32
N GLU D 20 -16.47 -5.15 24.87
CA GLU D 20 -17.41 -5.89 25.73
C GLU D 20 -17.54 -7.34 25.25
N LEU D 21 -16.61 -7.78 24.39
CA LEU D 21 -16.40 -9.20 24.08
C LEU D 21 -15.52 -9.81 25.20
N GLY D 22 -14.82 -8.93 25.94
CA GLY D 22 -13.77 -9.29 26.87
C GLY D 22 -12.44 -9.32 26.17
N THR D 23 -11.47 -8.55 26.67
CA THR D 23 -10.18 -8.32 25.96
C THR D 23 -9.35 -9.62 25.90
N ALA D 24 -9.84 -10.69 26.54
CA ALA D 24 -9.32 -12.06 26.37
C ALA D 24 -9.57 -12.54 24.92
N PHE D 25 -10.69 -12.13 24.32
CA PHE D 25 -11.08 -12.49 22.93
C PHE D 25 -10.05 -12.00 21.93
N PHE D 26 -9.47 -10.81 22.17
CA PHE D 26 -8.53 -10.17 21.25
C PHE D 26 -7.09 -10.66 21.46
N GLN D 27 -6.88 -11.66 22.35
CA GLN D 27 -5.58 -12.27 22.63
C GLN D 27 -5.48 -13.71 22.08
N GLN D 28 -6.62 -14.32 21.74
CA GLN D 28 -6.63 -15.67 21.16
C GLN D 28 -6.76 -15.56 19.64
N GLN D 29 -6.55 -16.68 18.93
CA GLN D 29 -6.88 -16.77 17.50
C GLN D 29 -5.87 -15.96 16.66
N GLN D 30 -4.70 -15.65 17.22
CA GLN D 30 -3.70 -14.75 16.60
C GLN D 30 -4.32 -13.38 16.22
N LEU D 31 -5.19 -12.82 17.07
CA LEU D 31 -5.85 -11.53 16.72
C LEU D 31 -4.89 -10.33 16.80
N PRO D 32 -3.91 -10.25 17.74
CA PRO D 32 -2.93 -9.17 17.68
C PRO D 32 -2.19 -9.16 16.34
N ALA D 33 -1.76 -10.35 15.88
CA ALA D 33 -1.09 -10.46 14.61
C ALA D 33 -2.06 -10.13 13.48
N ALA D 34 -3.34 -10.48 13.64
CA ALA D 34 -4.37 -10.18 12.63
C ALA D 34 -4.50 -8.67 12.41
N MET D 35 -4.34 -7.88 13.48
CA MET D 35 -4.54 -6.41 13.43
C MET D 35 -3.21 -5.66 13.24
N ALA D 36 -2.13 -6.36 12.87
CA ALA D 36 -0.89 -5.70 12.44
C ALA D 36 -1.18 -4.77 11.26
N ASP D 37 -0.36 -3.71 11.13
CA ASP D 37 -0.48 -2.77 10.04
C ASP D 37 0.32 -3.29 8.85
N THR D 38 1.39 -4.05 9.09
CA THR D 38 2.28 -4.62 8.03
C THR D 38 2.39 -6.15 8.15
N PHE D 39 2.86 -6.80 7.08
CA PHE D 39 3.09 -8.24 7.09
C PHE D 39 4.16 -8.54 8.15
N LEU D 40 5.28 -7.83 8.03
CA LEU D 40 6.43 -7.96 8.92
C LEU D 40 5.97 -7.84 10.38
N GLU D 41 5.12 -6.85 10.69
CA GLU D 41 4.62 -6.68 12.08
C GLU D 41 3.74 -7.88 12.46
N HIS D 42 2.96 -8.35 11.49
CA HIS D 42 2.12 -9.52 11.67
C HIS D 42 2.95 -10.75 12.10
N LEU D 43 4.06 -11.02 11.40
CA LEU D 43 4.97 -12.11 11.76
C LEU D 43 5.45 -11.92 13.19
N CYS D 44 5.85 -10.69 13.53
CA CYS D 44 6.49 -10.42 14.83
C CYS D 44 5.48 -10.64 15.94
N LEU D 45 4.19 -10.59 15.59
CA LEU D 45 3.13 -10.70 16.61
C LEU D 45 2.59 -12.13 16.77
N LEU D 46 3.03 -13.09 15.93
CA LEU D 46 2.53 -14.44 16.05
C LEU D 46 2.94 -14.98 17.42
N ASP D 47 2.04 -15.71 18.08
CA ASP D 47 2.19 -16.04 19.52
C ASP D 47 1.74 -17.49 19.76
N ILE D 48 2.68 -18.30 20.25
CA ILE D 48 2.42 -19.73 20.44
C ILE D 48 1.42 -19.97 21.58
N ASP D 49 1.19 -18.96 22.44
CA ASP D 49 0.25 -19.10 23.56
C ASP D 49 -1.13 -18.58 23.18
N SER D 50 -1.28 -18.09 21.95
CA SER D 50 -2.56 -17.65 21.42
C SER D 50 -3.26 -18.83 20.75
N GLN D 51 -4.29 -19.36 21.42
CA GLN D 51 -4.92 -20.62 21.05
C GLN D 51 -5.99 -20.39 19.98
N PRO D 52 -6.07 -21.25 18.95
CA PRO D 52 -7.10 -21.11 17.93
C PRO D 52 -8.48 -21.39 18.54
N VAL D 53 -9.51 -20.81 17.93
CA VAL D 53 -10.86 -20.92 18.45
C VAL D 53 -11.80 -21.31 17.31
N ALA D 54 -11.51 -20.86 16.10
CA ALA D 54 -12.28 -21.25 14.95
C ALA D 54 -12.12 -22.76 14.73
N ALA D 55 -13.17 -23.36 14.15
CA ALA D 55 -13.11 -24.71 13.60
C ALA D 55 -12.14 -24.73 12.42
N ARG D 56 -11.43 -25.85 12.29
CA ARG D 56 -10.45 -26.07 11.27
C ARG D 56 -11.17 -26.10 9.93
N SER D 57 -10.67 -25.34 8.95
CA SER D 57 -11.39 -25.01 7.72
C SER D 57 -10.75 -25.64 6.48
N THR D 58 -9.45 -25.96 6.55
CA THR D 58 -8.76 -26.61 5.43
C THR D 58 -9.08 -28.11 5.46
N SER D 59 -9.70 -28.64 4.41
CA SER D 59 -10.24 -29.98 4.41
C SER D 59 -9.06 -30.95 4.18
N ILE D 60 -9.12 -32.12 4.82
CA ILE D 60 -8.08 -33.16 4.79
C ILE D 60 -8.56 -34.28 3.87
N ILE D 61 -7.78 -34.55 2.83
CA ILE D 61 -7.98 -35.68 1.97
C ILE D 61 -7.07 -36.83 2.44
N ALA D 62 -7.67 -38.01 2.68
CA ALA D 62 -6.95 -39.24 3.07
C ALA D 62 -7.07 -40.28 1.95
N THR D 63 -5.93 -40.81 1.49
CA THR D 63 -5.88 -41.91 0.53
C THR D 63 -6.16 -43.25 1.27
N ILE D 64 -7.12 -43.99 0.72
CA ILE D 64 -7.60 -45.22 1.29
C ILE D 64 -6.90 -46.39 0.60
N GLY D 65 -6.19 -47.17 1.43
CA GLY D 65 -5.59 -48.48 1.05
C GLY D 65 -5.42 -49.38 2.28
N PRO D 66 -4.54 -50.40 2.23
CA PRO D 66 -4.35 -51.36 3.32
C PRO D 66 -4.55 -50.86 4.75
N ALA D 67 -3.90 -49.75 5.08
CA ALA D 67 -3.83 -49.22 6.43
C ALA D 67 -5.13 -48.53 6.85
N SER D 68 -6.07 -48.37 5.92
CA SER D 68 -7.27 -47.56 6.17
C SER D 68 -8.53 -48.22 5.59
N ARG D 69 -8.61 -49.56 5.66
CA ARG D 69 -9.73 -50.33 5.04
C ARG D 69 -10.91 -50.60 5.99
N SER D 70 -10.64 -50.78 7.28
CA SER D 70 -11.66 -51.29 8.19
C SER D 70 -12.61 -50.17 8.61
N VAL D 71 -13.89 -50.54 8.81
CA VAL D 71 -14.90 -49.62 9.28
C VAL D 71 -14.42 -48.94 10.57
N ASP D 72 -13.78 -49.70 11.47
CA ASP D 72 -13.36 -49.11 12.76
C ASP D 72 -12.24 -48.09 12.53
N ARG D 73 -11.30 -48.45 11.65
CA ARG D 73 -10.21 -47.56 11.29
C ARG D 73 -10.78 -46.28 10.62
N LEU D 74 -11.75 -46.45 9.72
CA LEU D 74 -12.27 -45.31 8.98
C LEU D 74 -13.05 -44.42 9.94
N LYS D 75 -13.80 -45.01 10.87
CA LYS D 75 -14.51 -44.22 11.84
C LYS D 75 -13.55 -43.30 12.62
N GLU D 76 -12.40 -43.87 13.03
CA GLU D 76 -11.41 -43.15 13.79
C GLU D 76 -10.78 -42.04 12.94
N MET D 77 -10.65 -42.29 11.64
CA MET D 77 -10.04 -41.34 10.73
C MET D 77 -11.00 -40.17 10.55
N ILE D 78 -12.31 -40.49 10.51
CA ILE D 78 -13.34 -39.47 10.43
C ILE D 78 -13.34 -38.62 11.72
N LYS D 79 -13.25 -39.28 12.89
CA LYS D 79 -13.17 -38.56 14.17
C LYS D 79 -11.94 -37.64 14.18
N ALA D 80 -10.82 -38.11 13.62
CA ALA D 80 -9.56 -37.35 13.60
C ALA D 80 -9.66 -36.13 12.67
N GLY D 81 -10.56 -36.17 11.68
CA GLY D 81 -10.85 -35.00 10.83
C GLY D 81 -10.82 -35.23 9.33
N MET D 82 -10.81 -36.50 8.86
CA MET D 82 -10.92 -36.79 7.41
C MET D 82 -12.24 -36.24 6.81
N ASN D 83 -12.15 -35.52 5.68
CA ASN D 83 -13.31 -34.92 5.00
C ASN D 83 -13.51 -35.56 3.61
N ILE D 84 -12.40 -35.95 2.96
CA ILE D 84 -12.43 -36.55 1.63
C ILE D 84 -11.58 -37.82 1.63
N ALA D 85 -12.13 -38.90 1.08
CA ALA D 85 -11.47 -40.18 0.93
C ALA D 85 -11.04 -40.32 -0.54
N ARG D 86 -9.75 -40.59 -0.76
CA ARG D 86 -9.22 -40.68 -2.10
C ARG D 86 -8.96 -42.14 -2.46
N LEU D 87 -9.47 -42.54 -3.62
CA LEU D 87 -9.30 -43.91 -4.12
C LEU D 87 -8.35 -43.86 -5.33
N ASN D 88 -7.17 -44.46 -5.19
CA ASN D 88 -6.20 -44.37 -6.29
C ASN D 88 -6.31 -45.61 -7.19
N PHE D 89 -6.83 -45.38 -8.40
CA PHE D 89 -7.04 -46.41 -9.39
C PHE D 89 -5.76 -46.77 -10.14
N SER D 90 -4.62 -46.16 -9.81
CA SER D 90 -3.34 -46.73 -10.22
C SER D 90 -3.03 -48.03 -9.43
N HIS D 91 -3.80 -48.33 -8.38
CA HIS D 91 -3.61 -49.45 -7.52
C HIS D 91 -4.91 -50.26 -7.41
N GLY D 92 -4.80 -51.49 -6.92
CA GLY D 92 -5.98 -52.35 -6.71
C GLY D 92 -6.75 -52.66 -8.00
N SER D 93 -8.08 -52.59 -7.92
CA SER D 93 -8.99 -53.06 -8.94
C SER D 93 -10.35 -52.43 -8.66
N HIS D 94 -11.28 -52.53 -9.61
CA HIS D 94 -12.66 -52.05 -9.37
C HIS D 94 -13.23 -52.67 -8.09
N GLU D 95 -13.15 -54.01 -8.01
CA GLU D 95 -13.61 -54.81 -6.87
C GLU D 95 -13.05 -54.25 -5.55
N TYR D 96 -11.73 -54.03 -5.50
CA TYR D 96 -11.05 -53.52 -4.31
C TYR D 96 -11.64 -52.17 -3.91
N HIS D 97 -11.76 -51.24 -4.87
CA HIS D 97 -12.26 -49.90 -4.50
C HIS D 97 -13.75 -49.95 -4.15
N ALA D 98 -14.49 -50.93 -4.69
CA ALA D 98 -15.92 -51.06 -4.34
C ALA D 98 -16.05 -51.40 -2.85
N GLU D 99 -15.14 -52.25 -2.36
CA GLU D 99 -15.04 -52.65 -0.95
C GLU D 99 -14.68 -51.44 -0.06
N SER D 100 -13.75 -50.63 -0.56
CA SER D 100 -13.34 -49.45 0.13
C SER D 100 -14.53 -48.50 0.26
N ILE D 101 -15.20 -48.27 -0.86
CA ILE D 101 -16.35 -47.36 -0.87
C ILE D 101 -17.39 -47.85 0.17
N ALA D 102 -17.68 -49.15 0.20
CA ALA D 102 -18.70 -49.68 1.08
C ALA D 102 -18.33 -49.45 2.55
N ASN D 103 -17.03 -49.52 2.87
CA ASN D 103 -16.55 -49.35 4.23
C ASN D 103 -16.53 -47.86 4.60
N ILE D 104 -16.12 -47.01 3.65
CA ILE D 104 -16.15 -45.57 3.89
C ILE D 104 -17.58 -45.15 4.22
N ARG D 105 -18.55 -45.56 3.41
CA ARG D 105 -19.97 -45.15 3.62
C ARG D 105 -20.56 -45.72 4.93
N GLU D 106 -20.19 -46.95 5.31
CA GLU D 106 -20.70 -47.50 6.56
C GLU D 106 -20.14 -46.69 7.73
N ALA D 107 -18.84 -46.39 7.71
CA ALA D 107 -18.22 -45.55 8.76
C ALA D 107 -18.88 -44.17 8.78
N THR D 108 -19.10 -43.60 7.60
CA THR D 108 -19.67 -42.26 7.53
C THR D 108 -21.07 -42.28 8.16
N GLU D 109 -21.87 -43.30 7.84
CA GLU D 109 -23.29 -43.34 8.19
C GLU D 109 -23.49 -43.79 9.63
N SER D 110 -22.44 -44.28 10.29
CA SER D 110 -22.51 -44.70 11.68
C SER D 110 -22.70 -43.50 12.63
N PHE D 111 -22.59 -42.27 12.12
CA PHE D 111 -22.68 -41.04 12.94
C PHE D 111 -23.96 -40.27 12.60
N ALA D 112 -24.79 -40.79 11.68
CA ALA D 112 -26.08 -40.17 11.31
C ALA D 112 -27.10 -40.30 12.46
N THR D 113 -26.74 -41.11 13.48
CA THR D 113 -27.45 -41.23 14.76
C THR D 113 -27.86 -39.84 15.27
N SER D 114 -26.91 -39.07 15.82
CA SER D 114 -27.13 -37.65 16.19
C SER D 114 -27.00 -36.78 14.94
N PRO D 115 -28.12 -36.41 14.25
CA PRO D 115 -28.05 -35.84 12.91
C PRO D 115 -27.55 -34.38 12.81
N LEU D 116 -26.78 -33.93 13.81
CA LEU D 116 -26.00 -32.68 13.75
C LEU D 116 -24.55 -32.89 14.24
N SER D 117 -24.18 -34.13 14.63
CA SER D 117 -22.77 -34.59 14.71
C SER D 117 -22.46 -35.59 13.57
N TYR D 118 -23.21 -35.45 12.47
CA TYR D 118 -22.99 -36.13 11.21
C TYR D 118 -22.03 -35.28 10.36
N ARG D 119 -20.96 -35.91 9.86
CA ARG D 119 -20.01 -35.25 8.98
C ARG D 119 -20.08 -35.90 7.60
N PRO D 120 -20.53 -35.19 6.55
CA PRO D 120 -20.42 -35.73 5.20
C PRO D 120 -18.94 -36.00 4.90
N VAL D 121 -18.69 -37.09 4.13
CA VAL D 121 -17.37 -37.46 3.69
C VAL D 121 -17.46 -37.68 2.18
N ALA D 122 -16.64 -36.95 1.42
CA ALA D 122 -16.69 -37.06 -0.02
C ALA D 122 -15.81 -38.23 -0.43
N ILE D 123 -16.08 -38.76 -1.63
CA ILE D 123 -15.28 -39.81 -2.21
C ILE D 123 -14.70 -39.33 -3.54
N ALA D 124 -13.37 -39.38 -3.65
CA ALA D 124 -12.66 -38.95 -4.89
C ALA D 124 -11.99 -40.15 -5.56
N LEU D 125 -12.29 -40.33 -6.86
CA LEU D 125 -11.65 -41.28 -7.72
C LEU D 125 -10.47 -40.60 -8.41
N ASP D 126 -9.25 -41.11 -8.15
CA ASP D 126 -8.00 -40.62 -8.69
C ASP D 126 -7.63 -41.54 -9.86
N THR D 127 -7.54 -40.97 -11.08
CA THR D 127 -7.37 -41.76 -12.29
C THR D 127 -5.91 -42.19 -12.46
N LYS D 128 -5.70 -43.13 -13.38
CA LYS D 128 -4.38 -43.49 -13.86
C LYS D 128 -3.84 -42.35 -14.73
N GLY D 129 -4.61 -42.03 -15.77
CA GLY D 129 -4.22 -41.05 -16.76
C GLY D 129 -3.05 -41.51 -17.60
N PRO D 130 -2.45 -40.61 -18.39
CA PRO D 130 -1.34 -41.00 -19.26
C PRO D 130 -0.04 -41.17 -18.47
N GLU D 131 0.06 -42.32 -17.78
CA GLU D 131 1.18 -42.69 -16.92
C GLU D 131 1.74 -44.05 -17.34
N ILE D 132 2.99 -44.30 -16.94
CA ILE D 132 3.68 -45.56 -17.03
C ILE D 132 3.87 -46.12 -15.60
N ARG D 133 3.71 -47.43 -15.45
CA ARG D 133 3.75 -48.08 -14.14
C ARG D 133 4.51 -49.38 -14.28
N THR D 134 5.10 -49.83 -13.16
CA THR D 134 5.73 -51.14 -13.06
C THR D 134 4.64 -52.18 -12.79
N GLY D 135 5.05 -53.46 -12.74
CA GLY D 135 4.16 -54.61 -12.57
C GLY D 135 4.04 -55.02 -11.12
N VAL D 136 3.35 -56.15 -10.91
CA VAL D 136 3.17 -56.77 -9.62
C VAL D 136 4.38 -57.68 -9.34
N LEU D 137 4.89 -57.62 -8.12
CA LEU D 137 6.03 -58.44 -7.72
C LEU D 137 5.57 -59.88 -7.54
N GLN D 138 6.55 -60.80 -7.67
CA GLN D 138 6.47 -62.14 -7.08
C GLN D 138 6.27 -61.96 -5.58
N GLY D 139 5.16 -62.50 -5.08
CA GLY D 139 4.77 -62.29 -3.70
C GLY D 139 3.44 -61.58 -3.60
N GLY D 140 3.10 -60.80 -4.64
CA GLY D 140 1.82 -60.07 -4.70
C GLY D 140 1.96 -58.59 -4.32
N PRO D 141 0.85 -57.83 -4.36
CA PRO D 141 0.92 -56.40 -4.13
C PRO D 141 1.29 -56.00 -2.69
N GLU D 142 1.24 -56.95 -1.75
CA GLU D 142 1.66 -56.72 -0.37
C GLU D 142 3.18 -56.82 -0.23
N SER D 143 3.88 -57.34 -1.24
CA SER D 143 5.32 -57.68 -1.08
C SER D 143 6.20 -56.49 -1.48
N GLU D 144 7.47 -56.58 -1.07
CA GLU D 144 8.53 -55.64 -1.45
C GLU D 144 9.84 -56.38 -1.70
N VAL D 145 10.69 -55.78 -2.55
CA VAL D 145 12.06 -56.22 -2.76
C VAL D 145 12.96 -54.98 -2.73
N GLU D 146 14.21 -55.19 -2.33
CA GLU D 146 15.24 -54.17 -2.37
C GLU D 146 15.90 -54.18 -3.75
N ILE D 147 15.92 -53.01 -4.39
CA ILE D 147 16.72 -52.76 -5.58
C ILE D 147 18.06 -52.20 -5.10
N VAL D 148 19.15 -52.94 -5.36
CA VAL D 148 20.45 -52.68 -4.75
C VAL D 148 21.27 -51.77 -5.65
N LYS D 149 21.86 -50.72 -5.07
CA LYS D 149 22.75 -49.83 -5.80
C LYS D 149 23.88 -50.67 -6.41
N GLY D 150 24.14 -50.45 -7.71
CA GLY D 150 25.24 -51.08 -8.41
C GLY D 150 24.82 -52.34 -9.14
N SER D 151 23.71 -52.96 -8.70
CA SER D 151 23.21 -54.20 -9.26
C SER D 151 22.72 -53.94 -10.70
N GLN D 152 22.40 -55.04 -11.42
CA GLN D 152 21.91 -54.94 -12.77
C GLN D 152 20.43 -55.32 -12.76
N VAL D 153 19.63 -54.45 -13.36
CA VAL D 153 18.20 -54.60 -13.40
C VAL D 153 17.77 -54.51 -14.87
N LEU D 154 16.88 -55.43 -15.24
CA LEU D 154 16.33 -55.56 -16.56
C LEU D 154 14.91 -54.99 -16.54
N VAL D 155 14.68 -53.97 -17.37
CA VAL D 155 13.38 -53.38 -17.59
C VAL D 155 12.82 -54.06 -18.83
N THR D 156 11.68 -54.75 -18.69
CA THR D 156 11.16 -55.61 -19.74
C THR D 156 9.69 -55.25 -19.99
N VAL D 157 9.24 -55.50 -21.22
CA VAL D 157 7.84 -55.30 -21.62
C VAL D 157 7.17 -56.67 -21.84
N ASP D 158 7.91 -57.76 -21.52
CA ASP D 158 7.49 -59.15 -21.74
C ASP D 158 6.38 -59.52 -20.75
N PRO D 159 5.14 -59.76 -21.25
CA PRO D 159 4.01 -60.10 -20.39
C PRO D 159 4.19 -61.19 -19.32
N LYS D 160 5.27 -61.98 -19.39
CA LYS D 160 5.44 -63.09 -18.46
C LYS D 160 5.96 -62.56 -17.11
N PHE D 161 6.47 -61.31 -17.06
CA PHE D 161 6.98 -60.72 -15.82
C PHE D 161 5.96 -59.77 -15.20
N GLN D 162 4.78 -59.67 -15.81
CA GLN D 162 3.77 -58.71 -15.46
C GLN D 162 3.38 -58.84 -13.98
N THR D 163 3.29 -60.08 -13.48
CA THR D 163 2.99 -60.34 -12.05
C THR D 163 4.13 -61.14 -11.41
N ARG D 164 5.34 -61.00 -11.94
CA ARG D 164 6.48 -61.87 -11.62
C ARG D 164 7.74 -61.04 -11.40
N GLY D 165 7.58 -59.78 -10.96
CA GLY D 165 8.69 -58.85 -10.77
C GLY D 165 9.54 -59.27 -9.57
N ASP D 166 10.82 -58.89 -9.60
CA ASP D 166 11.69 -59.17 -8.46
C ASP D 166 12.80 -58.13 -8.47
N ALA D 167 13.90 -58.43 -7.75
CA ALA D 167 14.99 -57.47 -7.52
C ALA D 167 15.81 -57.22 -8.79
N LYS D 168 15.59 -58.01 -9.85
CA LYS D 168 16.52 -58.09 -11.03
C LYS D 168 15.80 -57.87 -12.36
N THR D 169 14.48 -58.13 -12.41
CA THR D 169 13.67 -57.79 -13.58
C THR D 169 12.43 -57.01 -13.10
N VAL D 170 12.19 -55.84 -13.70
CA VAL D 170 10.96 -55.07 -13.46
C VAL D 170 10.23 -54.89 -14.79
N TRP D 171 8.94 -55.19 -14.77
CA TRP D 171 8.04 -55.02 -15.91
C TRP D 171 7.46 -53.60 -15.89
N VAL D 172 7.27 -53.03 -17.08
CA VAL D 172 6.60 -51.73 -17.27
C VAL D 172 5.52 -51.87 -18.36
N ASP D 173 4.41 -51.12 -18.20
CA ASP D 173 3.19 -51.23 -19.06
C ASP D 173 3.24 -50.28 -20.26
N TYR D 174 4.41 -49.71 -20.56
CA TYR D 174 4.62 -48.94 -21.78
C TYR D 174 5.41 -49.79 -22.77
N HIS D 175 4.70 -50.43 -23.71
CA HIS D 175 5.30 -51.43 -24.58
C HIS D 175 6.48 -50.85 -25.38
N ASN D 176 6.45 -49.55 -25.67
CA ASN D 176 7.39 -48.95 -26.60
C ASN D 176 8.62 -48.36 -25.88
N ILE D 177 8.89 -48.80 -24.64
CA ILE D 177 9.91 -48.13 -23.79
C ILE D 177 11.31 -48.33 -24.37
N THR D 178 11.56 -49.49 -24.99
CA THR D 178 12.88 -49.84 -25.61
C THR D 178 13.35 -48.74 -26.57
N ARG D 179 12.42 -48.00 -27.17
CA ARG D 179 12.74 -47.03 -28.20
C ARG D 179 12.92 -45.60 -27.65
N VAL D 180 12.18 -45.22 -26.60
CA VAL D 180 12.15 -43.81 -26.15
C VAL D 180 13.33 -43.48 -25.22
N VAL D 181 14.03 -44.50 -24.69
CA VAL D 181 15.11 -44.29 -23.73
C VAL D 181 16.44 -44.65 -24.40
N ALA D 182 17.33 -43.65 -24.47
CA ALA D 182 18.70 -43.82 -24.98
C ALA D 182 19.55 -44.66 -24.02
N VAL D 183 20.69 -45.16 -24.51
CA VAL D 183 21.72 -45.71 -23.66
C VAL D 183 22.30 -44.54 -22.86
N GLY D 184 22.49 -44.78 -21.55
CA GLY D 184 22.99 -43.74 -20.66
C GLY D 184 21.92 -42.77 -20.19
N GLY D 185 20.65 -43.04 -20.48
CA GLY D 185 19.51 -42.25 -19.95
C GLY D 185 18.91 -42.88 -18.69
N ARG D 186 18.19 -42.05 -17.92
CA ARG D 186 17.70 -42.44 -16.59
C ARG D 186 16.23 -42.89 -16.71
N ILE D 187 15.94 -43.99 -16.02
CA ILE D 187 14.59 -44.41 -15.71
C ILE D 187 14.36 -44.23 -14.20
N TYR D 188 13.42 -43.36 -13.83
CA TYR D 188 13.07 -43.14 -12.44
C TYR D 188 11.84 -43.98 -12.09
N ILE D 189 11.83 -44.53 -10.87
CA ILE D 189 10.71 -45.36 -10.37
C ILE D 189 10.23 -44.88 -8.99
N ASP D 190 8.92 -44.79 -8.82
CA ASP D 190 8.26 -44.41 -7.58
C ASP D 190 8.65 -42.98 -7.18
N ASP D 191 8.23 -42.01 -8.00
CA ASP D 191 8.41 -40.58 -7.71
C ASP D 191 9.89 -40.28 -7.51
N GLY D 192 10.76 -40.96 -8.28
CA GLY D 192 12.20 -40.72 -8.22
C GLY D 192 12.92 -41.44 -7.08
N LEU D 193 12.23 -42.28 -6.30
CA LEU D 193 12.89 -43.09 -5.24
C LEU D 193 14.05 -43.91 -5.83
N ILE D 194 13.79 -44.62 -6.94
CA ILE D 194 14.82 -45.46 -7.55
C ILE D 194 15.23 -44.84 -8.89
N SER D 195 16.55 -44.75 -9.10
CA SER D 195 17.10 -44.34 -10.38
C SER D 195 17.88 -45.47 -11.05
N LEU D 196 17.51 -45.80 -12.30
CA LEU D 196 18.22 -46.77 -13.15
C LEU D 196 18.88 -46.03 -14.33
N VAL D 197 20.10 -46.43 -14.71
CA VAL D 197 20.77 -45.94 -15.96
C VAL D 197 20.89 -47.10 -16.97
N VAL D 198 20.47 -46.81 -18.20
CA VAL D 198 20.41 -47.79 -19.28
C VAL D 198 21.83 -48.01 -19.80
N GLN D 199 22.27 -49.28 -19.72
CA GLN D 199 23.60 -49.73 -20.16
C GLN D 199 23.54 -50.14 -21.63
N LYS D 200 22.59 -51.04 -21.94
CA LYS D 200 22.47 -51.70 -23.25
C LYS D 200 20.98 -51.94 -23.53
N ILE D 201 20.62 -51.79 -24.82
CA ILE D 201 19.27 -51.95 -25.37
C ILE D 201 19.27 -53.16 -26.32
N GLY D 202 18.39 -54.13 -26.04
CA GLY D 202 18.44 -55.43 -26.67
C GLY D 202 17.06 -56.08 -26.76
N PRO D 203 16.99 -57.42 -26.96
CA PRO D 203 15.72 -58.08 -27.23
C PRO D 203 14.84 -58.14 -25.97
N GLU D 204 15.48 -58.47 -24.83
CA GLU D 204 14.81 -58.68 -23.53
C GLU D 204 14.23 -57.39 -22.96
N GLY D 205 14.82 -56.26 -23.36
CA GLY D 205 14.39 -54.94 -22.94
C GLY D 205 15.57 -53.97 -22.79
N LEU D 206 15.60 -53.25 -21.67
CA LEU D 206 16.74 -52.46 -21.29
C LEU D 206 17.37 -53.09 -20.06
N VAL D 207 18.64 -53.48 -20.18
CA VAL D 207 19.48 -53.80 -19.04
C VAL D 207 20.05 -52.47 -18.52
N THR D 208 19.87 -52.25 -17.22
CA THR D 208 20.28 -51.03 -16.55
C THR D 208 21.14 -51.38 -15.34
N GLU D 209 21.93 -50.39 -14.90
CA GLU D 209 22.62 -50.42 -13.61
C GLU D 209 21.88 -49.46 -12.65
N VAL D 210 21.73 -49.90 -11.39
CA VAL D 210 21.04 -49.10 -10.37
C VAL D 210 21.96 -47.99 -9.90
N GLU D 211 21.58 -46.74 -10.17
CA GLU D 211 22.24 -45.51 -9.68
C GLU D 211 21.84 -45.23 -8.22
N HIS D 212 20.53 -45.17 -7.95
CA HIS D 212 19.99 -45.07 -6.58
C HIS D 212 19.06 -46.24 -6.33
N GLY D 213 19.35 -47.00 -5.26
CA GLY D 213 18.56 -48.14 -4.87
C GLY D 213 17.43 -47.73 -3.95
N GLY D 214 16.59 -48.68 -3.58
CA GLY D 214 15.57 -48.49 -2.56
C GLY D 214 14.60 -49.65 -2.50
N ILE D 215 13.57 -49.51 -1.67
CA ILE D 215 12.57 -50.56 -1.52
C ILE D 215 11.47 -50.34 -2.57
N LEU D 216 11.27 -51.36 -3.41
CA LEU D 216 10.34 -51.29 -4.51
C LEU D 216 9.07 -52.05 -4.12
N GLY D 217 7.93 -51.45 -4.44
CA GLY D 217 6.65 -52.13 -4.37
C GLY D 217 6.11 -52.44 -5.74
N SER D 218 4.89 -52.97 -5.76
CA SER D 218 4.12 -53.16 -6.98
C SER D 218 3.56 -51.81 -7.45
N ARG D 219 3.59 -51.63 -8.78
CA ARG D 219 2.74 -50.73 -9.56
C ARG D 219 3.15 -49.29 -9.24
N LYS D 220 4.44 -49.02 -9.47
CA LYS D 220 5.06 -47.76 -9.09
C LYS D 220 5.26 -46.95 -10.37
N GLY D 221 5.14 -45.64 -10.21
CA GLY D 221 5.24 -44.67 -11.30
C GLY D 221 6.61 -44.69 -11.91
N VAL D 222 6.67 -44.59 -13.24
CA VAL D 222 7.89 -44.48 -14.01
C VAL D 222 7.90 -43.09 -14.64
N ASN D 223 9.02 -42.39 -14.46
CA ASN D 223 9.16 -41.06 -15.00
C ASN D 223 10.43 -41.03 -15.85
N LEU D 224 10.27 -40.53 -17.08
CA LEU D 224 11.34 -40.58 -18.06
C LEU D 224 11.74 -39.15 -18.37
N PRO D 225 12.90 -38.67 -17.89
CA PRO D 225 13.38 -37.32 -18.22
C PRO D 225 13.90 -37.30 -19.66
N ASN D 226 13.84 -36.12 -20.29
CA ASN D 226 14.30 -35.85 -21.66
C ASN D 226 13.71 -36.89 -22.63
N THR D 227 12.40 -37.17 -22.53
CA THR D 227 11.70 -38.00 -23.51
C THR D 227 10.29 -37.46 -23.72
N GLU D 228 9.72 -37.76 -24.91
CA GLU D 228 8.32 -37.57 -25.20
C GLU D 228 7.71 -38.95 -25.29
N VAL D 229 6.50 -39.10 -24.73
CA VAL D 229 5.75 -40.34 -24.84
C VAL D 229 4.38 -40.03 -25.46
N ASP D 230 3.90 -40.95 -26.29
CA ASP D 230 2.64 -40.81 -26.97
C ASP D 230 1.60 -41.63 -26.19
N LEU D 231 0.95 -40.99 -25.22
CA LEU D 231 -0.08 -41.66 -24.46
C LEU D 231 -1.38 -40.91 -24.65
N PRO D 232 -2.50 -41.64 -24.86
CA PRO D 232 -3.75 -41.07 -25.36
C PRO D 232 -4.34 -39.89 -24.56
N GLY D 233 -4.40 -40.01 -23.24
CA GLY D 233 -5.11 -39.03 -22.41
C GLY D 233 -6.24 -39.70 -21.64
N LEU D 234 -7.04 -40.49 -22.35
CA LEU D 234 -7.95 -41.43 -21.75
C LEU D 234 -7.78 -42.79 -22.43
N SER D 235 -7.14 -43.71 -21.71
CA SER D 235 -6.97 -45.08 -22.10
C SER D 235 -8.30 -45.85 -21.98
N GLU D 236 -8.31 -47.08 -22.50
CA GLU D 236 -9.47 -47.94 -22.36
C GLU D 236 -9.76 -48.17 -20.87
N GLN D 237 -8.71 -48.28 -20.05
CA GLN D 237 -8.88 -48.53 -18.61
C GLN D 237 -9.47 -47.28 -17.95
N ASP D 238 -9.03 -46.09 -18.39
CA ASP D 238 -9.53 -44.81 -17.85
C ASP D 238 -11.06 -44.72 -18.06
N LEU D 239 -11.55 -45.10 -19.24
CA LEU D 239 -12.97 -45.02 -19.54
C LEU D 239 -13.76 -46.00 -18.65
N LEU D 240 -13.23 -47.22 -18.44
CA LEU D 240 -13.88 -48.17 -17.50
C LEU D 240 -13.91 -47.56 -16.09
N ASP D 241 -12.80 -46.94 -15.68
CA ASP D 241 -12.66 -46.36 -14.33
C ASP D 241 -13.62 -45.18 -14.15
N LEU D 242 -13.85 -44.39 -15.20
CA LEU D 242 -14.74 -43.21 -15.05
C LEU D 242 -16.20 -43.68 -14.98
N ARG D 243 -16.52 -44.73 -15.73
CA ARG D 243 -17.86 -45.32 -15.68
C ARG D 243 -18.10 -45.88 -14.26
N PHE D 244 -17.09 -46.55 -13.69
CA PHE D 244 -17.14 -46.99 -12.29
C PHE D 244 -17.49 -45.82 -11.36
N GLY D 245 -16.76 -44.70 -11.52
CA GLY D 245 -16.99 -43.52 -10.69
C GLY D 245 -18.42 -43.05 -10.77
N VAL D 246 -18.95 -42.95 -11.99
CA VAL D 246 -20.34 -42.52 -12.17
C VAL D 246 -21.26 -43.53 -11.48
N GLN D 247 -21.04 -44.82 -11.73
CA GLN D 247 -21.98 -45.84 -11.26
C GLN D 247 -21.97 -45.99 -9.75
N HIS D 248 -20.84 -45.65 -9.10
CA HIS D 248 -20.76 -45.75 -7.62
C HIS D 248 -20.99 -44.38 -6.95
N ASN D 249 -21.37 -43.39 -7.76
CA ASN D 249 -21.82 -42.06 -7.24
C ASN D 249 -20.67 -41.34 -6.51
N VAL D 250 -19.49 -41.29 -7.16
CA VAL D 250 -18.36 -40.60 -6.57
C VAL D 250 -18.63 -39.09 -6.72
N ASP D 251 -17.96 -38.29 -5.90
CA ASP D 251 -18.19 -36.84 -5.85
C ASP D 251 -17.20 -36.05 -6.71
N ILE D 252 -15.97 -36.59 -6.84
CA ILE D 252 -14.79 -35.90 -7.34
C ILE D 252 -13.98 -36.90 -8.17
N ILE D 253 -13.50 -36.43 -9.33
CA ILE D 253 -12.42 -37.03 -10.07
C ILE D 253 -11.18 -36.17 -9.86
N PHE D 254 -10.11 -36.78 -9.35
CA PHE D 254 -8.79 -36.21 -9.40
C PHE D 254 -8.11 -36.75 -10.65
N ALA D 255 -7.98 -35.91 -11.68
CA ALA D 255 -7.60 -36.41 -13.00
C ALA D 255 -6.09 -36.28 -13.16
N SER D 256 -5.42 -37.44 -13.19
CA SER D 256 -3.98 -37.50 -13.23
C SER D 256 -3.44 -36.98 -14.58
N PHE D 257 -2.23 -36.42 -14.51
CA PHE D 257 -1.44 -35.94 -15.62
C PHE D 257 -2.25 -35.15 -16.64
N VAL D 258 -2.97 -34.13 -16.16
CA VAL D 258 -3.63 -33.18 -17.03
C VAL D 258 -2.56 -32.27 -17.64
N ARG D 259 -2.44 -32.34 -18.98
CA ARG D 259 -1.39 -31.66 -19.73
C ARG D 259 -1.96 -30.50 -20.55
N LYS D 260 -3.27 -30.47 -20.77
CA LYS D 260 -3.90 -29.43 -21.57
C LYS D 260 -5.41 -29.41 -21.33
N ALA D 261 -6.05 -28.32 -21.77
CA ALA D 261 -7.49 -28.09 -21.61
C ALA D 261 -8.28 -29.26 -22.22
N SER D 262 -7.84 -29.79 -23.36
CA SER D 262 -8.54 -30.90 -24.01
C SER D 262 -8.62 -32.11 -23.06
N ASP D 263 -7.57 -32.35 -22.28
CA ASP D 263 -7.55 -33.48 -21.33
C ASP D 263 -8.77 -33.42 -20.42
N VAL D 264 -9.06 -32.22 -19.90
CA VAL D 264 -10.16 -32.01 -18.94
C VAL D 264 -11.49 -32.25 -19.65
N LEU D 265 -11.62 -31.77 -20.89
CA LEU D 265 -12.85 -31.86 -21.65
C LEU D 265 -13.12 -33.32 -22.01
N ALA D 266 -12.07 -34.07 -22.33
CA ALA D 266 -12.23 -35.52 -22.60
C ALA D 266 -12.79 -36.23 -21.37
N VAL D 267 -12.27 -35.87 -20.19
CA VAL D 267 -12.73 -36.44 -18.96
C VAL D 267 -14.22 -36.11 -18.81
N ARG D 268 -14.57 -34.85 -19.07
CA ARG D 268 -15.92 -34.40 -18.86
C ARG D 268 -16.86 -35.10 -19.83
N ASP D 269 -16.40 -35.32 -21.08
CA ASP D 269 -17.14 -36.04 -22.11
C ASP D 269 -17.41 -37.45 -21.59
N ALA D 270 -16.36 -38.16 -21.18
CA ALA D 270 -16.47 -39.55 -20.79
C ALA D 270 -17.45 -39.72 -19.61
N LEU D 271 -17.50 -38.76 -18.68
CA LEU D 271 -18.43 -38.80 -17.53
C LEU D 271 -19.89 -38.68 -18.02
N GLY D 272 -20.08 -37.91 -19.09
CA GLY D 272 -21.36 -37.87 -19.79
C GLY D 272 -22.42 -37.10 -19.02
N PRO D 273 -23.67 -37.08 -19.53
CA PRO D 273 -24.79 -36.41 -18.85
C PRO D 273 -25.05 -36.97 -17.45
N GLU D 274 -24.88 -38.29 -17.30
CA GLU D 274 -25.00 -38.97 -15.99
C GLU D 274 -23.99 -38.42 -14.96
N GLY D 275 -22.81 -37.96 -15.43
CA GLY D 275 -21.70 -37.53 -14.57
C GLY D 275 -21.53 -36.01 -14.43
N GLN D 276 -22.52 -35.25 -14.91
CA GLN D 276 -22.51 -33.78 -15.04
C GLN D 276 -22.03 -33.07 -13.77
N ASN D 277 -22.52 -33.53 -12.61
CA ASN D 277 -22.38 -32.82 -11.36
C ASN D 277 -21.11 -33.26 -10.61
N ILE D 278 -20.33 -34.16 -11.21
CA ILE D 278 -19.05 -34.64 -10.62
C ILE D 278 -17.99 -33.55 -10.88
N LYS D 279 -17.32 -33.11 -9.80
CA LYS D 279 -16.23 -32.13 -9.84
C LYS D 279 -15.00 -32.77 -10.44
N ILE D 280 -14.39 -32.08 -11.41
CA ILE D 280 -13.08 -32.43 -11.91
C ILE D 280 -12.03 -31.49 -11.28
N ILE D 281 -11.10 -32.09 -10.52
CA ILE D 281 -9.88 -31.45 -10.04
C ILE D 281 -8.70 -31.95 -10.87
N SER D 282 -8.12 -31.08 -11.70
CA SER D 282 -7.06 -31.47 -12.58
C SER D 282 -5.76 -31.50 -11.80
N LYS D 283 -5.03 -32.62 -11.91
CA LYS D 283 -3.75 -32.77 -11.27
C LYS D 283 -2.66 -32.24 -12.21
N ILE D 284 -1.80 -31.37 -11.65
CA ILE D 284 -0.68 -30.84 -12.38
C ILE D 284 0.58 -31.55 -11.88
N GLU D 285 1.22 -32.33 -12.74
CA GLU D 285 2.29 -33.22 -12.30
C GLU D 285 3.49 -33.24 -13.25
N ASN D 286 3.49 -32.39 -14.28
CA ASN D 286 4.62 -32.33 -15.18
C ASN D 286 4.73 -30.92 -15.78
N HIS D 287 5.76 -30.72 -16.61
CA HIS D 287 6.16 -29.39 -17.07
C HIS D 287 5.06 -28.77 -17.96
N GLU D 288 4.55 -29.52 -18.94
CA GLU D 288 3.47 -29.08 -19.84
C GLU D 288 2.27 -28.58 -19.03
N GLY D 289 1.92 -29.31 -17.97
CA GLY D 289 0.81 -28.94 -17.10
C GLY D 289 1.00 -27.57 -16.47
N VAL D 290 2.21 -27.30 -15.98
CA VAL D 290 2.53 -25.98 -15.45
C VAL D 290 2.43 -24.95 -16.60
N LYS D 291 2.98 -25.28 -17.77
CA LYS D 291 2.98 -24.39 -18.95
C LYS D 291 1.55 -23.98 -19.28
N LYS D 292 0.63 -24.94 -19.20
CA LYS D 292 -0.71 -24.74 -19.71
C LYS D 292 -1.69 -24.52 -18.55
N PHE D 293 -1.17 -24.10 -17.41
CA PHE D 293 -1.96 -24.01 -16.22
C PHE D 293 -3.24 -23.23 -16.49
N ASP D 294 -3.10 -22.04 -17.07
CA ASP D 294 -4.19 -21.12 -17.22
C ASP D 294 -5.34 -21.75 -18.01
N GLU D 295 -5.06 -22.39 -19.14
CA GLU D 295 -6.14 -23.01 -19.94
C GLU D 295 -6.75 -24.24 -19.23
N ILE D 296 -5.98 -24.91 -18.34
CA ILE D 296 -6.46 -26.06 -17.57
C ILE D 296 -7.39 -25.56 -16.46
N LEU D 297 -6.99 -24.51 -15.75
CA LEU D 297 -7.78 -24.02 -14.61
C LEU D 297 -9.14 -23.50 -15.09
N GLU D 298 -9.12 -22.91 -16.28
CA GLU D 298 -10.27 -22.31 -16.96
C GLU D 298 -11.40 -23.34 -17.07
N VAL D 299 -11.09 -24.55 -17.59
CA VAL D 299 -12.12 -25.56 -17.81
C VAL D 299 -12.23 -26.54 -16.63
N SER D 300 -11.42 -26.42 -15.57
CA SER D 300 -11.42 -27.33 -14.39
C SER D 300 -12.25 -26.75 -13.25
N ASP D 301 -12.80 -27.59 -12.38
CA ASP D 301 -13.44 -27.09 -11.15
C ASP D 301 -12.37 -26.68 -10.14
N GLY D 302 -11.17 -27.23 -10.28
CA GLY D 302 -10.11 -26.98 -9.33
C GLY D 302 -8.83 -27.65 -9.78
N ILE D 303 -7.83 -27.59 -8.89
CA ILE D 303 -6.49 -28.00 -9.17
C ILE D 303 -5.94 -28.81 -7.99
N MET D 304 -5.09 -29.78 -8.32
CA MET D 304 -4.20 -30.44 -7.35
C MET D 304 -2.75 -30.20 -7.75
N VAL D 305 -1.97 -29.71 -6.79
CA VAL D 305 -0.54 -29.65 -6.95
C VAL D 305 0.04 -31.00 -6.54
N ALA D 306 0.28 -31.86 -7.53
CA ALA D 306 0.65 -33.27 -7.32
C ALA D 306 2.17 -33.39 -7.24
N ARG D 307 2.74 -33.10 -6.08
CA ARG D 307 4.17 -32.80 -6.00
C ARG D 307 5.03 -34.05 -6.17
N GLY D 308 4.44 -35.24 -5.99
CA GLY D 308 5.15 -36.54 -6.18
C GLY D 308 5.74 -36.66 -7.58
N ASP D 309 4.85 -36.76 -8.56
CA ASP D 309 5.28 -36.77 -9.97
C ASP D 309 5.93 -35.43 -10.34
N LEU D 310 5.31 -34.31 -9.93
CA LEU D 310 5.79 -33.01 -10.37
C LEU D 310 7.26 -32.86 -9.98
N GLY D 311 7.60 -33.34 -8.77
CA GLY D 311 8.94 -33.19 -8.18
C GLY D 311 10.00 -34.11 -8.78
N ILE D 312 9.61 -35.05 -9.64
CA ILE D 312 10.60 -35.76 -10.40
C ILE D 312 10.49 -35.40 -11.89
N GLU D 313 9.40 -34.76 -12.35
CA GLU D 313 9.33 -34.29 -13.74
C GLU D 313 10.09 -32.98 -13.90
N ILE D 314 10.01 -32.09 -12.91
CA ILE D 314 10.80 -30.89 -12.91
C ILE D 314 11.81 -30.96 -11.77
N PRO D 315 12.82 -30.04 -11.75
CA PRO D 315 13.81 -30.03 -10.69
C PRO D 315 13.19 -29.80 -9.33
N ALA D 316 13.63 -30.61 -8.36
CA ALA D 316 13.02 -30.67 -7.03
C ALA D 316 13.04 -29.29 -6.38
N GLU D 317 14.07 -28.48 -6.67
CA GLU D 317 14.21 -27.14 -6.05
C GLU D 317 13.25 -26.10 -6.65
N LYS D 318 12.51 -26.47 -7.71
CA LYS D 318 11.56 -25.59 -8.40
C LYS D 318 10.10 -25.81 -7.93
N VAL D 319 9.85 -26.92 -7.24
CA VAL D 319 8.47 -27.35 -7.05
C VAL D 319 7.72 -26.29 -6.24
N PHE D 320 8.38 -25.71 -5.24
CA PHE D 320 7.77 -24.69 -4.38
C PHE D 320 7.25 -23.46 -5.20
N LEU D 321 7.91 -23.12 -6.30
CA LEU D 321 7.50 -22.02 -7.17
C LEU D 321 6.18 -22.39 -7.86
N ALA D 322 6.12 -23.62 -8.40
CA ALA D 322 4.97 -24.13 -9.04
C ALA D 322 3.81 -24.18 -8.04
N GLN D 323 4.10 -24.61 -6.81
CA GLN D 323 3.06 -24.71 -5.79
C GLN D 323 2.49 -23.30 -5.50
N LYS D 324 3.37 -22.34 -5.24
CA LYS D 324 2.89 -21.01 -4.78
C LYS D 324 2.16 -20.29 -5.92
N MET D 325 2.65 -20.47 -7.16
CA MET D 325 2.07 -19.88 -8.33
C MET D 325 0.65 -20.45 -8.52
N MET D 326 0.53 -21.77 -8.48
CA MET D 326 -0.72 -22.41 -8.80
C MET D 326 -1.78 -22.10 -7.74
N ILE D 327 -1.39 -22.10 -6.46
CA ILE D 327 -2.35 -21.79 -5.41
C ILE D 327 -2.75 -20.30 -5.51
N GLY D 328 -1.81 -19.45 -5.91
CA GLY D 328 -2.09 -18.02 -6.05
C GLY D 328 -3.14 -17.75 -7.13
N ARG D 329 -2.96 -18.37 -8.29
CA ARG D 329 -3.87 -18.30 -9.40
C ARG D 329 -5.24 -18.94 -9.08
N CYS D 330 -5.26 -20.10 -8.40
CA CYS D 330 -6.54 -20.68 -8.01
C CYS D 330 -7.27 -19.75 -7.03
N ASN D 331 -6.56 -19.18 -6.06
CA ASN D 331 -7.18 -18.29 -5.09
C ASN D 331 -7.82 -17.07 -5.79
N LEU D 332 -7.24 -16.63 -6.91
CA LEU D 332 -7.66 -15.43 -7.65
C LEU D 332 -8.86 -15.79 -8.53
N ALA D 333 -8.82 -16.99 -9.13
CA ALA D 333 -9.95 -17.52 -9.89
C ALA D 333 -11.10 -17.95 -8.97
N GLY D 334 -10.87 -17.96 -7.65
CA GLY D 334 -11.85 -18.46 -6.71
C GLY D 334 -12.18 -19.94 -6.89
N LYS D 335 -11.20 -20.74 -7.29
CA LYS D 335 -11.38 -22.19 -7.53
C LYS D 335 -10.49 -23.00 -6.59
N PRO D 336 -11.01 -24.10 -6.01
CA PRO D 336 -10.32 -24.84 -4.97
C PRO D 336 -9.04 -25.46 -5.52
N VAL D 337 -8.02 -25.46 -4.64
CA VAL D 337 -6.74 -26.02 -4.94
C VAL D 337 -6.30 -26.90 -3.77
N VAL D 338 -5.68 -28.02 -4.15
CA VAL D 338 -5.21 -29.06 -3.23
C VAL D 338 -3.70 -29.09 -3.27
N CYS D 339 -3.06 -29.07 -2.10
CA CYS D 339 -1.63 -29.39 -1.98
C CYS D 339 -1.48 -30.88 -1.61
N ALA D 340 -0.65 -31.61 -2.36
CA ALA D 340 -0.54 -33.10 -2.24
C ALA D 340 0.91 -33.57 -2.13
N THR D 341 1.09 -34.66 -1.37
CA THR D 341 2.20 -35.66 -1.50
C THR D 341 3.40 -35.29 -0.60
N GLN D 342 3.72 -36.25 0.29
CA GLN D 342 4.94 -36.31 1.13
C GLN D 342 4.88 -35.22 2.22
N MET D 343 3.66 -34.77 2.53
CA MET D 343 3.48 -33.69 3.52
C MET D 343 3.89 -34.15 4.94
N LEU D 344 3.57 -35.40 5.29
CA LEU D 344 3.91 -35.94 6.58
C LEU D 344 4.60 -37.31 6.38
N GLU D 345 5.53 -37.37 5.41
CA GLU D 345 6.03 -38.62 4.86
C GLU D 345 6.57 -39.53 5.97
N SER D 346 7.39 -38.99 6.87
CA SER D 346 8.01 -39.79 7.86
C SER D 346 6.97 -40.50 8.74
N MET D 347 5.71 -40.04 8.75
CA MET D 347 4.74 -40.67 9.63
C MET D 347 4.24 -41.99 9.05
N ILE D 348 4.78 -42.39 7.88
CA ILE D 348 4.54 -43.71 7.33
C ILE D 348 5.08 -44.75 8.32
N THR D 349 6.21 -44.43 8.98
CA THR D 349 6.82 -45.34 9.90
C THR D 349 6.93 -44.77 11.31
N LYS D 350 6.71 -43.48 11.51
CA LYS D 350 6.99 -42.86 12.79
C LYS D 350 5.72 -42.22 13.34
N ALA D 351 5.61 -42.17 14.66
CA ALA D 351 4.39 -41.70 15.32
C ALA D 351 4.33 -40.15 15.29
N ARG D 352 5.48 -39.49 15.15
CA ARG D 352 5.61 -38.03 15.15
C ARG D 352 6.27 -37.56 13.86
N PRO D 353 5.88 -36.40 13.28
CA PRO D 353 6.50 -35.90 12.04
C PRO D 353 7.83 -35.18 12.25
N THR D 354 8.55 -34.92 11.16
CA THR D 354 9.74 -34.08 11.23
C THR D 354 9.35 -32.59 11.30
N ARG D 355 10.35 -31.75 11.59
CA ARG D 355 10.17 -30.30 11.63
C ARG D 355 9.82 -29.74 10.23
N ALA D 356 10.37 -30.30 9.16
CA ALA D 356 10.08 -29.87 7.79
C ALA D 356 8.64 -30.18 7.39
N GLU D 357 8.09 -31.26 7.95
CA GLU D 357 6.79 -31.74 7.61
C GLU D 357 5.72 -30.84 8.26
N THR D 358 5.87 -30.48 9.51
CA THR D 358 4.89 -29.64 10.13
C THR D 358 4.88 -28.28 9.44
N SER D 359 6.08 -27.77 9.14
CA SER D 359 6.26 -26.49 8.49
C SER D 359 5.61 -26.53 7.11
N ASP D 360 5.73 -27.66 6.41
CA ASP D 360 5.17 -27.80 5.03
C ASP D 360 3.64 -27.70 5.06
N VAL D 361 3.02 -28.39 6.03
CA VAL D 361 1.59 -28.36 6.16
C VAL D 361 1.17 -26.89 6.45
N ALA D 362 1.79 -26.26 7.44
CA ALA D 362 1.48 -24.88 7.79
C ALA D 362 1.63 -23.96 6.60
N ASN D 363 2.71 -24.12 5.82
CA ASN D 363 2.99 -23.18 4.72
C ASN D 363 2.01 -23.39 3.57
N ALA D 364 1.46 -24.61 3.43
CA ALA D 364 0.47 -24.93 2.38
C ALA D 364 -0.82 -24.16 2.66
N VAL D 365 -1.22 -24.13 3.93
CA VAL D 365 -2.33 -23.39 4.41
C VAL D 365 -2.07 -21.86 4.23
N LEU D 366 -0.96 -21.36 4.76
CA LEU D 366 -0.55 -19.96 4.58
C LEU D 366 -0.39 -19.59 3.09
N ASP D 367 0.00 -20.53 2.22
CA ASP D 367 0.05 -20.24 0.76
C ASP D 367 -1.37 -19.99 0.21
N GLY D 368 -2.37 -20.62 0.84
CA GLY D 368 -3.78 -20.46 0.51
C GLY D 368 -4.47 -21.74 0.01
N ALA D 369 -3.89 -22.93 0.24
CA ALA D 369 -4.52 -24.18 -0.19
C ALA D 369 -5.89 -24.37 0.48
N ASP D 370 -6.88 -24.82 -0.29
CA ASP D 370 -8.19 -25.18 0.25
C ASP D 370 -8.13 -26.54 0.96
N CYS D 371 -7.40 -27.48 0.38
CA CYS D 371 -7.30 -28.85 0.92
C CYS D 371 -5.84 -29.24 1.00
N ILE D 372 -5.54 -30.06 2.02
CA ILE D 372 -4.25 -30.77 2.14
C ILE D 372 -4.52 -32.26 2.07
N MET D 373 -3.52 -33.02 1.66
CA MET D 373 -3.73 -34.38 1.30
C MET D 373 -2.66 -35.26 1.98
N LEU D 374 -3.07 -36.52 2.22
CA LEU D 374 -2.23 -37.59 2.74
C LEU D 374 -2.31 -38.75 1.74
N SER D 375 -1.14 -39.33 1.43
CA SER D 375 -1.06 -40.45 0.50
C SER D 375 -0.73 -41.74 1.27
N GLY D 376 0.53 -42.20 1.17
CA GLY D 376 1.03 -43.39 1.90
C GLY D 376 0.78 -43.29 3.39
N GLU D 377 0.72 -42.06 3.92
CA GLU D 377 0.56 -41.85 5.34
C GLU D 377 -0.72 -42.51 5.82
N THR D 378 -1.78 -42.48 5.00
CA THR D 378 -3.03 -43.13 5.34
C THR D 378 -3.24 -44.44 4.55
N ALA D 379 -2.65 -44.58 3.36
CA ALA D 379 -2.90 -45.69 2.49
C ALA D 379 -2.18 -46.96 2.99
N LYS D 380 -0.94 -46.84 3.50
CA LYS D 380 -0.14 -48.03 3.75
C LYS D 380 0.72 -47.93 5.02
N GLY D 381 0.58 -46.87 5.83
CA GLY D 381 1.55 -46.58 6.89
C GLY D 381 1.05 -47.06 8.23
N SER D 382 1.89 -46.92 9.25
CA SER D 382 1.61 -47.45 10.57
C SER D 382 0.70 -46.53 11.36
N PHE D 383 0.58 -45.26 10.97
CA PHE D 383 -0.04 -44.26 11.83
C PHE D 383 -1.05 -43.40 11.08
N PRO D 384 -1.97 -44.02 10.33
CA PRO D 384 -2.95 -43.28 9.54
C PRO D 384 -3.75 -42.26 10.35
N VAL D 385 -4.25 -42.68 11.51
CA VAL D 385 -5.12 -41.88 12.29
C VAL D 385 -4.35 -40.68 12.83
N GLU D 386 -3.11 -40.91 13.29
CA GLU D 386 -2.33 -39.83 13.91
C GLU D 386 -1.77 -38.87 12.82
N ALA D 387 -1.65 -39.33 11.58
CA ALA D 387 -1.29 -38.45 10.49
C ALA D 387 -2.44 -37.46 10.20
N VAL D 388 -3.67 -37.95 10.19
CA VAL D 388 -4.83 -37.11 10.05
C VAL D 388 -4.91 -36.09 11.20
N MET D 389 -4.69 -36.57 12.44
CA MET D 389 -4.78 -35.73 13.62
C MET D 389 -3.76 -34.58 13.53
N MET D 390 -2.53 -34.90 13.10
CA MET D 390 -1.47 -33.94 12.93
C MET D 390 -1.84 -32.90 11.87
N GLN D 391 -2.36 -33.32 10.72
CA GLN D 391 -2.77 -32.35 9.69
C GLN D 391 -3.83 -31.40 10.25
N HIS D 392 -4.77 -31.94 11.02
CA HIS D 392 -5.83 -31.19 11.66
C HIS D 392 -5.25 -30.13 12.60
N ALA D 393 -4.32 -30.55 13.47
CA ALA D 393 -3.78 -29.69 14.48
C ALA D 393 -3.02 -28.52 13.83
N ILE D 394 -2.20 -28.81 12.81
CA ILE D 394 -1.35 -27.82 12.18
C ILE D 394 -2.26 -26.82 11.43
N ALA D 395 -3.21 -27.34 10.66
CA ALA D 395 -4.06 -26.54 9.79
C ALA D 395 -4.82 -25.51 10.63
N ARG D 396 -5.28 -25.95 11.79
CA ARG D 396 -5.99 -25.10 12.67
C ARG D 396 -5.12 -23.92 13.14
N GLU D 397 -3.87 -24.17 13.56
CA GLU D 397 -2.93 -23.10 13.95
C GLU D 397 -2.65 -22.17 12.75
N ALA D 398 -2.38 -22.76 11.60
CA ALA D 398 -1.97 -21.98 10.45
C ALA D 398 -3.12 -21.07 9.98
N GLU D 399 -4.37 -21.53 10.12
CA GLU D 399 -5.56 -20.77 9.65
C GLU D 399 -5.70 -19.48 10.45
N ALA D 400 -5.42 -19.53 11.76
CA ALA D 400 -5.53 -18.37 12.62
C ALA D 400 -4.40 -17.39 12.31
N ALA D 401 -3.32 -17.88 11.67
CA ALA D 401 -2.13 -17.08 11.34
C ALA D 401 -2.22 -16.47 9.94
N VAL D 402 -3.25 -16.78 9.14
CA VAL D 402 -3.41 -16.09 7.86
C VAL D 402 -3.52 -14.57 8.13
N TYR D 403 -2.87 -13.74 7.30
CA TYR D 403 -2.93 -12.27 7.44
C TYR D 403 -4.11 -11.75 6.61
N HIS D 404 -5.31 -11.86 7.17
CA HIS D 404 -6.58 -11.62 6.42
C HIS D 404 -6.57 -10.20 5.84
N ARG D 405 -6.06 -9.26 6.62
CA ARG D 405 -6.11 -7.85 6.24
C ARG D 405 -5.54 -7.67 4.83
N GLN D 406 -4.32 -8.15 4.60
CA GLN D 406 -3.66 -7.97 3.32
C GLN D 406 -4.33 -8.85 2.26
N LEU D 407 -4.74 -10.06 2.65
CA LEU D 407 -5.28 -10.99 1.69
C LEU D 407 -6.60 -10.43 1.11
N PHE D 408 -7.43 -9.86 1.97
CA PHE D 408 -8.70 -9.33 1.49
C PHE D 408 -8.46 -8.15 0.52
N GLU D 409 -7.62 -7.22 0.97
CA GLU D 409 -7.26 -6.01 0.23
C GLU D 409 -6.79 -6.41 -1.16
N GLU D 410 -5.88 -7.39 -1.26
CA GLU D 410 -5.25 -7.72 -2.54
C GLU D 410 -6.23 -8.43 -3.47
N LEU D 411 -7.19 -9.18 -2.93
CA LEU D 411 -8.23 -9.84 -3.74
C LEU D 411 -9.19 -8.81 -4.33
N ARG D 412 -9.68 -7.93 -3.46
CA ARG D 412 -10.46 -6.77 -3.82
C ARG D 412 -9.76 -6.06 -4.99
N ARG D 413 -8.48 -5.67 -4.83
CA ARG D 413 -7.69 -4.96 -5.88
C ARG D 413 -7.53 -5.78 -7.17
N ALA D 414 -7.34 -7.10 -7.05
CA ALA D 414 -6.85 -7.91 -8.13
C ALA D 414 -8.02 -8.48 -8.96
N ALA D 415 -9.13 -8.78 -8.29
CA ALA D 415 -10.20 -9.52 -8.94
C ALA D 415 -10.99 -8.61 -9.89
N PRO D 416 -11.70 -9.17 -10.87
CA PRO D 416 -12.60 -8.37 -11.71
C PRO D 416 -13.84 -7.87 -10.94
N LEU D 417 -14.37 -6.72 -11.37
CA LEU D 417 -15.73 -6.29 -11.03
C LEU D 417 -16.71 -7.35 -11.50
N SER D 418 -17.92 -7.35 -10.95
CA SER D 418 -18.89 -8.39 -11.27
C SER D 418 -20.30 -7.81 -11.23
N ARG D 419 -21.14 -8.24 -12.18
CA ARG D 419 -22.57 -7.92 -12.19
C ARG D 419 -23.40 -9.09 -11.66
N ASP D 420 -22.75 -10.14 -11.14
CA ASP D 420 -23.47 -11.32 -10.63
C ASP D 420 -23.95 -11.06 -9.22
N PRO D 421 -25.27 -11.12 -8.95
CA PRO D 421 -25.77 -10.85 -7.60
C PRO D 421 -25.19 -11.72 -6.47
N THR D 422 -24.79 -12.97 -6.78
CA THR D 422 -24.22 -13.87 -5.76
C THR D 422 -22.82 -13.38 -5.38
N GLU D 423 -22.02 -13.10 -6.40
CA GLU D 423 -20.70 -12.46 -6.23
C GLU D 423 -20.84 -11.21 -5.34
N VAL D 424 -21.78 -10.32 -5.69
CA VAL D 424 -21.85 -9.00 -5.12
C VAL D 424 -22.23 -9.15 -3.65
N THR D 425 -23.18 -10.05 -3.39
CA THR D 425 -23.63 -10.36 -2.06
C THR D 425 -22.51 -10.99 -1.23
N ALA D 426 -21.69 -11.86 -1.84
CA ALA D 426 -20.64 -12.60 -1.07
C ALA D 426 -19.60 -11.63 -0.50
N ILE D 427 -19.09 -10.73 -1.36
CA ILE D 427 -18.06 -9.80 -0.90
C ILE D 427 -18.64 -8.94 0.21
N GLY D 428 -19.90 -8.51 0.04
CA GLY D 428 -20.59 -7.77 1.09
C GLY D 428 -20.67 -8.54 2.39
N ALA D 429 -21.09 -9.80 2.30
CA ALA D 429 -21.28 -10.64 3.48
C ALA D 429 -19.97 -10.78 4.25
N VAL D 430 -18.92 -11.11 3.50
CA VAL D 430 -17.64 -11.38 4.15
C VAL D 430 -17.13 -10.09 4.82
N GLU D 431 -17.24 -8.95 4.12
CA GLU D 431 -16.85 -7.66 4.73
C GLU D 431 -17.66 -7.46 6.02
N ALA D 432 -18.97 -7.71 5.96
CA ALA D 432 -19.80 -7.57 7.15
C ALA D 432 -19.29 -8.51 8.25
N SER D 433 -18.85 -9.74 7.88
CA SER D 433 -18.41 -10.74 8.89
C SER D 433 -17.21 -10.19 9.69
N PHE D 434 -16.31 -9.50 8.99
CA PHE D 434 -15.14 -8.87 9.63
C PHE D 434 -15.52 -7.69 10.54
N LYS D 435 -16.46 -6.85 10.11
CA LYS D 435 -16.83 -5.65 10.86
C LYS D 435 -17.27 -5.98 12.29
N CYS D 436 -17.96 -7.12 12.47
CA CYS D 436 -18.51 -7.49 13.80
C CYS D 436 -17.87 -8.73 14.42
N CYS D 437 -16.82 -9.27 13.80
CA CYS D 437 -16.27 -10.57 14.21
C CYS D 437 -17.41 -11.60 14.33
N ALA D 438 -18.15 -11.78 13.24
CA ALA D 438 -19.22 -12.76 13.21
C ALA D 438 -18.61 -14.16 13.36
N ALA D 439 -19.30 -15.02 14.13
CA ALA D 439 -18.85 -16.37 14.35
C ALA D 439 -19.12 -17.24 13.11
N ALA D 440 -20.10 -16.85 12.31
CA ALA D 440 -20.50 -17.64 11.17
C ALA D 440 -21.18 -16.77 10.13
N ILE D 441 -21.10 -17.24 8.89
CA ILE D 441 -21.95 -16.84 7.80
C ILE D 441 -22.76 -18.09 7.47
N ILE D 442 -24.10 -17.99 7.50
CA ILE D 442 -24.98 -19.08 7.14
C ILE D 442 -25.53 -18.82 5.73
N VAL D 443 -25.33 -19.79 4.84
CA VAL D 443 -25.72 -19.66 3.44
C VAL D 443 -26.58 -20.88 3.06
N LEU D 444 -27.64 -20.62 2.30
CA LEU D 444 -28.42 -21.66 1.68
C LEU D 444 -27.87 -21.82 0.26
N THR D 445 -27.61 -23.08 -0.09
CA THR D 445 -27.11 -23.43 -1.43
C THR D 445 -27.65 -24.81 -1.83
N LYS D 446 -27.92 -24.97 -3.12
CA LYS D 446 -28.34 -26.22 -3.72
C LYS D 446 -27.12 -26.99 -4.25
N THR D 447 -26.16 -26.25 -4.82
CA THR D 447 -25.01 -26.81 -5.52
C THR D 447 -23.69 -26.55 -4.79
N GLY D 448 -23.67 -25.72 -3.74
CA GLY D 448 -22.41 -25.23 -3.12
C GLY D 448 -21.88 -23.92 -3.69
N ARG D 449 -22.33 -23.51 -4.88
CA ARG D 449 -21.77 -22.32 -5.53
C ARG D 449 -21.83 -21.10 -4.61
N SER D 450 -22.95 -20.90 -3.93
CA SER D 450 -23.11 -19.70 -3.11
C SER D 450 -22.12 -19.71 -1.94
N ALA D 451 -21.81 -20.92 -1.45
CA ALA D 451 -20.83 -21.10 -0.37
C ALA D 451 -19.43 -20.84 -0.91
N GLN D 452 -19.17 -21.31 -2.12
CA GLN D 452 -17.85 -21.23 -2.68
C GLN D 452 -17.46 -19.74 -2.84
N LEU D 453 -18.40 -18.94 -3.36
CA LEU D 453 -18.21 -17.50 -3.62
C LEU D 453 -17.98 -16.70 -2.32
N LEU D 454 -18.41 -17.24 -1.16
CA LEU D 454 -18.02 -16.64 0.12
C LEU D 454 -16.60 -17.08 0.49
N SER D 455 -16.31 -18.38 0.32
CA SER D 455 -15.00 -19.00 0.64
C SER D 455 -13.83 -18.28 -0.06
N GLN D 456 -14.02 -17.80 -1.30
CA GLN D 456 -12.94 -17.11 -2.03
C GLN D 456 -12.41 -15.87 -1.28
N TYR D 457 -13.14 -15.25 -0.33
CA TYR D 457 -12.67 -14.02 0.37
C TYR D 457 -12.11 -14.38 1.73
N ARG D 458 -12.06 -15.69 2.01
CA ARG D 458 -11.34 -16.25 3.14
C ARG D 458 -11.78 -15.62 4.45
N PRO D 459 -13.09 -15.67 4.77
CA PRO D 459 -13.57 -15.13 6.04
C PRO D 459 -12.97 -15.87 7.24
N ARG D 460 -12.69 -15.15 8.32
CA ARG D 460 -12.36 -15.77 9.58
C ARG D 460 -13.59 -16.54 10.09
N ALA D 461 -14.79 -16.03 9.77
CA ALA D 461 -16.06 -16.66 10.16
C ALA D 461 -16.29 -17.94 9.36
N ALA D 462 -16.82 -18.96 10.06
CA ALA D 462 -17.20 -20.25 9.45
C ALA D 462 -18.32 -20.04 8.42
N VAL D 463 -18.19 -20.60 7.22
CA VAL D 463 -19.31 -20.65 6.26
C VAL D 463 -20.11 -21.94 6.53
N ILE D 464 -21.28 -21.78 7.16
CA ILE D 464 -22.17 -22.93 7.43
C ILE D 464 -23.16 -23.05 6.26
N ALA D 465 -22.93 -24.02 5.37
CA ALA D 465 -23.72 -24.19 4.17
C ALA D 465 -24.81 -25.26 4.38
N VAL D 466 -26.06 -24.81 4.28
CA VAL D 466 -27.26 -25.57 4.52
C VAL D 466 -27.83 -25.99 3.17
N THR D 467 -27.80 -27.30 2.89
CA THR D 467 -28.25 -27.85 1.60
C THR D 467 -29.05 -29.16 1.82
N ARG D 468 -29.92 -29.47 0.83
CA ARG D 468 -30.69 -30.75 0.79
C ARG D 468 -29.95 -31.76 -0.10
N SER D 469 -29.00 -31.29 -0.91
CA SER D 469 -28.15 -32.12 -1.76
C SER D 469 -27.05 -32.78 -0.94
N ALA D 470 -27.14 -34.11 -0.80
CA ALA D 470 -26.11 -34.89 -0.16
C ALA D 470 -24.80 -34.75 -0.95
N GLN D 471 -24.86 -34.78 -2.27
CA GLN D 471 -23.68 -34.65 -3.09
C GLN D 471 -23.01 -33.27 -2.86
N ALA D 472 -23.80 -32.19 -2.91
CA ALA D 472 -23.29 -30.84 -2.65
C ALA D 472 -22.62 -30.80 -1.28
N ALA D 473 -23.26 -31.46 -0.31
CA ALA D 473 -22.77 -31.43 1.05
C ALA D 473 -21.42 -32.15 1.17
N ARG D 474 -21.18 -33.14 0.32
CA ARG D 474 -19.87 -33.78 0.28
C ARG D 474 -18.88 -32.87 -0.47
N GLN D 475 -19.34 -32.29 -1.58
CA GLN D 475 -18.44 -31.58 -2.52
C GLN D 475 -17.91 -30.27 -1.93
N VAL D 476 -18.62 -29.63 -1.02
CA VAL D 476 -18.22 -28.28 -0.60
C VAL D 476 -16.99 -28.36 0.31
N HIS D 477 -16.63 -29.56 0.77
CA HIS D 477 -15.36 -29.75 1.51
C HIS D 477 -14.15 -29.25 0.72
N LEU D 478 -14.25 -29.20 -0.61
CA LEU D 478 -13.17 -28.77 -1.51
C LEU D 478 -12.79 -27.29 -1.29
N SER D 479 -13.74 -26.46 -0.84
CA SER D 479 -13.50 -25.01 -0.59
C SER D 479 -13.25 -24.77 0.91
N ARG D 480 -12.16 -24.03 1.22
CA ARG D 480 -11.82 -23.79 2.62
C ARG D 480 -12.94 -23.04 3.32
N GLY D 481 -13.23 -23.45 4.55
CA GLY D 481 -14.09 -22.74 5.45
C GLY D 481 -15.56 -23.11 5.36
N VAL D 482 -15.96 -24.00 4.44
CA VAL D 482 -17.34 -24.41 4.24
C VAL D 482 -17.60 -25.68 5.07
N PHE D 483 -18.54 -25.56 6.00
CA PHE D 483 -19.04 -26.63 6.86
C PHE D 483 -20.45 -27.01 6.42
N PRO D 484 -20.63 -28.20 5.78
CA PRO D 484 -21.93 -28.60 5.24
C PRO D 484 -22.90 -29.08 6.32
N LEU D 485 -24.15 -28.64 6.27
CA LEU D 485 -25.25 -29.21 7.07
C LEU D 485 -26.29 -29.74 6.11
N LEU D 486 -26.46 -31.06 6.08
CA LEU D 486 -27.42 -31.70 5.24
C LEU D 486 -28.78 -31.54 5.94
N TYR D 487 -29.69 -30.81 5.31
CA TYR D 487 -31.06 -30.57 5.78
C TYR D 487 -31.98 -31.65 5.22
N ARG D 488 -32.71 -32.34 6.12
CA ARG D 488 -33.41 -33.62 5.78
C ARG D 488 -34.93 -33.43 5.68
N GLU D 489 -35.50 -32.37 6.29
CA GLU D 489 -36.95 -32.14 6.32
C GLU D 489 -37.54 -31.96 4.92
N PRO D 490 -38.86 -32.25 4.75
CA PRO D 490 -39.56 -32.00 3.49
C PRO D 490 -40.05 -30.56 3.43
N PRO D 491 -40.36 -30.02 2.22
CA PRO D 491 -40.78 -28.63 2.06
C PRO D 491 -41.88 -28.15 3.04
N GLU D 492 -42.03 -26.82 3.10
CA GLU D 492 -43.16 -26.18 3.77
C GLU D 492 -44.13 -25.70 2.70
N ALA D 493 -45.39 -25.57 3.07
CA ALA D 493 -46.39 -25.06 2.14
C ALA D 493 -45.83 -23.77 1.51
N ILE D 494 -45.38 -22.85 2.38
CA ILE D 494 -44.82 -21.56 1.96
C ILE D 494 -43.29 -21.66 1.90
N TRP D 495 -42.74 -21.33 0.74
CA TRP D 495 -41.28 -21.32 0.48
C TRP D 495 -40.53 -20.48 1.52
N ALA D 496 -41.00 -19.26 1.77
CA ALA D 496 -40.40 -18.35 2.71
C ALA D 496 -40.28 -19.00 4.10
N ASP D 497 -41.22 -19.88 4.45
CA ASP D 497 -41.17 -20.56 5.75
C ASP D 497 -40.07 -21.62 5.72
N ASP D 498 -39.89 -22.24 4.56
CA ASP D 498 -38.90 -23.28 4.34
C ASP D 498 -37.48 -22.69 4.46
N VAL D 499 -37.26 -21.53 3.80
CA VAL D 499 -36.03 -20.69 3.92
C VAL D 499 -35.72 -20.43 5.39
N ASP D 500 -36.69 -19.87 6.14
CA ASP D 500 -36.48 -19.49 7.55
C ASP D 500 -36.15 -20.69 8.44
N ARG D 501 -36.68 -21.88 8.09
CA ARG D 501 -36.45 -23.09 8.86
C ARG D 501 -35.03 -23.61 8.58
N ARG D 502 -34.60 -23.55 7.31
CA ARG D 502 -33.21 -23.89 6.90
C ARG D 502 -32.23 -22.96 7.64
N VAL D 503 -32.52 -21.66 7.70
CA VAL D 503 -31.69 -20.71 8.46
C VAL D 503 -31.69 -21.07 9.95
N GLN D 504 -32.86 -21.39 10.51
CA GLN D 504 -32.94 -21.77 11.94
C GLN D 504 -32.13 -23.04 12.22
N PHE D 505 -32.18 -23.98 11.26
CA PHE D 505 -31.41 -25.21 11.29
C PHE D 505 -29.92 -24.86 11.36
N GLY D 506 -29.48 -24.00 10.44
CA GLY D 506 -28.11 -23.49 10.49
C GLY D 506 -27.72 -22.98 11.86
N ILE D 507 -28.56 -22.10 12.43
CA ILE D 507 -28.23 -21.47 13.72
C ILE D 507 -28.21 -22.53 14.83
N GLU D 508 -29.25 -23.36 14.95
CA GLU D 508 -29.32 -24.38 16.03
C GLU D 508 -28.19 -25.41 15.88
N SER D 509 -27.83 -25.75 14.64
CA SER D 509 -26.70 -26.66 14.35
C SER D 509 -25.36 -26.08 14.80
N GLY D 510 -25.15 -24.78 14.55
CA GLY D 510 -23.95 -24.08 14.96
C GLY D 510 -23.83 -23.99 16.48
N LYS D 511 -24.95 -23.75 17.17
CA LYS D 511 -24.94 -23.67 18.64
C LYS D 511 -24.47 -25.01 19.20
N LEU D 512 -25.15 -26.08 18.77
CA LEU D 512 -24.89 -27.44 19.23
C LEU D 512 -23.42 -27.83 18.96
N ARG D 513 -22.89 -27.50 17.78
CA ARG D 513 -21.49 -27.88 17.45
C ARG D 513 -20.46 -26.91 18.07
N GLY D 514 -20.91 -25.89 18.81
CA GLY D 514 -20.03 -24.94 19.45
C GLY D 514 -19.37 -23.97 18.46
N PHE D 515 -20.01 -23.72 17.31
CA PHE D 515 -19.63 -22.65 16.37
C PHE D 515 -20.19 -21.31 16.87
N LEU D 516 -21.24 -21.36 17.71
CA LEU D 516 -22.11 -20.24 18.01
C LEU D 516 -22.57 -20.30 19.46
N ARG D 517 -22.77 -19.13 20.06
CA ARG D 517 -23.41 -18.95 21.39
C ARG D 517 -24.43 -17.79 21.27
N VAL D 518 -25.36 -17.69 22.24
CA VAL D 518 -26.32 -16.56 22.26
C VAL D 518 -25.53 -15.26 22.44
N GLY D 519 -25.78 -14.30 21.55
CA GLY D 519 -25.07 -13.04 21.58
C GLY D 519 -24.05 -12.93 20.46
N ASP D 520 -23.70 -14.04 19.82
CA ASP D 520 -22.94 -13.96 18.60
C ASP D 520 -23.78 -13.22 17.55
N LEU D 521 -23.10 -12.51 16.65
CA LEU D 521 -23.71 -12.07 15.41
C LEU D 521 -23.44 -13.15 14.35
N VAL D 522 -24.40 -13.30 13.43
CA VAL D 522 -24.16 -14.08 12.26
C VAL D 522 -24.65 -13.28 11.06
N ILE D 523 -24.02 -13.57 9.94
CA ILE D 523 -24.42 -13.10 8.66
C ILE D 523 -25.19 -14.27 8.03
N VAL D 524 -26.31 -13.97 7.39
CA VAL D 524 -27.14 -14.93 6.74
C VAL D 524 -27.30 -14.54 5.27
N VAL D 525 -27.01 -15.49 4.38
CA VAL D 525 -27.08 -15.27 2.94
C VAL D 525 -28.15 -16.17 2.34
N THR D 526 -29.10 -15.54 1.62
CA THR D 526 -30.29 -16.19 1.08
C THR D 526 -30.59 -15.62 -0.30
N GLY D 527 -31.62 -16.15 -0.94
CA GLY D 527 -32.06 -15.68 -2.27
C GLY D 527 -33.51 -15.28 -2.27
N TRP D 528 -33.98 -14.76 -3.41
CA TRP D 528 -35.31 -14.15 -3.53
C TRP D 528 -36.29 -15.15 -4.16
N ARG D 529 -35.77 -16.25 -4.69
CA ARG D 529 -36.62 -17.34 -5.16
C ARG D 529 -35.85 -18.66 -5.20
N PRO D 530 -36.57 -19.78 -5.41
CA PRO D 530 -35.96 -21.12 -5.39
C PRO D 530 -35.24 -21.38 -6.71
N GLY D 531 -34.46 -22.47 -6.75
CA GLY D 531 -33.56 -22.76 -7.84
C GLY D 531 -32.23 -22.05 -7.63
N SER D 532 -31.22 -22.54 -8.34
CA SER D 532 -29.86 -22.06 -8.24
C SER D 532 -29.72 -20.71 -8.94
N GLY D 533 -28.80 -19.88 -8.46
CA GLY D 533 -28.35 -18.67 -9.18
C GLY D 533 -29.01 -17.38 -8.71
N TYR D 534 -29.78 -17.38 -7.61
CA TYR D 534 -30.60 -16.20 -7.23
C TYR D 534 -30.27 -15.72 -5.83
N THR D 535 -29.11 -16.12 -5.29
CA THR D 535 -28.64 -15.54 -4.04
C THR D 535 -28.46 -14.02 -4.25
N ASN D 536 -28.93 -13.21 -3.31
CA ASN D 536 -28.88 -11.73 -3.43
C ASN D 536 -29.27 -11.04 -2.13
N ILE D 537 -29.31 -11.74 -0.99
CA ILE D 537 -29.67 -11.12 0.29
C ILE D 537 -28.60 -11.46 1.34
N MET D 538 -28.21 -10.44 2.11
CA MET D 538 -27.42 -10.59 3.30
C MET D 538 -28.10 -9.87 4.47
N ARG D 539 -28.19 -10.55 5.62
CA ARG D 539 -28.82 -10.06 6.82
C ARG D 539 -27.84 -10.18 7.99
N VAL D 540 -27.97 -9.30 8.98
CA VAL D 540 -27.22 -9.38 10.24
C VAL D 540 -28.20 -9.77 11.36
N LEU D 541 -27.99 -10.94 11.99
CA LEU D 541 -28.86 -11.47 13.07
C LEU D 541 -28.08 -11.63 14.38
N SER D 542 -28.73 -11.32 15.49
CA SER D 542 -28.28 -11.76 16.80
C SER D 542 -28.84 -13.16 17.06
N VAL D 543 -28.01 -14.03 17.65
CA VAL D 543 -28.38 -15.39 17.97
C VAL D 543 -29.21 -15.36 19.26
N SER D 544 -30.47 -15.85 19.17
CA SER D 544 -31.54 -15.59 20.15
C SER D 544 -31.55 -16.64 21.26
N HIS D 545 -32.31 -16.31 22.33
CA HIS D 545 -32.67 -17.17 23.47
C HIS D 545 -31.48 -18.04 23.89
P1 FBP E . 33.78 20.69 -13.36
O1P FBP E . 35.02 20.66 -12.53
O2P FBP E . 32.85 21.86 -12.88
O3P FBP E . 33.99 20.65 -14.85
O1 FBP E . 32.85 19.40 -13.11
C1 FBP E . 32.49 19.17 -11.74
C2 FBP E . 31.41 18.16 -11.62
O2 FBP E . 31.24 17.92 -10.22
C3 FBP E . 31.69 16.86 -12.36
O3 FBP E . 32.35 15.93 -11.51
C4 FBP E . 30.31 16.44 -12.74
O4 FBP E . 30.36 15.54 -13.83
C5 FBP E . 29.66 17.79 -13.07
O5 FBP E . 30.21 18.66 -12.15
C6 FBP E . 28.16 17.90 -12.94
O6 FBP E . 27.59 18.62 -14.02
P2 FBP E . 26.15 18.36 -14.59
O4P FBP E . 25.10 18.47 -13.52
O5P FBP E . 26.05 19.48 -15.61
O6P FBP E . 26.20 16.96 -15.17
MG MG F . -2.17 32.76 -22.77
MG MG G . -2.42 35.94 -18.81
MG MG H . 2.11 35.62 -24.60
MG MG I . -4.80 35.09 -24.40
PG ATP J . -1.07 35.66 -21.82
O1G ATP J . -0.89 35.69 -20.31
O2G ATP J . 0.28 35.61 -22.55
O3G ATP J . -2.24 34.84 -22.25
PB ATP J . -2.19 38.30 -21.18
O1B ATP J . -3.14 37.61 -20.30
O2B ATP J . -2.65 39.50 -21.98
O3B ATP J . -1.63 37.18 -22.22
PA ATP J . -0.32 38.64 -18.90
O1A ATP J . -1.20 37.53 -18.30
O2A ATP J . 1.16 38.64 -19.07
O3A ATP J . -0.84 38.90 -20.43
O5' ATP J . -0.53 40.09 -18.26
C5' ATP J . -1.80 40.62 -17.89
C4' ATP J . -1.98 42.05 -18.38
O4' ATP J . -0.98 42.98 -17.86
C3' ATP J . -1.91 42.14 -19.92
O3' ATP J . -3.14 41.69 -20.49
C2' ATP J . -1.59 43.63 -20.10
O2' ATP J . -2.79 44.42 -19.90
C1' ATP J . -0.64 43.90 -18.93
N9 ATP J . 0.74 43.69 -19.31
C8 ATP J . 1.50 42.61 -19.16
N7 ATP J . 2.74 42.86 -19.61
C5 ATP J . 2.77 44.11 -20.03
C6 ATP J . 3.75 45.01 -20.62
N6 ATP J . 4.98 44.57 -20.85
N1 ATP J . 3.37 46.29 -20.92
C2 ATP J . 2.15 46.72 -20.71
N3 ATP J . 1.19 45.95 -20.15
C4 ATP J . 1.46 44.67 -19.82
C1 OXL K . -0.87 32.45 -20.01
C2 OXL K . -2.21 31.97 -19.71
O1 OXL K . 0.02 32.67 -19.15
O2 OXL K . -2.60 31.61 -18.57
O3 OXL K . -0.63 32.65 -21.24
O4 OXL K . -3.05 31.96 -20.67
C1 EDO L . 13.03 31.06 1.87
O1 EDO L . 13.01 31.48 3.23
C2 EDO L . 14.12 31.54 0.90
O2 EDO L . 13.72 31.23 -0.48
C1 EDO M . 11.80 18.99 -12.37
O1 EDO M . 11.76 20.36 -11.97
C2 EDO M . 12.64 18.16 -11.37
O2 EDO M . 11.97 18.15 -10.10
C1 EDO N . -2.39 46.72 -22.85
O1 EDO N . -3.15 45.76 -22.07
C2 EDO N . -0.90 46.42 -23.16
O2 EDO N . -0.56 46.12 -24.55
C1 EDO O . 12.71 36.10 0.36
O1 EDO O . 11.82 36.20 1.49
C2 EDO O . 13.30 34.70 0.33
O2 EDO O . 12.62 33.93 -0.66
C1 EDO P . -9.56 39.62 3.46
O1 EDO P . -8.47 39.43 4.37
C2 EDO P . -9.22 39.76 1.97
O2 EDO P . -9.63 41.06 1.44
C1 EDO Q . 13.71 53.88 -10.87
O1 EDO Q . 13.86 53.11 -9.66
C2 EDO Q . 14.76 53.48 -11.94
O2 EDO Q . 14.25 52.58 -12.96
C1 EDO R . 26.15 35.41 -22.82
O1 EDO R . 25.04 35.73 -23.69
C2 EDO R . 26.48 33.93 -22.78
O2 EDO R . 27.44 33.64 -23.80
C1 PEG S . 14.37 20.07 -3.16
O1 PEG S . 14.82 20.66 -1.87
C2 PEG S . 12.85 19.73 -3.40
O2 PEG S . 11.94 19.97 -2.28
C3 PEG S . 10.69 19.23 -2.30
C4 PEG S . 9.60 19.78 -1.36
O4 PEG S . 8.33 19.19 -1.67
O1 PG4 T . 30.67 12.85 10.30
C1 PG4 T . 30.58 12.42 8.91
C2 PG4 T . 31.91 12.45 8.14
O2 PG4 T . 32.80 13.57 8.32
C3 PG4 T . 32.27 14.89 8.46
C4 PG4 T . 33.31 16.02 8.60
O3 PG4 T . 34.52 15.66 9.28
C5 PG4 T . 35.68 15.73 8.45
C6 PG4 T . 35.67 14.55 7.48
O4 PG4 T . 35.02 14.89 6.25
C7 PG4 T . 34.70 13.75 5.46
C8 PG4 T . 35.22 13.89 4.04
O5 PG4 T . 34.55 12.89 3.25
P1 FBP U . -40.50 2.53 9.43
O1P FBP U . -40.82 2.66 10.90
O2P FBP U . -41.35 1.72 8.45
O3P FBP U . -40.12 3.82 8.75
O1 FBP U . -39.06 1.69 9.53
C1 FBP U . -38.48 1.18 8.33
C2 FBP U . -36.97 1.06 8.48
O2 FBP U . -36.51 0.54 7.25
C3 FBP U . -36.60 0.19 9.66
O3 FBP U . -36.67 -1.19 9.27
C4 FBP U . -35.27 0.70 10.11
O4 FBP U . -34.90 0.37 11.46
C5 FBP U . -35.48 2.20 9.94
O5 FBP U . -36.35 2.31 8.77
C6 FBP U . -34.14 2.93 9.79
O6 FBP U . -34.17 4.28 10.26
P2 FBP U . -32.91 4.95 10.98
O4P FBP U . -32.51 4.00 12.06
O5P FBP U . -33.43 6.20 11.64
O6P FBP U . -31.96 5.16 9.83
MG MG V . -17.98 34.36 10.24
MG MG W . -23.31 35.09 11.47
MG MG X . -19.22 35.71 5.57
MG MG Y . -16.99 38.42 11.37
PG ATP Z . -20.46 35.66 8.50
O1G ATP Z . -21.60 35.21 9.48
O2G ATP Z . -19.14 35.86 9.19
O3G ATP Z . -20.43 35.14 7.06
PB ATP Z . -20.83 38.11 6.89
O1B ATP Z . -19.69 37.80 6.01
O2B ATP Z . -21.08 39.62 7.25
O3B ATP Z . -20.76 37.30 8.27
PA ATP Z . -22.37 36.59 4.86
O1A ATP Z . -23.62 35.83 5.30
O2A ATP Z . -21.01 35.93 4.61
O3A ATP Z . -22.14 37.61 6.11
O5' ATP Z . -22.88 37.60 3.75
C5' ATP Z . -21.92 38.48 3.19
C4' ATP Z . -22.61 39.84 3.05
O4' ATP Z . -23.85 39.72 2.34
C3' ATP Z . -22.98 40.49 4.37
O3' ATP Z . -21.86 41.10 5.03
C2' ATP Z . -24.02 41.48 3.88
O2' ATP Z . -23.40 42.64 3.29
C1' ATP Z . -24.79 40.68 2.85
N9 ATP Z . -25.92 39.97 3.46
C8 ATP Z . -25.98 38.69 3.87
N7 ATP Z . -27.18 38.38 4.40
C5 ATP Z . -27.91 39.48 4.32
C6 ATP Z . -29.28 39.88 4.68
N6 ATP Z . -30.13 38.98 5.26
N1 ATP Z . -29.62 41.17 4.43
C2 ATP Z . -28.80 42.06 3.85
N3 ATP Z . -27.54 41.77 3.48
C4 ATP Z . -27.07 40.53 3.70
C1 OXL AA . -18.57 32.56 8.04
C2 OXL AA . -17.19 32.94 7.79
O1 OXL AA . -18.93 32.99 9.16
O2 OXL AA . -16.70 33.73 8.64
O3 OXL AA . -19.27 31.87 7.21
O4 OXL AA . -16.54 32.47 6.82
C1 PGE BA . -31.34 44.22 4.59
O1 PGE BA . -32.23 45.34 4.44
C2 PGE BA . -31.15 43.78 6.05
O2 PGE BA . -30.10 44.53 6.72
C3 PGE BA . -28.97 43.83 7.29
C4 PGE BA . -27.76 44.71 7.66
O4 PGE BA . -24.20 44.88 5.14
C6 PGE BA . -25.51 44.74 4.55
C5 PGE BA . -26.69 44.35 5.49
O3 PGE BA . -26.54 44.45 6.94
C1 EDO CA . -41.16 18.59 10.81
O1 EDO CA . -41.09 19.25 9.56
C2 EDO CA . -41.88 17.29 10.56
O2 EDO CA . -40.97 16.36 9.96
C1 EDO DA . -27.06 16.02 -9.84
O1 EDO DA . -28.35 16.66 -9.74
C2 EDO DA . -26.58 15.71 -11.27
O2 EDO DA . -27.33 16.41 -12.25
C1 EDO EA . -35.85 -8.77 -6.26
O1 EDO EA . -36.98 -9.48 -5.76
C2 EDO EA . -35.49 -9.12 -7.71
O2 EDO EA . -36.60 -9.55 -8.49
C1 EDO FA . -29.84 35.77 -11.44
O1 EDO FA . -28.65 35.15 -10.97
C2 EDO FA . -29.47 37.08 -12.13
O2 EDO FA . -28.89 36.72 -13.38
C1 EDO GA . -13.01 38.89 19.10
O1 EDO GA . -11.83 38.32 19.72
C2 EDO GA . -12.83 39.23 17.60
O2 EDO GA . -11.49 39.19 17.04
C1 EDO HA . -12.62 -0.14 -3.72
O1 EDO HA . -12.64 1.28 -3.61
C2 EDO HA . -12.97 -0.38 -5.18
O2 EDO HA . -12.81 0.85 -5.91
C1 EDO IA . 2.65 37.34 3.68
O1 EDO IA . 2.84 38.65 3.15
C2 EDO IA . 2.22 37.43 5.14
O2 EDO IA . 0.80 37.26 5.15
C1 EDO JA . -14.73 -4.61 -4.50
O1 EDO JA . -15.32 -4.05 -3.29
C2 EDO JA . -13.53 -3.81 -5.04
O2 EDO JA . -13.71 -3.36 -6.38
C1 EDO KA . -44.33 2.92 9.43
O1 EDO KA . -43.84 1.79 10.14
C2 EDO KA . -44.94 2.39 8.14
O2 EDO KA . -46.24 1.82 8.44
P1 FBP LA . 40.87 0.52 6.93
O1P FBP LA . 41.14 0.75 8.36
O2P FBP LA . 41.83 1.11 5.90
O3P FBP LA . 40.62 -0.93 6.46
O1 FBP LA . 39.47 1.33 6.77
C1 FBP LA . 38.76 1.35 5.52
C2 FBP LA . 37.33 1.63 5.84
O2 FBP LA . 36.58 1.78 4.64
C3 FBP LA . 37.12 2.85 6.72
O3 FBP LA . 37.21 4.03 5.91
C4 FBP LA . 35.76 2.59 7.33
O4 FBP LA . 35.49 3.37 8.49
C5 FBP LA . 35.95 1.10 7.64
O5 FBP LA . 36.73 0.56 6.55
C6 FBP LA . 34.66 0.34 7.88
O6 FBP LA . 34.88 -0.66 8.86
P2 FBP LA . 33.67 -1.13 9.83
O4P FBP LA . 34.30 -2.14 10.77
O5P FBP LA . 33.15 0.10 10.52
O6P FBP LA . 32.70 -1.72 8.84
MG MG MA . 19.05 -28.83 21.02
MG MG NA . 24.63 -29.18 21.18
C1 OXL OA . 19.44 -28.00 18.02
C2 OXL OA . 18.02 -28.42 18.07
O1 OXL OA . 20.13 -28.11 19.10
O2 OXL OA . 17.61 -28.86 19.18
O3 OXL OA . 19.95 -27.59 16.91
O4 OXL OA . 17.25 -28.34 17.04
C1 EDO PA . -1.67 -33.62 17.30
O1 EDO PA . -1.88 -35.00 17.02
C2 EDO PA . -0.97 -33.49 18.66
O2 EDO PA . 0.42 -33.24 18.42
C1 EDO QA . 28.45 -22.98 -4.71
O1 EDO QA . 28.72 -21.85 -3.88
C2 EDO QA . 29.02 -22.73 -6.08
O2 EDO QA . 28.21 -23.44 -7.01
C1 EDO RA . 27.76 -18.61 -4.95
O1 EDO RA . 27.02 -18.60 -3.70
C2 EDO RA . 27.15 -19.44 -6.10
O2 EDO RA . 25.83 -19.00 -6.52
C1 EDO SA . 12.11 -37.75 -4.63
O1 EDO SA . 12.43 -38.12 -5.99
C2 EDO SA . 12.83 -38.53 -3.54
O2 EDO SA . 11.85 -39.24 -2.77
C1 EDO TA . 8.00 -6.66 18.02
O1 EDO TA . 7.90 -7.42 19.24
C2 EDO TA . 6.61 -6.18 17.59
O2 EDO TA . 6.66 -5.49 16.32
C1 EDO UA . 24.32 -34.01 14.53
O1 EDO UA . 23.81 -32.85 15.14
C2 EDO UA . 25.20 -34.62 15.62
O2 EDO UA . 26.57 -34.16 15.59
C1 EDO VA . 24.52 -8.16 16.15
O1 EDO VA . 24.69 -8.92 14.94
C2 EDO VA . 25.70 -8.22 17.12
O2 EDO VA . 26.43 -7.00 17.32
C1 EDO WA . 25.94 -7.28 22.22
O1 EDO WA . 24.85 -6.83 23.03
C2 EDO WA . 25.54 -7.35 20.76
O2 EDO WA . 24.24 -6.75 20.53
C1 EDO XA . 32.37 10.01 11.46
O1 EDO XA . 31.83 9.48 10.22
C2 EDO XA . 31.31 10.46 12.46
O2 EDO XA . 31.10 9.45 13.46
P1 FBP YA . -34.22 -23.72 -2.91
O1P FBP YA . -33.43 -24.66 -2.05
O2P FBP YA . -35.35 -23.29 -2.03
O3P FBP YA . -34.49 -24.05 -4.33
O1 FBP YA . -33.32 -22.38 -3.08
C1 FBP YA . -32.92 -21.61 -1.94
C2 FBP YA . -31.78 -20.66 -2.31
O2 FBP YA . -31.48 -19.88 -1.14
C3 FBP YA . -32.12 -19.75 -3.49
O3 FBP YA . -32.76 -18.58 -2.97
C4 FBP YA . -30.82 -19.50 -4.17
O4 FBP YA . -30.88 -19.09 -5.55
C5 FBP YA . -30.18 -20.88 -3.98
O5 FBP YA . -30.62 -21.35 -2.69
C6 FBP YA . -28.66 -20.83 -4.05
O6 FBP YA . -28.09 -22.05 -4.49
P2 FBP YA . -26.76 -22.08 -5.35
O4P FBP YA . -25.81 -21.76 -4.23
O5P FBP YA . -26.82 -21.15 -6.52
O6P FBP YA . -26.75 -23.50 -5.90
MG MG ZA . 1.48 -40.39 -4.63
MG MG AB . 1.03 -38.72 -9.56
MG MG BB . -3.26 -42.10 -9.86
PG ATP CB . 0.04 -41.15 -7.49
O1G ATP CB . 0.01 -40.72 -6.04
O2G ATP CB . -1.25 -41.31 -8.24
O3G ATP CB . 1.16 -40.56 -8.33
PB ATP CB . 1.25 -43.38 -6.01
O1B ATP CB . 1.88 -44.72 -6.45
O2B ATP CB . 2.10 -42.40 -5.30
O3B ATP CB . 0.57 -42.74 -7.34
PA ATP CB . -0.43 -42.87 -3.65
O1A ATP CB . -1.93 -42.86 -3.83
O2A ATP CB . 0.39 -41.59 -3.53
O3A ATP CB . 0.05 -43.70 -4.97
O5' ATP CB . -0.10 -43.91 -2.50
C5' ATP CB . 1.29 -44.17 -2.27
C4' ATP CB . 1.52 -45.65 -2.08
O4' ATP CB . 0.58 -46.19 -1.14
C3' ATP CB . 1.36 -46.41 -3.38
O3' ATP CB . 2.51 -46.31 -4.23
C2' ATP CB . 1.03 -47.80 -2.82
O2' ATP CB . 2.19 -48.47 -2.35
C1' ATP CB . 0.16 -47.50 -1.57
N9 ATP CB . -1.28 -47.58 -1.97
C8 ATP CB . -2.07 -46.54 -2.32
N7 ATP CB . -3.32 -46.97 -2.64
C5 ATP CB . -3.31 -48.28 -2.55
C6 ATP CB . -4.30 -49.33 -2.78
N6 ATP CB . -5.53 -49.00 -3.18
N1 ATP CB . -3.91 -50.61 -2.61
C2 ATP CB . -2.66 -50.96 -2.22
N3 ATP CB . -1.71 -50.05 -1.97
C4 ATP CB . -1.98 -48.70 -2.11
C1 OXL DB . 1.33 -36.95 -6.97
C2 OXL DB . -0.04 -37.51 -7.01
O1 OXL DB . 1.72 -36.10 -6.09
O2 OXL DB . -0.92 -37.37 -6.11
O3 OXL DB . 2.06 -37.38 -7.90
O4 OXL DB . -0.31 -38.13 -8.07
C1 EDO EB . -10.12 -8.12 6.56
O1 EDO EB . -9.41 -7.84 7.76
C2 EDO EB . -11.34 -7.20 6.56
O2 EDO EB . -11.13 -6.13 5.66
C1 EDO FB . -0.12 -51.61 -4.49
O1 EDO FB . -0.18 -51.74 -5.94
C2 EDO FB . 1.23 -51.92 -3.81
O2 EDO FB . 2.20 -50.87 -4.05
C1 EDO GB . -13.03 -20.68 -3.25
O1 EDO GB . -12.56 -20.61 -1.89
C2 EDO GB . -12.36 -21.88 -3.92
O2 EDO GB . -12.24 -22.99 -3.03
C1 EDO HB . -12.81 -28.83 16.45
O1 EDO HB . -11.49 -29.07 16.94
C2 EDO HB . -12.68 -27.60 15.59
O2 EDO HB . -12.04 -28.00 14.39
C1 EDO IB . -19.41 -54.73 7.99
O1 EDO IB . -18.18 -54.18 8.48
C2 EDO IB . -20.37 -54.93 9.15
O2 EDO IB . -21.68 -54.84 8.61
C1 EDO JB . -6.44 -51.59 8.55
O1 EDO JB . -7.79 -51.17 8.25
C2 EDO JB . -6.51 -52.50 9.75
O2 EDO JB . -7.31 -51.81 10.71
C1 EDO KB . -27.83 -36.81 -3.72
O1 EDO KB . -27.64 -35.47 -4.20
C2 EDO KB . -26.93 -37.78 -4.45
O2 EDO KB . -26.30 -38.62 -3.50
C1 EDO LB . 5.97 -40.17 -18.92
O1 EDO LB . 5.65 -38.83 -19.33
C2 EDO LB . 6.55 -40.11 -17.52
O2 EDO LB . 7.61 -39.15 -17.49
C1 PEG MB . -15.04 -55.77 7.35
O1 PEG MB . -16.06 -55.76 6.35
C2 PEG MB . -14.67 -54.31 7.60
O2 PEG MB . -14.32 -54.11 8.96
C3 PEG MB . -15.44 -53.95 9.87
C4 PEG MB . -15.07 -53.80 11.36
O4 PEG MB . -14.13 -52.73 11.63
CL CL NB . 21.18 -45.47 -2.73
#